data_5G3O
#
_entry.id   5G3O
#
_cell.length_a   142.689
_cell.length_b   149.754
_cell.length_c   97.220
_cell.angle_alpha   90.00
_cell.angle_beta   98.68
_cell.angle_gamma   90.00
#
_symmetry.space_group_name_H-M   'C 1 2 1'
#
loop_
_entity.id
_entity.type
_entity.pdbx_description
1 polymer FORMAMIDASE
2 non-polymer DI(HYDROXYETHYL)ETHER
3 non-polymer 'TETRAETHYLENE GLYCOL'
4 non-polymer 'PHOSPHATE ION'
5 non-polymer 1-ETHOXY-2-(2-ETHOXYETHOXY)ETHANE
6 water water
#
_entity_poly.entity_id   1
_entity_poly.type   'polypeptide(L)'
_entity_poly.pdbx_seq_one_letter_code
;MGSSGSMVKPISGFLTALIQYPVPVVESRADIDKQIQQIIKTIHSTKSGYPGLELIVFPEYSTQGLNTKKWTTEEFLCTV
PGPETDLFAEACKESKVYGVFSIMEKNPDGGEPYNTAVIIDPQGEMILKYRKLNPWVPVEPWKAGDLGLPVCDGPGGSKL
AVCI(QCS)HDGMFPEVAREAAYKGANVLIRISGYSTQVSEQWMLTNRSNAWQNLMYTLSVNLAGYDGVFYYFGEGQVCN
FDGTTLVQGHRNPWEIVTAEVYPELADQARLGWGLENNIYNLGSRGYVATPGGVKENPYTFVKDLAEGKYKVPWEDEIKV
KDGSIYGYPVKKTIHSWFRVDPLEHHHHHH
;
_entity_poly.pdbx_strand_id   A,B,C,D,E,F
#
loop_
_chem_comp.id
_chem_comp.type
_chem_comp.name
_chem_comp.formula
P4G non-polymer 1-ETHOXY-2-(2-ETHOXYETHOXY)ETHANE 'C8 H18 O3'
PEG non-polymer DI(HYDROXYETHYL)ETHER 'C4 H10 O3'
PG4 non-polymer 'TETRAETHYLENE GLYCOL' 'C8 H18 O5'
PO4 non-polymer 'PHOSPHATE ION' 'O4 P -3'
#
# COMPACT_ATOMS: atom_id res chain seq x y z
N SER A 12 -17.76 -23.70 -12.95
CA SER A 12 -17.19 -22.95 -14.07
C SER A 12 -15.81 -22.40 -13.72
N GLY A 13 -15.18 -22.96 -12.69
CA GLY A 13 -13.84 -22.59 -12.31
C GLY A 13 -13.14 -23.79 -11.69
N PHE A 14 -11.87 -23.59 -11.34
CA PHE A 14 -11.10 -24.65 -10.69
C PHE A 14 -10.20 -24.04 -9.62
N LEU A 15 -9.85 -24.86 -8.65
CA LEU A 15 -9.02 -24.47 -7.53
C LEU A 15 -7.57 -24.87 -7.80
N THR A 16 -6.65 -23.92 -7.67
CA THR A 16 -5.23 -24.17 -7.85
C THR A 16 -4.49 -23.95 -6.55
N ALA A 17 -3.38 -24.66 -6.39
CA ALA A 17 -2.49 -24.49 -5.23
C ALA A 17 -1.07 -24.32 -5.75
N LEU A 18 -0.44 -23.20 -5.37
CA LEU A 18 0.94 -22.92 -5.73
C LEU A 18 1.83 -23.18 -4.51
N ILE A 19 2.84 -24.01 -4.70
CA ILE A 19 3.69 -24.48 -3.60
C ILE A 19 4.99 -23.70 -3.62
N GLN A 20 5.23 -22.92 -2.56
CA GLN A 20 6.52 -22.22 -2.39
C GLN A 20 7.53 -23.23 -1.83
N TYR A 21 7.93 -24.14 -2.71
CA TYR A 21 8.72 -25.29 -2.31
C TYR A 21 10.08 -24.83 -1.77
N PRO A 22 10.60 -25.46 -0.71
CA PRO A 22 11.93 -25.06 -0.20
C PRO A 22 13.01 -25.38 -1.22
N VAL A 23 13.92 -24.43 -1.44
CA VAL A 23 15.00 -24.65 -2.40
C VAL A 23 15.80 -25.88 -1.97
N PRO A 24 15.94 -26.88 -2.81
CA PRO A 24 16.73 -28.06 -2.43
C PRO A 24 18.21 -27.76 -2.36
N VAL A 25 18.87 -28.37 -1.37
CA VAL A 25 20.32 -28.46 -1.32
C VAL A 25 20.67 -29.90 -1.72
N VAL A 26 21.19 -30.06 -2.93
CA VAL A 26 21.36 -31.36 -3.56
C VAL A 26 22.83 -31.56 -3.87
N GLU A 27 23.40 -32.65 -3.39
CA GLU A 27 24.78 -33.01 -3.68
C GLU A 27 24.93 -34.40 -4.27
N SER A 28 23.84 -35.13 -4.48
CA SER A 28 23.92 -36.45 -5.11
C SER A 28 22.53 -36.88 -5.57
N ARG A 29 22.50 -37.98 -6.31
N ARG A 29 22.52 -37.98 -6.32
CA ARG A 29 21.24 -38.48 -6.84
CA ARG A 29 21.27 -38.53 -6.83
C ARG A 29 20.27 -38.84 -5.71
C ARG A 29 20.29 -38.81 -5.71
N ALA A 30 20.78 -39.29 -4.57
CA ALA A 30 19.90 -39.63 -3.46
C ALA A 30 19.12 -38.42 -2.97
N ASP A 31 19.75 -37.24 -3.00
CA ASP A 31 19.05 -36.01 -2.63
C ASP A 31 17.96 -35.66 -3.64
N ILE A 32 18.18 -35.97 -4.92
CA ILE A 32 17.13 -35.77 -5.92
C ILE A 32 15.96 -36.70 -5.64
N ASP A 33 16.24 -37.99 -5.41
CA ASP A 33 15.19 -38.91 -5.01
C ASP A 33 14.45 -38.38 -3.79
N LYS A 34 15.18 -37.77 -2.86
N LYS A 34 15.18 -37.76 -2.86
CA LYS A 34 14.55 -37.19 -1.67
CA LYS A 34 14.54 -37.21 -1.67
C LYS A 34 13.53 -36.13 -2.05
C LYS A 34 13.51 -36.13 -2.04
N GLN A 35 13.87 -35.26 -2.99
CA GLN A 35 12.93 -34.21 -3.42
C GLN A 35 11.70 -34.82 -4.08
N ILE A 36 11.90 -35.87 -4.88
CA ILE A 36 10.77 -36.53 -5.54
C ILE A 36 9.77 -37.02 -4.50
N GLN A 37 10.26 -37.66 -3.43
CA GLN A 37 9.38 -38.14 -2.39
C GLN A 37 8.62 -37.01 -1.71
N GLN A 38 9.32 -35.93 -1.37
CA GLN A 38 8.65 -34.80 -0.73
C GLN A 38 7.60 -34.19 -1.66
N ILE A 39 7.94 -34.02 -2.94
CA ILE A 39 6.99 -33.49 -3.92
C ILE A 39 5.75 -34.39 -3.99
N ILE A 40 5.97 -35.70 -4.15
CA ILE A 40 4.86 -36.64 -4.23
C ILE A 40 4.01 -36.55 -2.97
N LYS A 41 4.66 -36.49 -1.81
CA LYS A 41 3.92 -36.40 -0.57
C LYS A 41 3.18 -35.07 -0.46
N THR A 42 3.77 -34.00 -1.00
CA THR A 42 3.08 -32.71 -0.99
C THR A 42 1.82 -32.76 -1.85
N ILE A 43 1.87 -33.46 -2.98
CA ILE A 43 0.68 -33.63 -3.81
C ILE A 43 -0.45 -34.24 -2.99
N HIS A 44 -0.18 -35.36 -2.33
CA HIS A 44 -1.21 -36.06 -1.58
C HIS A 44 -1.71 -35.22 -0.41
N SER A 45 -0.79 -34.60 0.34
CA SER A 45 -1.20 -33.86 1.53
C SER A 45 -2.01 -32.62 1.16
N THR A 46 -1.59 -31.91 0.10
CA THR A 46 -2.31 -30.70 -0.29
C THR A 46 -3.70 -31.03 -0.83
N LYS A 47 -3.82 -32.13 -1.57
CA LYS A 47 -5.14 -32.58 -2.00
C LYS A 47 -6.01 -32.96 -0.81
N SER A 48 -5.41 -33.60 0.20
CA SER A 48 -6.17 -33.92 1.42
C SER A 48 -6.66 -32.64 2.10
N GLY A 49 -5.82 -31.60 2.12
CA GLY A 49 -6.20 -30.36 2.78
C GLY A 49 -7.17 -29.53 1.97
N TYR A 50 -7.06 -29.56 0.64
CA TYR A 50 -7.93 -28.81 -0.26
C TYR A 50 -8.63 -29.80 -1.19
N PRO A 51 -9.71 -30.44 -0.73
CA PRO A 51 -10.32 -31.51 -1.53
C PRO A 51 -10.82 -31.08 -2.89
N GLY A 52 -11.04 -29.79 -3.13
CA GLY A 52 -11.44 -29.33 -4.44
C GLY A 52 -10.30 -29.03 -5.38
N LEU A 53 -9.06 -29.24 -4.93
CA LEU A 53 -7.89 -28.92 -5.73
C LEU A 53 -7.89 -29.68 -7.05
N GLU A 54 -7.54 -28.98 -8.13
CA GLU A 54 -7.38 -29.60 -9.45
C GLU A 54 -6.05 -29.30 -10.13
N LEU A 55 -5.29 -28.30 -9.67
CA LEU A 55 -4.02 -27.94 -10.29
C LEU A 55 -3.03 -27.53 -9.21
N ILE A 56 -1.95 -28.29 -9.07
CA ILE A 56 -0.90 -28.03 -8.11
C ILE A 56 0.39 -27.74 -8.88
N VAL A 57 1.09 -26.67 -8.49
CA VAL A 57 2.21 -26.14 -9.25
C VAL A 57 3.44 -26.11 -8.34
N PHE A 58 4.52 -26.75 -8.80
CA PHE A 58 5.80 -26.71 -8.09
C PHE A 58 6.79 -25.84 -8.85
N PRO A 59 7.74 -25.21 -8.16
CA PRO A 59 8.63 -24.24 -8.83
C PRO A 59 9.75 -24.92 -9.62
N GLU A 60 10.40 -24.10 -10.44
CA GLU A 60 11.62 -24.50 -11.13
C GLU A 60 12.66 -25.00 -10.14
N TYR A 61 13.41 -26.02 -10.55
CA TYR A 61 14.48 -26.63 -9.76
C TYR A 61 13.99 -27.30 -8.49
N SER A 62 12.68 -27.51 -8.35
CA SER A 62 12.18 -28.15 -7.13
C SER A 62 12.58 -29.62 -7.03
N THR A 63 12.88 -30.25 -8.16
CA THR A 63 13.29 -31.66 -8.14
C THR A 63 14.78 -31.84 -7.93
N GLN A 64 15.62 -30.98 -8.52
CA GLN A 64 17.06 -31.20 -8.54
C GLN A 64 17.89 -30.09 -7.90
N GLY A 65 17.29 -28.96 -7.51
CA GLY A 65 18.06 -27.91 -6.89
C GLY A 65 18.93 -27.13 -7.87
N LEU A 66 19.84 -26.33 -7.30
CA LEU A 66 20.72 -25.45 -8.07
C LEU A 66 22.17 -25.62 -7.62
N ASN A 67 22.67 -26.85 -7.67
CA ASN A 67 24.08 -27.12 -7.40
C ASN A 67 24.85 -26.80 -8.69
N THR A 68 25.33 -25.57 -8.80
CA THR A 68 25.92 -25.10 -10.04
C THR A 68 27.19 -25.84 -10.41
N LYS A 69 27.79 -26.57 -9.47
CA LYS A 69 28.99 -27.35 -9.77
C LYS A 69 28.69 -28.75 -10.27
N LYS A 70 27.42 -29.17 -10.25
CA LYS A 70 27.06 -30.53 -10.62
C LYS A 70 25.79 -30.63 -11.46
N TRP A 71 25.06 -29.55 -11.69
CA TRP A 71 23.71 -29.66 -12.24
C TRP A 71 23.68 -29.98 -13.73
N THR A 72 24.83 -30.11 -14.40
CA THR A 72 24.87 -30.62 -15.76
C THR A 72 25.50 -32.00 -15.84
N THR A 73 26.00 -32.55 -14.73
CA THR A 73 26.51 -33.90 -14.73
C THR A 73 25.36 -34.89 -14.96
N GLU A 74 25.72 -36.07 -15.47
CA GLU A 74 24.70 -37.06 -15.77
C GLU A 74 23.94 -37.48 -14.53
N GLU A 75 24.61 -37.51 -13.37
N GLU A 75 24.61 -37.53 -13.38
CA GLU A 75 23.96 -37.93 -12.14
CA GLU A 75 23.94 -37.93 -12.14
C GLU A 75 22.88 -36.97 -11.68
C GLU A 75 22.79 -37.00 -11.81
N PHE A 76 22.88 -35.74 -12.19
CA PHE A 76 21.90 -34.73 -11.79
C PHE A 76 20.81 -34.51 -12.84
N LEU A 77 20.85 -35.22 -13.96
CA LEU A 77 19.88 -35.03 -15.04
C LEU A 77 18.97 -36.24 -15.16
N CYS A 78 17.80 -35.99 -15.75
CA CYS A 78 16.79 -37.02 -15.97
C CYS A 78 16.30 -36.96 -17.41
N THR A 79 15.66 -38.05 -17.84
CA THR A 79 14.96 -38.05 -19.12
C THR A 79 13.51 -37.66 -18.90
N VAL A 80 12.92 -37.04 -19.91
CA VAL A 80 11.52 -36.64 -19.86
C VAL A 80 10.80 -37.17 -21.10
N PRO A 81 9.85 -38.11 -20.92
CA PRO A 81 9.47 -38.73 -19.64
C PRO A 81 10.55 -39.68 -19.13
N GLY A 82 10.45 -40.04 -17.85
CA GLY A 82 11.37 -40.99 -17.24
C GLY A 82 10.80 -41.52 -15.96
N PRO A 83 11.59 -42.33 -15.24
CA PRO A 83 11.10 -42.87 -13.97
C PRO A 83 10.66 -41.81 -12.99
N GLU A 84 11.28 -40.64 -13.03
CA GLU A 84 10.94 -39.58 -12.09
C GLU A 84 9.58 -38.99 -12.40
N THR A 85 9.32 -38.67 -13.68
CA THR A 85 7.99 -38.16 -14.04
C THR A 85 6.94 -39.25 -13.94
N ASP A 86 7.33 -40.52 -14.11
CA ASP A 86 6.37 -41.61 -13.88
C ASP A 86 5.89 -41.61 -12.44
N LEU A 87 6.80 -41.35 -11.49
CA LEU A 87 6.38 -41.27 -10.09
C LEU A 87 5.50 -40.05 -9.85
N PHE A 88 5.85 -38.91 -10.42
CA PHE A 88 4.96 -37.75 -10.38
C PHE A 88 3.60 -38.09 -10.99
N ALA A 89 3.60 -38.80 -12.12
CA ALA A 89 2.35 -39.11 -12.79
C ALA A 89 1.46 -40.00 -11.93
N GLU A 90 2.04 -41.03 -11.30
N GLU A 90 2.05 -41.04 -11.31
CA GLU A 90 1.25 -41.90 -10.44
CA GLU A 90 1.27 -41.90 -10.44
C GLU A 90 0.61 -41.12 -9.31
C GLU A 90 0.62 -41.11 -9.32
N ALA A 91 1.35 -40.17 -8.72
CA ALA A 91 0.78 -39.36 -7.65
C ALA A 91 -0.38 -38.50 -8.17
N CYS A 92 -0.21 -37.90 -9.35
CA CYS A 92 -1.29 -37.12 -9.93
C CYS A 92 -2.52 -37.98 -10.17
N LYS A 93 -2.32 -39.22 -10.62
CA LYS A 93 -3.45 -40.13 -10.84
C LYS A 93 -4.11 -40.48 -9.51
N GLU A 94 -3.33 -40.81 -8.49
CA GLU A 94 -3.90 -41.24 -7.21
C GLU A 94 -4.66 -40.10 -6.52
N SER A 95 -4.16 -38.86 -6.65
CA SER A 95 -4.83 -37.72 -6.05
C SER A 95 -5.80 -37.02 -6.99
N LYS A 96 -5.84 -37.43 -8.27
CA LYS A 96 -6.76 -36.85 -9.25
C LYS A 96 -6.58 -35.33 -9.34
N VAL A 97 -5.37 -34.93 -9.72
CA VAL A 97 -5.05 -33.53 -9.91
C VAL A 97 -4.16 -33.38 -11.13
N TYR A 98 -4.21 -32.19 -11.74
CA TYR A 98 -3.17 -31.77 -12.66
C TYR A 98 -1.96 -31.31 -11.86
N GLY A 99 -0.78 -31.69 -12.32
CA GLY A 99 0.46 -31.31 -11.65
C GLY A 99 1.44 -30.70 -12.62
N VAL A 100 2.17 -29.69 -12.13
CA VAL A 100 3.19 -28.99 -12.91
C VAL A 100 4.53 -29.21 -12.21
N PHE A 101 5.51 -29.73 -12.94
CA PHE A 101 6.78 -30.16 -12.36
C PHE A 101 7.95 -29.65 -13.18
N SER A 102 9.09 -29.55 -12.51
CA SER A 102 10.34 -29.07 -13.10
C SER A 102 11.35 -30.22 -13.14
N ILE A 103 11.93 -30.45 -14.31
CA ILE A 103 12.98 -31.45 -14.48
C ILE A 103 14.08 -30.85 -15.35
N MET A 104 15.31 -30.88 -14.85
CA MET A 104 16.47 -30.59 -15.68
C MET A 104 16.72 -31.81 -16.55
N GLU A 105 16.55 -31.66 -17.86
CA GLU A 105 16.42 -32.78 -18.78
C GLU A 105 17.74 -33.05 -19.50
N LYS A 106 18.16 -34.31 -19.48
CA LYS A 106 19.31 -34.73 -20.26
C LYS A 106 19.03 -34.51 -21.74
N ASN A 107 19.98 -33.88 -22.42
CA ASN A 107 19.84 -33.64 -23.86
C ASN A 107 20.01 -34.95 -24.61
N PRO A 108 19.00 -35.41 -25.36
CA PRO A 108 19.15 -36.71 -26.04
C PRO A 108 20.34 -36.81 -26.98
N ASP A 109 20.87 -35.71 -27.49
CA ASP A 109 22.02 -35.76 -28.38
C ASP A 109 23.34 -35.53 -27.64
N GLY A 110 23.32 -35.51 -26.32
CA GLY A 110 24.54 -35.36 -25.54
C GLY A 110 25.01 -33.94 -25.38
N GLY A 111 24.27 -32.94 -25.85
CA GLY A 111 24.64 -31.56 -25.70
C GLY A 111 24.26 -31.02 -24.34
N GLU A 112 24.21 -29.70 -24.23
CA GLU A 112 23.84 -29.08 -22.98
C GLU A 112 22.41 -29.45 -22.60
N PRO A 113 22.13 -29.68 -21.32
CA PRO A 113 20.78 -30.11 -20.93
C PRO A 113 19.74 -29.02 -21.13
N TYR A 114 18.49 -29.46 -21.08
CA TYR A 114 17.34 -28.56 -21.15
C TYR A 114 16.79 -28.29 -19.76
N ASN A 115 16.20 -27.11 -19.59
CA ASN A 115 15.43 -26.77 -18.41
C ASN A 115 13.96 -26.95 -18.78
N THR A 116 13.33 -27.98 -18.24
CA THR A 116 12.07 -28.49 -18.76
C THR A 116 10.97 -28.45 -17.71
N ALA A 117 9.74 -28.23 -18.19
CA ALA A 117 8.53 -28.24 -17.38
C ALA A 117 7.51 -29.14 -18.04
N VAL A 118 6.75 -29.88 -17.24
CA VAL A 118 5.73 -30.78 -17.73
C VAL A 118 4.44 -30.57 -16.96
N ILE A 119 3.32 -30.86 -17.60
CA ILE A 119 2.01 -30.91 -16.97
C ILE A 119 1.49 -32.33 -17.11
N ILE A 120 1.01 -32.90 -16.01
CA ILE A 120 0.43 -34.23 -15.98
C ILE A 120 -1.00 -34.10 -15.51
N ASP A 121 -1.91 -34.83 -16.17
CA ASP A 121 -3.34 -34.69 -15.90
C ASP A 121 -3.77 -35.71 -14.85
N PRO A 122 -5.02 -35.63 -14.39
CA PRO A 122 -5.47 -36.52 -13.30
C PRO A 122 -5.46 -38.00 -13.63
N GLN A 123 -5.20 -38.39 -14.87
CA GLN A 123 -5.07 -39.81 -15.21
C GLN A 123 -3.62 -40.22 -15.39
N GLY A 124 -2.67 -39.36 -15.02
CA GLY A 124 -1.26 -39.69 -15.09
C GLY A 124 -0.62 -39.54 -16.45
N GLU A 125 -1.28 -38.87 -17.39
N GLU A 125 -1.27 -38.87 -17.39
CA GLU A 125 -0.74 -38.66 -18.71
CA GLU A 125 -0.74 -38.68 -18.72
C GLU A 125 -0.01 -37.32 -18.79
C GLU A 125 -0.04 -37.32 -18.82
N MET A 126 1.14 -37.31 -19.45
CA MET A 126 1.90 -36.09 -19.66
C MET A 126 1.28 -35.37 -20.86
N ILE A 127 0.53 -34.30 -20.59
CA ILE A 127 -0.20 -33.58 -21.64
C ILE A 127 0.55 -32.36 -22.16
N LEU A 128 1.68 -32.00 -21.55
CA LEU A 128 2.45 -30.85 -22.01
C LEU A 128 3.90 -31.01 -21.60
N LYS A 129 4.81 -30.77 -22.55
CA LYS A 129 6.25 -30.74 -22.27
C LYS A 129 6.81 -29.46 -22.86
N TYR A 130 7.55 -28.71 -22.05
CA TYR A 130 8.06 -27.42 -22.45
C TYR A 130 9.51 -27.28 -21.99
N ARG A 131 10.35 -26.73 -22.86
CA ARG A 131 11.75 -26.49 -22.57
C ARG A 131 12.01 -24.98 -22.55
N LYS A 132 12.63 -24.51 -21.47
CA LYS A 132 12.87 -23.09 -21.25
C LYS A 132 13.42 -22.41 -22.50
N LEU A 133 12.70 -21.39 -22.97
CA LEU A 133 13.13 -20.69 -24.18
C LEU A 133 14.20 -19.65 -23.92
N ASN A 134 14.26 -19.10 -22.71
CA ASN A 134 15.16 -17.99 -22.39
C ASN A 134 15.99 -18.32 -21.15
N PRO A 135 17.00 -19.18 -21.29
N PRO A 135 17.04 -19.12 -21.31
CA PRO A 135 17.85 -19.49 -20.13
CA PRO A 135 17.81 -19.56 -20.12
C PRO A 135 18.46 -18.22 -19.55
C PRO A 135 18.68 -18.49 -19.48
N TRP A 136 18.38 -18.11 -18.22
N TRP A 136 19.04 -17.43 -20.19
CA TRP A 136 18.84 -16.92 -17.51
CA TRP A 136 20.00 -16.46 -19.68
C TRP A 136 20.36 -16.83 -17.61
C TRP A 136 21.38 -17.12 -19.55
N VAL A 137 20.82 -16.27 -18.72
N VAL A 137 22.32 -16.69 -20.38
CA VAL A 137 22.25 -16.12 -18.98
CA VAL A 137 23.57 -17.43 -20.62
C VAL A 137 22.84 -14.99 -18.14
C VAL A 137 24.59 -17.21 -19.50
N PRO A 138 24.15 -15.04 -17.85
N PRO A 138 24.85 -15.97 -19.07
CA PRO A 138 25.11 -16.08 -18.23
CA PRO A 138 25.97 -15.75 -18.14
C PRO A 138 25.27 -17.19 -17.19
C PRO A 138 26.02 -16.69 -16.95
N VAL A 139 24.50 -17.12 -16.10
N VAL A 139 24.88 -17.23 -16.50
CA VAL A 139 24.70 -18.05 -14.99
CA VAL A 139 24.87 -18.10 -15.34
C VAL A 139 24.09 -19.42 -15.26
C VAL A 139 24.32 -19.47 -15.71
N GLU A 140 23.08 -19.52 -16.18
CA GLU A 140 22.45 -20.79 -16.46
C GLU A 140 23.08 -21.46 -17.66
N PRO A 141 23.29 -22.78 -17.62
CA PRO A 141 23.93 -23.50 -18.74
C PRO A 141 22.96 -24.17 -19.71
N TRP A 142 21.65 -24.00 -19.53
CA TRP A 142 20.68 -24.79 -20.26
C TRP A 142 20.61 -24.36 -21.72
N LYS A 143 20.40 -25.33 -22.60
CA LYS A 143 20.16 -25.04 -24.00
C LYS A 143 18.80 -24.38 -24.18
N ALA A 144 18.73 -23.42 -25.09
CA ALA A 144 17.45 -22.76 -25.37
C ALA A 144 16.45 -23.77 -25.89
N GLY A 145 15.22 -23.69 -25.40
CA GLY A 145 14.21 -24.67 -25.74
C GLY A 145 13.91 -24.69 -27.23
N ASP A 146 13.55 -25.87 -27.72
CA ASP A 146 13.27 -26.10 -29.14
C ASP A 146 11.88 -26.68 -29.37
N LEU A 147 10.97 -26.56 -28.40
CA LEU A 147 9.62 -27.06 -28.52
C LEU A 147 8.59 -25.94 -28.67
N GLY A 148 9.04 -24.70 -28.88
CA GLY A 148 8.10 -23.61 -28.88
C GLY A 148 7.45 -23.48 -27.52
N LEU A 149 6.26 -22.88 -27.53
CA LEU A 149 5.48 -22.69 -26.30
C LEU A 149 4.16 -23.43 -26.44
N PRO A 150 4.06 -24.67 -25.94
CA PRO A 150 2.85 -25.45 -26.16
C PRO A 150 1.72 -25.05 -25.23
N VAL A 151 0.51 -25.44 -25.63
CA VAL A 151 -0.71 -25.21 -24.87
C VAL A 151 -1.47 -26.52 -24.82
N CYS A 152 -2.11 -26.78 -23.68
CA CYS A 152 -2.90 -27.98 -23.48
C CYS A 152 -4.23 -27.63 -22.82
N ASP A 153 -5.15 -28.58 -22.83
CA ASP A 153 -6.40 -28.43 -22.09
C ASP A 153 -6.19 -28.75 -20.62
N GLY A 154 -6.88 -27.99 -19.76
CA GLY A 154 -6.72 -28.15 -18.34
C GLY A 154 -8.06 -28.25 -17.63
N PRO A 155 -8.05 -28.08 -16.31
CA PRO A 155 -9.28 -28.18 -15.54
C PRO A 155 -10.20 -26.99 -15.75
N GLY A 156 -11.49 -27.21 -15.50
CA GLY A 156 -12.46 -26.12 -15.48
C GLY A 156 -12.47 -25.27 -16.73
N GLY A 157 -12.31 -25.90 -17.89
CA GLY A 157 -12.35 -25.16 -19.14
C GLY A 157 -11.14 -24.33 -19.43
N SER A 158 -10.02 -24.60 -18.77
CA SER A 158 -8.81 -23.81 -18.98
C SER A 158 -8.04 -24.31 -20.20
N LYS A 159 -7.26 -23.40 -20.78
CA LYS A 159 -6.22 -23.73 -21.75
C LYS A 159 -4.90 -23.33 -21.11
N LEU A 160 -4.08 -24.31 -20.76
CA LEU A 160 -2.89 -24.09 -19.96
C LEU A 160 -1.65 -23.93 -20.83
N ALA A 161 -0.80 -22.98 -20.45
CA ALA A 161 0.56 -22.88 -20.94
C ALA A 161 1.48 -22.68 -19.75
N VAL A 162 2.70 -23.19 -19.86
CA VAL A 162 3.70 -23.03 -18.81
C VAL A 162 4.92 -22.37 -19.41
N CYS A 163 5.53 -21.48 -18.63
CA CYS A 163 6.82 -20.88 -18.94
C CYS A 163 7.69 -20.95 -17.71
N ILE A 164 8.97 -20.64 -17.87
CA ILE A 164 9.94 -20.85 -16.81
C ILE A 164 10.80 -19.61 -16.50
N QCS A 165 10.65 -19.11 -15.28
N QCS A 165 10.70 -19.12 -15.27
CA QCS A 165 11.52 -18.13 -14.70
CA QCS A 165 11.64 -18.20 -14.72
CB QCS A 165 12.79 -18.88 -14.33
CB QCS A 165 12.94 -18.96 -14.61
SG QCS A 165 13.67 -18.08 -13.01
SG QCS A 165 14.25 -17.88 -14.09
CD QCS A 165 15.37 -18.53 -13.14
CD QCS A 165 14.80 -18.41 -12.50
NE2 QCS A 165 16.18 -18.63 -11.97
NE2 QCS A 165 15.75 -19.45 -12.38
OE1 QCS A 165 15.86 -18.75 -14.23
OE1 QCS A 165 14.34 -17.88 -11.51
C QCS A 165 11.75 -16.92 -15.60
C QCS A 165 11.81 -16.95 -15.58
O QCS A 165 10.85 -16.05 -15.71
O QCS A 165 10.92 -16.06 -15.58
N HIS A 166 12.91 -16.83 -16.24
N HIS A 166 12.94 -16.86 -16.28
CA HIS A 166 13.26 -15.69 -17.08
CA HIS A 166 13.24 -15.67 -17.07
C HIS A 166 12.26 -15.48 -18.21
C HIS A 166 12.24 -15.48 -18.20
N ASP A 167 11.59 -16.56 -18.62
CA ASP A 167 10.61 -16.47 -19.69
C ASP A 167 9.58 -15.37 -19.42
N GLY A 168 9.10 -15.29 -18.18
CA GLY A 168 8.01 -14.36 -17.85
C GLY A 168 8.40 -12.90 -17.89
N MET A 169 9.70 -12.60 -17.98
CA MET A 169 10.12 -11.21 -18.14
C MET A 169 9.99 -10.73 -19.58
N PHE A 170 9.88 -11.65 -20.54
CA PHE A 170 9.71 -11.30 -21.94
C PHE A 170 8.23 -11.25 -22.26
N PRO A 171 7.64 -10.09 -22.54
CA PRO A 171 6.21 -10.07 -22.88
C PRO A 171 5.86 -10.93 -24.08
N GLU A 172 6.83 -11.25 -24.93
CA GLU A 172 6.56 -12.10 -26.08
C GLU A 172 6.13 -13.50 -25.65
N VAL A 173 6.59 -13.95 -24.48
CA VAL A 173 6.21 -15.28 -23.99
C VAL A 173 4.74 -15.32 -23.64
N ALA A 174 4.29 -14.40 -22.78
CA ALA A 174 2.87 -14.35 -22.43
C ALA A 174 2.02 -14.11 -23.67
N ARG A 175 2.53 -13.29 -24.60
CA ARG A 175 1.80 -13.03 -25.84
C ARG A 175 1.65 -14.30 -26.67
N GLU A 176 2.71 -15.11 -26.75
CA GLU A 176 2.64 -16.34 -27.52
C GLU A 176 1.66 -17.33 -26.90
N ALA A 177 1.65 -17.43 -25.57
CA ALA A 177 0.72 -18.33 -24.90
C ALA A 177 -0.72 -18.00 -25.25
N ALA A 178 -1.09 -16.73 -25.12
CA ALA A 178 -2.46 -16.33 -25.44
C ALA A 178 -2.75 -16.51 -26.92
N TYR A 179 -1.77 -16.21 -27.78
CA TYR A 179 -1.98 -16.32 -29.21
C TYR A 179 -2.33 -17.75 -29.61
N LYS A 180 -1.83 -18.74 -28.86
CA LYS A 180 -2.11 -20.14 -29.13
C LYS A 180 -3.33 -20.65 -28.35
N GLY A 181 -4.07 -19.76 -27.69
CA GLY A 181 -5.33 -20.11 -27.08
C GLY A 181 -5.32 -20.25 -25.58
N ALA A 182 -4.17 -20.11 -24.94
CA ALA A 182 -4.11 -20.24 -23.48
C ALA A 182 -4.88 -19.10 -22.82
N ASN A 183 -5.71 -19.44 -21.84
CA ASN A 183 -6.34 -18.45 -20.97
C ASN A 183 -5.80 -18.52 -19.54
N VAL A 184 -4.82 -19.39 -19.29
CA VAL A 184 -4.13 -19.48 -18.01
C VAL A 184 -2.65 -19.71 -18.30
N LEU A 185 -1.79 -18.82 -17.81
CA LEU A 185 -0.34 -18.96 -17.97
C LEU A 185 0.28 -19.32 -16.64
N ILE A 186 1.05 -20.41 -16.62
CA ILE A 186 1.72 -20.88 -15.42
C ILE A 186 3.20 -20.53 -15.52
N ARG A 187 3.75 -19.94 -14.46
CA ARG A 187 5.14 -19.52 -14.41
C ARG A 187 5.79 -20.14 -13.18
N ILE A 188 6.73 -21.06 -13.40
CA ILE A 188 7.49 -21.70 -12.33
C ILE A 188 8.90 -21.13 -12.37
N SER A 189 9.44 -20.80 -11.21
N SER A 189 9.44 -20.78 -11.21
CA SER A 189 10.60 -19.94 -11.12
CA SER A 189 10.64 -19.97 -11.17
C SER A 189 11.52 -20.37 -9.99
C SER A 189 11.52 -20.38 -10.00
N GLY A 190 12.78 -19.99 -10.11
CA GLY A 190 13.77 -20.21 -9.07
C GLY A 190 14.65 -18.98 -8.93
N TYR A 191 14.01 -17.82 -8.87
CA TYR A 191 14.70 -16.54 -8.77
C TYR A 191 15.21 -16.29 -7.36
N SER A 192 16.27 -15.47 -7.26
CA SER A 192 16.69 -14.92 -5.98
C SER A 192 15.92 -13.64 -5.68
N THR A 193 16.09 -13.14 -4.45
CA THR A 193 15.30 -12.00 -3.99
C THR A 193 15.52 -10.73 -4.82
N GLN A 194 16.54 -10.70 -5.68
CA GLN A 194 16.87 -9.46 -6.39
C GLN A 194 15.76 -9.00 -7.32
N VAL A 195 14.94 -9.92 -7.84
CA VAL A 195 13.94 -9.56 -8.84
C VAL A 195 12.53 -9.77 -8.32
N SER A 196 12.35 -9.70 -6.99
CA SER A 196 11.02 -9.87 -6.41
C SER A 196 10.04 -8.85 -6.96
N GLU A 197 10.44 -7.57 -6.98
CA GLU A 197 9.53 -6.53 -7.47
C GLU A 197 9.18 -6.75 -8.93
N GLN A 198 10.19 -6.99 -9.77
CA GLN A 198 9.95 -7.18 -11.20
C GLN A 198 9.15 -8.45 -11.44
N TRP A 199 9.30 -9.44 -10.56
CA TRP A 199 8.51 -10.66 -10.63
C TRP A 199 7.02 -10.36 -10.50
N MET A 200 6.64 -9.61 -9.46
N MET A 200 6.65 -9.60 -9.47
CA MET A 200 5.25 -9.25 -9.27
CA MET A 200 5.23 -9.27 -9.29
C MET A 200 4.74 -8.42 -10.43
C MET A 200 4.72 -8.39 -10.42
N LEU A 201 5.56 -7.46 -10.90
CA LEU A 201 5.13 -6.54 -11.94
C LEU A 201 4.78 -7.28 -13.22
N THR A 202 5.67 -8.17 -13.67
CA THR A 202 5.47 -8.82 -14.96
C THR A 202 4.37 -9.86 -14.90
N ASN A 203 4.19 -10.52 -13.75
CA ASN A 203 3.06 -11.43 -13.60
C ASN A 203 1.75 -10.70 -13.80
N ARG A 204 1.66 -9.44 -13.38
CA ARG A 204 0.45 -8.65 -13.57
C ARG A 204 0.30 -8.19 -15.02
N SER A 205 1.38 -7.73 -15.64
CA SER A 205 1.30 -7.23 -17.01
C SER A 205 1.09 -8.37 -18.00
N ASN A 206 1.70 -9.54 -17.72
CA ASN A 206 1.46 -10.70 -18.55
C ASN A 206 -0.03 -11.07 -18.57
N ALA A 207 -0.71 -10.89 -17.43
CA ALA A 207 -2.13 -11.18 -17.36
C ALA A 207 -2.95 -10.15 -18.13
N TRP A 208 -2.73 -8.86 -17.84
CA TRP A 208 -3.57 -7.81 -18.42
C TRP A 208 -3.40 -7.72 -19.93
N GLN A 209 -2.15 -7.69 -20.40
CA GLN A 209 -1.91 -7.46 -21.83
C GLN A 209 -2.56 -8.53 -22.70
N ASN A 210 -2.86 -9.70 -22.14
CA ASN A 210 -3.39 -10.82 -22.91
C ASN A 210 -4.74 -11.30 -22.40
N LEU A 211 -5.38 -10.56 -21.50
CA LEU A 211 -6.65 -10.96 -20.91
C LEU A 211 -6.60 -12.43 -20.48
N MET A 212 -5.69 -12.68 -19.54
CA MET A 212 -5.24 -14.02 -19.21
C MET A 212 -4.98 -14.11 -17.72
N TYR A 213 -5.32 -15.25 -17.13
CA TYR A 213 -4.87 -15.53 -15.77
C TYR A 213 -3.39 -15.89 -15.77
N THR A 214 -2.70 -15.46 -14.72
CA THR A 214 -1.32 -15.90 -14.49
C THR A 214 -1.23 -16.53 -13.11
N LEU A 215 -0.69 -17.74 -13.06
CA LEU A 215 -0.40 -18.44 -11.82
C LEU A 215 1.10 -18.65 -11.76
N SER A 216 1.75 -18.09 -10.74
CA SER A 216 3.20 -18.03 -10.71
C SER A 216 3.72 -18.32 -9.30
N VAL A 217 4.78 -19.12 -9.21
CA VAL A 217 5.34 -19.49 -7.92
C VAL A 217 6.83 -19.74 -8.07
N ASN A 218 7.57 -19.37 -7.03
CA ASN A 218 9.03 -19.44 -7.00
C ASN A 218 9.46 -20.30 -5.83
N LEU A 219 10.68 -20.84 -5.93
CA LEU A 219 11.28 -21.49 -4.77
C LEU A 219 11.36 -20.51 -3.61
N ALA A 220 11.50 -21.06 -2.40
CA ALA A 220 11.59 -20.24 -1.20
C ALA A 220 12.66 -20.80 -0.28
N GLY A 221 13.35 -19.90 0.41
CA GLY A 221 14.35 -20.28 1.39
C GLY A 221 15.76 -20.04 0.88
N TYR A 222 16.72 -20.50 1.68
CA TYR A 222 18.14 -20.22 1.47
C TYR A 222 18.88 -21.52 1.20
N ASP A 223 19.68 -21.54 0.13
CA ASP A 223 20.45 -22.72 -0.23
C ASP A 223 21.94 -22.56 0.02
N GLY A 224 22.35 -21.53 0.75
CA GLY A 224 23.75 -21.25 1.00
C GLY A 224 24.35 -20.21 0.08
N VAL A 225 23.64 -19.81 -0.98
CA VAL A 225 24.13 -18.78 -1.89
C VAL A 225 23.05 -17.71 -2.03
N PHE A 226 21.87 -18.10 -2.49
CA PHE A 226 20.77 -17.18 -2.73
C PHE A 226 19.60 -17.47 -1.77
N TYR A 227 18.82 -16.44 -1.49
CA TYR A 227 17.50 -16.61 -0.90
C TYR A 227 16.47 -16.49 -2.02
N TYR A 228 15.64 -17.51 -2.18
CA TYR A 228 14.61 -17.53 -3.19
C TYR A 228 13.31 -17.04 -2.56
N PHE A 229 12.61 -16.13 -3.26
CA PHE A 229 11.62 -15.30 -2.58
C PHE A 229 10.26 -15.95 -2.44
N GLY A 230 9.98 -17.05 -3.12
CA GLY A 230 8.69 -17.70 -3.04
C GLY A 230 7.60 -16.89 -3.71
N GLU A 231 6.82 -16.17 -2.91
CA GLU A 231 5.86 -15.17 -3.38
C GLU A 231 4.97 -15.71 -4.51
N GLY A 232 4.30 -16.83 -4.23
CA GLY A 232 3.28 -17.30 -5.14
C GLY A 232 2.25 -16.22 -5.39
N GLN A 233 1.77 -16.14 -6.63
CA GLN A 233 0.98 -15.00 -7.07
C GLN A 233 -0.06 -15.45 -8.10
N VAL A 234 -1.29 -15.02 -7.89
CA VAL A 234 -2.40 -15.27 -8.81
C VAL A 234 -2.92 -13.91 -9.27
N CYS A 235 -2.92 -13.68 -10.58
CA CYS A 235 -3.44 -12.46 -11.16
C CYS A 235 -4.62 -12.76 -12.06
N ASN A 236 -5.63 -11.89 -11.97
N ASN A 236 -5.66 -11.93 -11.97
CA ASN A 236 -6.81 -11.93 -12.82
CA ASN A 236 -6.78 -12.08 -12.87
C ASN A 236 -6.47 -11.39 -14.21
C ASN A 236 -6.50 -11.39 -14.19
N PHE A 237 -7.39 -11.61 -15.16
CA PHE A 237 -7.14 -11.16 -16.53
C PHE A 237 -7.16 -9.65 -16.69
N ASP A 238 -7.49 -8.90 -15.64
N ASP A 238 -7.49 -8.90 -15.64
CA ASP A 238 -7.36 -7.45 -15.68
CA ASP A 238 -7.36 -7.45 -15.66
C ASP A 238 -6.07 -6.98 -15.01
C ASP A 238 -5.99 -6.98 -15.18
N GLY A 239 -5.14 -7.89 -14.72
CA GLY A 239 -3.85 -7.53 -14.16
C GLY A 239 -3.87 -7.36 -12.66
N THR A 240 -4.99 -7.58 -12.00
CA THR A 240 -5.08 -7.42 -10.56
C THR A 240 -4.60 -8.69 -9.85
N THR A 241 -3.78 -8.51 -8.82
CA THR A 241 -3.31 -9.63 -8.01
C THR A 241 -4.42 -10.07 -7.07
N LEU A 242 -4.87 -11.32 -7.20
CA LEU A 242 -5.90 -11.87 -6.35
C LEU A 242 -5.34 -12.42 -5.04
N VAL A 243 -4.23 -13.17 -5.11
CA VAL A 243 -3.61 -13.75 -3.93
C VAL A 243 -2.10 -13.58 -4.05
N GLN A 244 -1.44 -13.32 -2.92
CA GLN A 244 -0.01 -13.06 -2.91
C GLN A 244 0.61 -13.69 -1.67
N GLY A 245 1.52 -14.64 -1.89
CA GLY A 245 2.26 -15.21 -0.78
C GLY A 245 3.47 -14.38 -0.40
N HIS A 246 4.02 -14.68 0.77
CA HIS A 246 5.23 -14.02 1.24
C HIS A 246 6.44 -14.86 0.86
N ARG A 247 7.48 -14.89 1.70
CA ARG A 247 8.75 -15.51 1.31
C ARG A 247 9.09 -16.72 2.18
N ASN A 248 8.12 -17.34 2.79
CA ASN A 248 8.45 -18.46 3.66
C ASN A 248 8.43 -19.76 2.88
N PRO A 249 9.36 -20.68 3.17
CA PRO A 249 9.25 -22.03 2.61
C PRO A 249 7.96 -22.70 3.03
N TRP A 250 7.35 -23.41 2.08
CA TRP A 250 6.14 -24.24 2.27
C TRP A 250 4.86 -23.43 2.33
N GLU A 251 4.89 -22.13 2.07
CA GLU A 251 3.64 -21.39 1.89
C GLU A 251 2.87 -21.94 0.70
N ILE A 252 1.57 -22.12 0.88
CA ILE A 252 0.68 -22.60 -0.18
C ILE A 252 -0.26 -21.48 -0.55
N VAL A 253 -0.22 -21.06 -1.82
CA VAL A 253 -1.04 -19.98 -2.34
C VAL A 253 -2.13 -20.59 -3.19
N THR A 254 -3.38 -20.48 -2.72
CA THR A 254 -4.53 -21.06 -3.40
C THR A 254 -5.42 -19.95 -3.96
N ALA A 255 -6.18 -20.30 -5.00
CA ALA A 255 -7.11 -19.38 -5.61
C ALA A 255 -8.06 -20.15 -6.52
N GLU A 256 -9.29 -19.66 -6.63
CA GLU A 256 -10.23 -20.14 -7.62
C GLU A 256 -10.07 -19.31 -8.90
N VAL A 257 -10.01 -20.00 -10.04
CA VAL A 257 -9.80 -19.39 -11.34
C VAL A 257 -10.99 -19.71 -12.23
N TYR A 258 -11.45 -18.71 -12.99
CA TYR A 258 -12.62 -18.84 -13.85
C TYR A 258 -12.22 -18.59 -15.30
N PRO A 259 -11.66 -19.59 -15.98
CA PRO A 259 -11.17 -19.37 -17.36
C PRO A 259 -12.22 -18.82 -18.30
N GLU A 260 -13.49 -19.18 -18.13
N GLU A 260 -13.49 -19.19 -18.13
CA GLU A 260 -14.54 -18.70 -19.03
CA GLU A 260 -14.53 -18.70 -19.03
C GLU A 260 -14.67 -17.18 -18.98
C GLU A 260 -14.65 -17.18 -18.99
N LEU A 261 -14.36 -16.57 -17.83
CA LEU A 261 -14.44 -15.12 -17.74
C LEU A 261 -13.38 -14.46 -18.60
N ALA A 262 -12.17 -15.02 -18.63
CA ALA A 262 -11.15 -14.53 -19.55
C ALA A 262 -11.59 -14.71 -20.99
N ASP A 263 -12.13 -15.87 -21.33
CA ASP A 263 -12.63 -16.09 -22.69
C ASP A 263 -13.69 -15.06 -23.05
N GLN A 264 -14.64 -14.83 -22.13
CA GLN A 264 -15.69 -13.85 -22.40
C GLN A 264 -15.11 -12.45 -22.58
N ALA A 265 -14.12 -12.08 -21.76
CA ALA A 265 -13.49 -10.78 -21.89
C ALA A 265 -12.83 -10.63 -23.24
N ARG A 266 -12.23 -11.71 -23.75
CA ARG A 266 -11.59 -11.67 -25.06
C ARG A 266 -12.61 -11.55 -26.18
N LEU A 267 -13.78 -12.17 -26.02
CA LEU A 267 -14.80 -12.08 -27.06
C LEU A 267 -15.46 -10.71 -27.09
N GLY A 268 -15.38 -9.95 -25.99
CA GLY A 268 -15.69 -8.54 -26.02
C GLY A 268 -14.58 -7.68 -26.56
N TRP A 269 -13.54 -8.29 -27.11
CA TRP A 269 -12.38 -7.58 -27.65
C TRP A 269 -11.84 -6.55 -26.65
N VAL A 290 -4.12 -1.69 -38.69
CA VAL A 290 -3.82 -2.22 -40.02
C VAL A 290 -3.32 -3.66 -39.91
N LYS A 291 -3.17 -4.30 -41.08
CA LYS A 291 -2.60 -5.64 -41.14
C LYS A 291 -1.09 -5.63 -41.20
N GLU A 292 -0.49 -4.60 -41.78
CA GLU A 292 0.95 -4.59 -41.98
C GLU A 292 1.66 -4.26 -40.67
N ASN A 293 2.93 -4.67 -40.59
CA ASN A 293 3.67 -4.60 -39.34
C ASN A 293 4.42 -3.28 -39.24
N PRO A 294 4.19 -2.47 -38.21
CA PRO A 294 4.98 -1.25 -38.02
C PRO A 294 6.23 -1.42 -37.16
N TYR A 295 6.50 -2.62 -36.66
CA TYR A 295 7.57 -2.85 -35.68
C TYR A 295 8.76 -3.50 -36.38
N THR A 296 9.87 -2.75 -36.47
CA THR A 296 11.08 -3.31 -37.04
C THR A 296 11.61 -4.48 -36.21
N PHE A 297 11.44 -4.44 -34.89
CA PHE A 297 11.94 -5.53 -34.05
C PHE A 297 11.17 -6.81 -34.30
N VAL A 298 9.88 -6.70 -34.63
CA VAL A 298 9.10 -7.88 -34.99
C VAL A 298 9.60 -8.47 -36.30
N LYS A 299 9.86 -7.63 -37.30
CA LYS A 299 10.41 -8.10 -38.56
C LYS A 299 11.77 -8.77 -38.34
N ASP A 300 12.66 -8.10 -37.61
CA ASP A 300 14.01 -8.64 -37.42
C ASP A 300 13.98 -9.96 -36.65
N LEU A 301 13.20 -10.02 -35.56
CA LEU A 301 13.12 -11.25 -34.80
C LEU A 301 12.56 -12.38 -35.65
N ALA A 302 11.45 -12.12 -36.35
CA ALA A 302 10.89 -13.13 -37.25
C ALA A 302 11.92 -13.62 -38.25
N GLU A 303 12.82 -12.73 -38.69
CA GLU A 303 13.88 -13.09 -39.63
C GLU A 303 15.13 -13.61 -38.93
N GLY A 304 15.10 -13.77 -37.61
CA GLY A 304 16.27 -14.25 -36.89
C GLY A 304 17.44 -13.29 -36.92
N LYS A 305 17.16 -12.00 -37.05
CA LYS A 305 18.20 -10.97 -37.18
C LYS A 305 18.09 -9.91 -36.09
N TYR A 306 17.25 -10.11 -35.08
CA TYR A 306 17.15 -9.18 -33.96
C TYR A 306 18.52 -8.82 -33.43
N LYS A 307 18.88 -7.54 -33.51
N LYS A 307 18.85 -7.54 -33.47
CA LYS A 307 20.17 -7.08 -33.03
CA LYS A 307 20.17 -7.06 -33.06
C LYS A 307 20.01 -5.64 -32.56
C LYS A 307 20.04 -5.63 -32.57
N VAL A 308 20.30 -5.41 -31.29
CA VAL A 308 20.23 -4.07 -30.70
C VAL A 308 21.34 -3.19 -31.28
N SER B 12 -9.88 13.51 27.21
CA SER B 12 -8.46 13.75 27.41
C SER B 12 -7.75 14.07 26.09
N GLY B 13 -8.52 14.58 25.12
CA GLY B 13 -7.97 14.96 23.84
C GLY B 13 -8.68 16.17 23.25
N PHE B 14 -8.36 16.52 22.01
CA PHE B 14 -9.03 17.62 21.34
C PHE B 14 -9.14 17.31 19.86
N LEU B 15 -10.12 17.93 19.22
CA LEU B 15 -10.39 17.75 17.79
C LEU B 15 -9.78 18.91 17.01
N THR B 16 -9.01 18.58 15.98
CA THR B 16 -8.41 19.58 15.11
C THR B 16 -8.94 19.41 13.69
N ALA B 17 -8.91 20.50 12.93
CA ALA B 17 -9.30 20.52 11.53
C ALA B 17 -8.23 21.23 10.73
N LEU B 18 -7.72 20.57 9.69
CA LEU B 18 -6.70 21.13 8.81
C LEU B 18 -7.36 21.46 7.48
N ILE B 19 -7.24 22.73 7.06
CA ILE B 19 -7.91 23.23 5.87
C ILE B 19 -6.93 23.19 4.71
N GLN B 20 -7.22 22.37 3.70
CA GLN B 20 -6.47 22.38 2.45
C GLN B 20 -6.96 23.58 1.62
N TYR B 21 -6.60 24.76 2.10
CA TYR B 21 -7.15 26.01 1.59
C TYR B 21 -6.70 26.23 0.14
N PRO B 22 -7.61 26.65 -0.74
CA PRO B 22 -7.22 26.86 -2.14
C PRO B 22 -6.16 27.95 -2.26
N VAL B 23 -5.15 27.69 -3.09
CA VAL B 23 -4.06 28.66 -3.23
C VAL B 23 -4.63 30.00 -3.71
N PRO B 24 -4.37 31.11 -3.03
CA PRO B 24 -4.87 32.39 -3.52
C PRO B 24 -4.10 32.87 -4.74
N VAL B 25 -4.83 33.44 -5.70
CA VAL B 25 -4.25 34.17 -6.81
C VAL B 25 -4.53 35.65 -6.54
N VAL B 26 -3.52 36.34 -6.03
CA VAL B 26 -3.67 37.69 -5.49
C VAL B 26 -2.93 38.68 -6.39
N GLU B 27 -3.61 39.76 -6.76
CA GLU B 27 -3.02 40.80 -7.59
C GLU B 27 -3.14 42.19 -6.97
N SER B 28 -3.85 42.33 -5.84
CA SER B 28 -4.00 43.62 -5.20
C SER B 28 -4.41 43.39 -3.75
N ARG B 29 -4.44 44.49 -2.98
CA ARG B 29 -4.88 44.41 -1.59
C ARG B 29 -6.32 43.92 -1.50
N ALA B 30 -7.17 44.34 -2.44
CA ALA B 30 -8.56 43.92 -2.42
C ALA B 30 -8.67 42.40 -2.39
N ASP B 31 -7.84 41.70 -3.15
CA ASP B 31 -7.86 40.25 -3.15
C ASP B 31 -7.45 39.69 -1.80
N ILE B 32 -6.50 40.35 -1.11
CA ILE B 32 -6.08 39.88 0.21
C ILE B 32 -7.23 39.98 1.19
N ASP B 33 -7.97 41.08 1.16
CA ASP B 33 -9.15 41.21 2.00
C ASP B 33 -10.19 40.15 1.68
N LYS B 34 -10.29 39.75 0.41
CA LYS B 34 -11.20 38.67 0.05
C LYS B 34 -10.78 37.36 0.69
N GLN B 35 -9.47 37.09 0.73
CA GLN B 35 -8.99 35.89 1.40
C GLN B 35 -9.29 35.94 2.89
N ILE B 36 -9.14 37.13 3.50
CA ILE B 36 -9.41 37.26 4.93
C ILE B 36 -10.86 36.90 5.24
N GLN B 37 -11.80 37.51 4.52
CA GLN B 37 -13.21 37.17 4.71
C GLN B 37 -13.46 35.68 4.46
N GLN B 38 -12.80 35.10 3.46
CA GLN B 38 -12.99 33.70 3.16
C GLN B 38 -12.46 32.82 4.30
N ILE B 39 -11.28 33.15 4.83
CA ILE B 39 -10.76 32.43 5.97
C ILE B 39 -11.70 32.53 7.16
N ILE B 40 -12.24 33.72 7.40
CA ILE B 40 -13.15 33.92 8.54
C ILE B 40 -14.42 33.10 8.35
N LYS B 41 -14.98 33.10 7.14
N LYS B 41 -14.96 33.07 7.14
CA LYS B 41 -16.14 32.28 6.86
CA LYS B 41 -16.16 32.28 6.87
C LYS B 41 -15.85 30.81 7.11
C LYS B 41 -15.87 30.79 7.04
N THR B 42 -14.65 30.36 6.75
CA THR B 42 -14.30 28.94 6.92
C THR B 42 -14.17 28.57 8.39
N ILE B 43 -13.73 29.51 9.23
CA ILE B 43 -13.70 29.28 10.67
C ILE B 43 -15.10 28.94 11.17
N HIS B 44 -16.06 29.81 10.88
CA HIS B 44 -17.41 29.64 11.42
C HIS B 44 -18.09 28.42 10.83
N SER B 45 -17.92 28.18 9.53
CA SER B 45 -18.59 27.06 8.89
C SER B 45 -18.00 25.73 9.36
N THR B 46 -16.69 25.67 9.53
CA THR B 46 -16.06 24.44 10.00
C THR B 46 -16.48 24.14 11.44
N LYS B 47 -16.45 25.16 12.31
CA LYS B 47 -16.95 24.98 13.66
C LYS B 47 -18.41 24.54 13.65
N SER B 48 -19.21 25.12 12.76
CA SER B 48 -20.61 24.74 12.67
C SER B 48 -20.75 23.26 12.34
N GLY B 49 -19.92 22.74 11.42
CA GLY B 49 -20.02 21.35 11.04
C GLY B 49 -19.38 20.40 12.03
N TYR B 50 -18.34 20.85 12.73
CA TYR B 50 -17.62 20.04 13.72
C TYR B 50 -17.74 20.73 15.06
N PRO B 51 -18.86 20.57 15.77
CA PRO B 51 -19.07 21.33 17.02
C PRO B 51 -17.97 21.12 18.05
N GLY B 52 -17.32 19.97 18.06
CA GLY B 52 -16.24 19.71 19.00
C GLY B 52 -14.92 20.35 18.64
N LEU B 53 -14.85 21.04 17.51
CA LEU B 53 -13.58 21.58 17.03
C LEU B 53 -12.97 22.52 18.07
N GLU B 54 -11.65 22.41 18.23
CA GLU B 54 -10.89 23.30 19.09
C GLU B 54 -9.66 23.90 18.45
N LEU B 55 -9.17 23.36 17.33
CA LEU B 55 -7.98 23.86 16.65
C LEU B 55 -8.20 23.77 15.16
N ILE B 56 -8.20 24.91 14.48
CA ILE B 56 -8.31 24.98 13.02
C ILE B 56 -7.01 25.57 12.48
N VAL B 57 -6.48 24.95 11.42
CA VAL B 57 -5.16 25.28 10.89
C VAL B 57 -5.30 25.66 9.43
N PHE B 58 -4.75 26.81 9.07
CA PHE B 58 -4.71 27.26 7.68
C PHE B 58 -3.28 27.25 7.15
N PRO B 59 -3.08 26.96 5.87
CA PRO B 59 -1.72 26.79 5.35
C PRO B 59 -0.98 28.12 5.18
N GLU B 60 0.32 27.99 4.90
CA GLU B 60 1.16 29.13 4.57
C GLU B 60 0.65 29.85 3.33
N TYR B 61 0.79 31.17 3.32
CA TYR B 61 0.36 32.03 2.22
C TYR B 61 -1.15 32.01 1.99
N SER B 62 -1.93 31.47 2.93
CA SER B 62 -3.37 31.44 2.75
C SER B 62 -3.99 32.83 2.78
N THR B 63 -3.32 33.81 3.38
CA THR B 63 -3.88 35.16 3.45
C THR B 63 -3.49 36.03 2.27
N GLN B 64 -2.27 35.86 1.73
CA GLN B 64 -1.75 36.80 0.75
C GLN B 64 -1.24 36.17 -0.54
N GLY B 65 -1.30 34.84 -0.67
CA GLY B 65 -0.91 34.21 -1.92
C GLY B 65 0.61 34.19 -2.11
N LEU B 66 1.00 33.88 -3.35
CA LEU B 66 2.40 33.74 -3.73
C LEU B 66 2.68 34.51 -5.02
N ASN B 67 2.32 35.79 -5.05
CA ASN B 67 2.64 36.64 -6.20
C ASN B 67 4.07 37.13 -6.01
N THR B 68 5.03 36.38 -6.57
CA THR B 68 6.43 36.66 -6.33
C THR B 68 6.86 38.02 -6.86
N LYS B 69 6.06 38.64 -7.73
CA LYS B 69 6.37 39.95 -8.26
C LYS B 69 5.85 41.09 -7.39
N LYS B 70 5.09 40.79 -6.33
CA LYS B 70 4.49 41.83 -5.50
C LYS B 70 4.45 41.50 -4.02
N TRP B 71 4.89 40.31 -3.60
CA TRP B 71 4.65 39.89 -2.22
C TRP B 71 5.59 40.54 -1.21
N THR B 72 6.51 41.42 -1.64
CA THR B 72 7.32 42.20 -0.72
C THR B 72 6.95 43.67 -0.69
N THR B 73 6.08 44.13 -1.59
CA THR B 73 5.67 45.52 -1.59
C THR B 73 4.79 45.81 -0.37
N GLU B 74 4.69 47.10 -0.04
CA GLU B 74 3.99 47.49 1.18
C GLU B 74 2.52 47.06 1.15
N GLU B 75 1.90 47.10 -0.03
CA GLU B 75 0.49 46.77 -0.14
C GLU B 75 0.21 45.32 0.25
N PHE B 76 1.16 44.42 0.00
CA PHE B 76 0.97 43.00 0.23
C PHE B 76 1.37 42.54 1.63
N LEU B 77 1.81 43.46 2.49
CA LEU B 77 2.34 43.10 3.81
C LEU B 77 1.46 43.66 4.90
N CYS B 78 1.50 43.00 6.06
CA CYS B 78 0.74 43.40 7.22
C CYS B 78 1.66 43.44 8.44
N THR B 79 1.19 44.12 9.48
CA THR B 79 1.82 44.05 10.78
C THR B 79 1.13 42.97 11.60
N VAL B 80 1.90 42.30 12.46
CA VAL B 80 1.32 41.32 13.37
C VAL B 80 1.76 41.64 14.81
N PRO B 81 0.80 41.96 15.71
CA PRO B 81 -0.64 42.03 15.44
C PRO B 81 -1.01 43.24 14.59
N GLY B 82 -2.10 43.13 13.83
CA GLY B 82 -2.61 44.21 13.03
C GLY B 82 -4.10 44.07 12.82
N PRO B 83 -4.67 44.93 11.97
CA PRO B 83 -6.12 44.81 11.71
C PRO B 83 -6.52 43.45 11.19
N GLU B 84 -5.62 42.75 10.49
CA GLU B 84 -5.98 41.46 9.92
C GLU B 84 -6.00 40.37 10.98
N THR B 85 -5.02 40.37 11.89
CA THR B 85 -5.04 39.44 13.01
C THR B 85 -6.25 39.71 13.91
N ASP B 86 -6.62 40.97 14.07
CA ASP B 86 -7.78 41.31 14.89
C ASP B 86 -9.05 40.68 14.33
N LEU B 87 -9.19 40.66 13.01
CA LEU B 87 -10.35 40.02 12.40
C LEU B 87 -10.30 38.51 12.59
N PHE B 88 -9.12 37.90 12.40
CA PHE B 88 -8.95 36.50 12.74
C PHE B 88 -9.23 36.27 14.23
N ALA B 89 -8.70 37.13 15.09
CA ALA B 89 -8.89 36.96 16.52
C ALA B 89 -10.36 37.04 16.91
N GLU B 90 -11.08 37.99 16.31
N GLU B 90 -11.08 37.99 16.31
CA GLU B 90 -12.51 38.09 16.57
CA GLU B 90 -12.50 38.09 16.58
C GLU B 90 -13.22 36.82 16.15
C GLU B 90 -13.23 36.82 16.14
N ALA B 91 -12.94 36.33 14.94
CA ALA B 91 -13.57 35.11 14.46
C ALA B 91 -13.28 33.93 15.37
N CYS B 92 -12.03 33.79 15.82
CA CYS B 92 -11.70 32.72 16.76
C CYS B 92 -12.49 32.87 18.06
N LYS B 93 -12.80 34.10 18.45
N LYS B 93 -12.77 34.11 18.47
CA LYS B 93 -13.48 34.34 19.71
CA LYS B 93 -13.49 34.29 19.72
C LYS B 93 -14.97 33.99 19.60
C LYS B 93 -14.95 33.90 19.57
N GLU B 94 -15.58 34.27 18.45
CA GLU B 94 -17.00 33.96 18.28
C GLU B 94 -17.23 32.47 18.14
N SER B 95 -16.32 31.76 17.46
CA SER B 95 -16.42 30.32 17.30
C SER B 95 -15.78 29.54 18.44
N LYS B 96 -15.03 30.22 19.32
N LYS B 96 -15.03 30.22 19.32
CA LYS B 96 -14.38 29.57 20.45
CA LYS B 96 -14.38 29.59 20.45
C LYS B 96 -13.48 28.43 19.98
C LYS B 96 -13.48 28.44 19.98
N VAL B 97 -12.49 28.80 19.15
CA VAL B 97 -11.52 27.84 18.63
C VAL B 97 -10.13 28.46 18.68
N TYR B 98 -9.12 27.59 18.71
CA TYR B 98 -7.76 28.02 18.41
C TYR B 98 -7.58 28.08 16.90
N GLY B 99 -6.93 29.13 16.44
CA GLY B 99 -6.68 29.31 15.02
C GLY B 99 -5.22 29.53 14.71
N VAL B 100 -4.75 28.92 13.62
CA VAL B 100 -3.39 29.08 13.12
C VAL B 100 -3.48 29.77 11.77
N PHE B 101 -2.75 30.89 11.62
CA PHE B 101 -2.86 31.72 10.44
C PHE B 101 -1.48 32.12 9.94
N SER B 102 -1.39 32.38 8.65
CA SER B 102 -0.16 32.77 7.98
C SER B 102 -0.26 34.23 7.53
N ILE B 103 0.77 35.00 7.81
CA ILE B 103 0.82 36.42 7.44
C ILE B 103 2.26 36.78 7.10
N MET B 104 2.47 37.31 5.89
CA MET B 104 3.76 37.88 5.52
C MET B 104 3.87 39.24 6.20
N GLU B 105 4.85 39.37 7.10
CA GLU B 105 4.89 40.47 8.05
C GLU B 105 5.84 41.57 7.57
N LYS B 106 5.36 42.81 7.62
CA LYS B 106 6.23 43.96 7.39
C LYS B 106 7.27 44.07 8.50
N ASN B 107 8.53 44.13 8.11
CA ASN B 107 9.61 44.23 9.09
C ASN B 107 9.58 45.60 9.74
N PRO B 108 9.32 45.72 11.04
CA PRO B 108 9.29 47.06 11.65
C PRO B 108 10.61 47.79 11.59
N ASP B 109 11.72 47.09 11.32
CA ASP B 109 13.01 47.70 11.13
C ASP B 109 13.26 48.13 9.68
N GLY B 110 12.24 48.07 8.83
CA GLY B 110 12.36 48.48 7.45
C GLY B 110 13.07 47.50 6.54
N GLY B 111 13.70 46.47 7.09
CA GLY B 111 14.43 45.51 6.28
C GLY B 111 13.51 44.59 5.50
N GLU B 112 14.06 43.45 5.07
N GLU B 112 14.04 43.44 5.08
CA GLU B 112 13.26 42.48 4.32
CA GLU B 112 13.24 42.51 4.30
C GLU B 112 12.12 41.98 5.22
C GLU B 112 12.15 41.90 5.19
N PRO B 113 10.94 41.72 4.65
CA PRO B 113 9.82 41.25 5.49
C PRO B 113 10.03 39.84 5.99
N TYR B 114 9.14 39.44 6.90
CA TYR B 114 9.15 38.12 7.52
C TYR B 114 8.01 37.28 6.98
N ASN B 115 8.20 35.96 7.05
CA ASN B 115 7.15 34.97 6.84
C ASN B 115 6.72 34.48 8.22
N THR B 116 5.50 34.82 8.63
CA THR B 116 5.10 34.70 10.02
C THR B 116 3.84 33.86 10.17
N ALA B 117 3.78 33.13 11.28
CA ALA B 117 2.61 32.36 11.68
C ALA B 117 2.24 32.73 13.11
N VAL B 118 0.94 32.72 13.40
CA VAL B 118 0.44 33.07 14.72
C VAL B 118 -0.59 32.05 15.16
N ILE B 119 -0.76 31.91 16.48
CA ILE B 119 -1.84 31.14 17.07
C ILE B 119 -2.69 32.10 17.89
N ILE B 120 -4.01 32.01 17.74
CA ILE B 120 -4.95 32.79 18.51
C ILE B 120 -5.87 31.83 19.25
N ASP B 121 -6.13 32.12 20.53
CA ASP B 121 -6.89 31.22 21.37
C ASP B 121 -8.38 31.58 21.31
N PRO B 122 -9.23 30.75 21.93
CA PRO B 122 -10.67 31.02 21.86
C PRO B 122 -11.11 32.34 22.50
N GLN B 123 -10.21 33.06 23.17
CA GLN B 123 -10.53 34.36 23.74
C GLN B 123 -10.11 35.51 22.84
N GLY B 124 -9.55 35.22 21.67
CA GLY B 124 -9.04 36.26 20.80
C GLY B 124 -7.64 36.74 21.12
N GLU B 125 -6.93 36.04 22.00
CA GLU B 125 -5.57 36.42 22.38
C GLU B 125 -4.57 35.72 21.47
N MET B 126 -3.63 36.49 20.94
CA MET B 126 -2.52 35.93 20.16
C MET B 126 -1.51 35.35 21.15
N ILE B 127 -1.49 34.02 21.28
CA ILE B 127 -0.64 33.36 22.27
C ILE B 127 0.66 32.86 21.68
N LEU B 128 0.84 32.92 20.36
CA LEU B 128 2.09 32.49 19.74
C LEU B 128 2.33 33.30 18.47
N LYS B 129 3.56 33.76 18.30
CA LYS B 129 4.00 34.43 17.09
C LYS B 129 5.35 33.87 16.68
N TYR B 130 5.44 33.40 15.44
CA TYR B 130 6.62 32.70 14.96
C TYR B 130 6.98 33.21 13.57
N ARG B 131 8.28 33.48 13.36
CA ARG B 131 8.80 33.91 12.07
C ARG B 131 9.66 32.80 11.49
N LYS B 132 9.36 32.43 10.24
CA LYS B 132 10.00 31.31 9.57
C LYS B 132 11.52 31.34 9.75
N LEU B 133 12.07 30.23 10.23
CA LEU B 133 13.51 30.16 10.50
C LEU B 133 14.32 29.84 9.24
N ASN B 134 13.78 29.04 8.32
CA ASN B 134 14.53 28.57 7.15
C ASN B 134 13.76 28.98 5.89
N PRO B 135 13.91 30.22 5.45
N PRO B 135 13.91 30.24 5.46
CA PRO B 135 13.25 30.64 4.20
CA PRO B 135 13.06 30.75 4.37
C PRO B 135 13.60 29.71 3.04
C PRO B 135 13.48 30.36 2.97
N TRP B 136 12.57 29.20 2.37
N TRP B 136 14.54 29.57 2.78
CA TRP B 136 12.74 28.26 1.27
CA TRP B 136 14.93 29.17 1.43
C TRP B 136 13.61 28.84 0.17
C TRP B 136 15.34 30.39 0.62
N VAL B 137 14.91 28.99 0.45
N VAL B 137 16.63 30.71 0.62
CA VAL B 137 15.83 29.57 -0.52
CA VAL B 137 17.12 31.99 0.11
C VAL B 137 15.93 28.70 -1.78
C VAL B 137 16.93 32.12 -1.39
N PRO B 138 16.28 29.31 -2.93
N PRO B 138 17.16 31.07 -2.19
CA PRO B 138 16.52 30.74 -3.13
CA PRO B 138 17.09 31.25 -3.65
C PRO B 138 15.31 31.50 -3.67
C PRO B 138 15.76 31.84 -4.14
N VAL B 139 14.13 30.87 -3.67
N VAL B 139 14.64 31.30 -3.69
CA VAL B 139 12.96 31.47 -4.29
CA VAL B 139 13.33 31.67 -4.22
C VAL B 139 12.24 32.45 -3.39
C VAL B 139 12.62 32.68 -3.33
N GLU B 140 12.45 32.37 -2.05
CA GLU B 140 11.73 33.25 -1.15
C GLU B 140 12.61 34.40 -0.66
N PRO B 141 12.02 35.58 -0.40
CA PRO B 141 12.81 36.74 0.03
C PRO B 141 12.78 37.04 1.52
N TRP B 142 12.14 36.21 2.33
CA TRP B 142 11.87 36.58 3.72
C TRP B 142 13.14 36.50 4.56
N LYS B 143 13.24 37.41 5.53
CA LYS B 143 14.33 37.38 6.48
C LYS B 143 14.22 36.15 7.38
N ALA B 144 15.37 35.57 7.70
CA ALA B 144 15.38 34.44 8.63
C ALA B 144 14.77 34.86 9.96
N GLY B 145 13.89 34.02 10.49
CA GLY B 145 13.20 34.36 11.72
C GLY B 145 14.15 34.65 12.85
N ASP B 146 13.74 35.57 13.73
CA ASP B 146 14.56 35.99 14.86
C ASP B 146 13.82 35.87 16.18
N LEU B 147 12.77 35.05 16.24
CA LEU B 147 12.01 34.81 17.46
C LEU B 147 12.23 33.41 18.02
N GLY B 148 13.23 32.68 17.51
CA GLY B 148 13.37 31.30 17.91
C GLY B 148 12.14 30.52 17.50
N LEU B 149 11.94 29.39 18.17
CA LEU B 149 10.77 28.53 17.94
C LEU B 149 9.94 28.50 19.22
N PRO B 150 8.90 29.31 19.33
CA PRO B 150 8.15 29.39 20.58
C PRO B 150 7.16 28.24 20.73
N VAL B 151 6.68 28.08 21.96
CA VAL B 151 5.69 27.06 22.31
C VAL B 151 4.66 27.70 23.23
N CYS B 152 3.39 27.37 23.00
CA CYS B 152 2.30 27.92 23.80
C CYS B 152 1.40 26.80 24.29
N ASP B 153 0.55 27.14 25.25
CA ASP B 153 -0.46 26.22 25.74
C ASP B 153 -1.63 26.16 24.77
N GLY B 154 -2.08 24.96 24.44
CA GLY B 154 -3.20 24.76 23.56
C GLY B 154 -4.33 23.99 24.22
N PRO B 155 -5.28 23.52 23.43
CA PRO B 155 -6.42 22.80 24.00
C PRO B 155 -6.06 21.37 24.37
N GLY B 156 -6.90 20.80 25.24
CA GLY B 156 -6.75 19.41 25.62
C GLY B 156 -5.40 19.06 26.19
N GLY B 157 -4.79 19.98 26.93
CA GLY B 157 -3.49 19.71 27.52
C GLY B 157 -2.34 19.71 26.54
N SER B 158 -2.53 20.29 25.37
CA SER B 158 -1.48 20.31 24.36
C SER B 158 -0.50 21.45 24.62
N LYS B 159 0.74 21.23 24.20
CA LYS B 159 1.76 22.28 24.14
C LYS B 159 2.09 22.45 22.66
N LEU B 160 1.71 23.59 22.11
CA LEU B 160 1.69 23.78 20.66
C LEU B 160 2.95 24.51 20.18
N ALA B 161 3.48 24.03 19.05
CA ALA B 161 4.50 24.74 18.30
C ALA B 161 4.08 24.80 16.84
N VAL B 162 4.54 25.85 16.15
CA VAL B 162 4.28 26.03 14.73
C VAL B 162 5.61 26.18 14.01
N CYS B 163 5.71 25.56 12.84
CA CYS B 163 6.82 25.77 11.93
C CYS B 163 6.26 25.94 10.52
N ILE B 164 7.07 26.48 9.63
CA ILE B 164 6.57 26.87 8.31
C ILE B 164 7.36 26.26 7.16
N QCS B 165 6.67 25.50 6.31
N QCS B 165 6.65 25.53 6.31
CA QCS B 165 7.18 25.09 5.06
CA QCS B 165 7.13 25.04 5.05
CB QCS B 165 7.35 26.36 4.26
CB QCS B 165 7.18 26.23 4.09
SG QCS B 165 7.95 25.95 2.64
SG QCS B 165 6.88 25.67 2.44
CD QCS B 165 6.54 25.53 1.66
CD QCS B 165 7.21 26.98 1.28
NE2 QCS B 165 6.65 25.58 0.25
NE2 QCS B 165 6.17 27.48 0.47
OE1 QCS B 165 5.50 25.20 2.19
OE1 QCS B 165 8.33 27.44 1.19
C QCS B 165 8.50 24.33 5.13
C QCS B 165 8.45 24.28 5.16
O QCS B 165 8.51 23.13 5.54
O QCS B 165 8.43 23.10 5.60
N HIS B 166 9.59 24.98 4.76
N HIS B 166 9.56 24.89 4.76
CA HIS B 166 10.91 24.34 4.68
CA HIS B 166 10.85 24.20 4.70
C HIS B 166 11.40 23.92 6.07
C HIS B 166 11.36 23.85 6.09
N ASP B 167 10.83 24.53 7.12
CA ASP B 167 11.24 24.23 8.47
C ASP B 167 11.10 22.74 8.78
N GLY B 168 10.01 22.13 8.32
CA GLY B 168 9.75 20.73 8.63
C GLY B 168 10.68 19.74 7.97
N MET B 169 11.47 20.18 6.98
CA MET B 169 12.48 19.33 6.39
C MET B 169 13.73 19.23 7.25
N PHE B 170 13.94 20.19 8.15
CA PHE B 170 15.09 20.17 9.04
C PHE B 170 14.69 19.45 10.33
N PRO B 171 15.27 18.29 10.65
CA PRO B 171 14.92 17.63 11.92
C PRO B 171 15.23 18.48 13.14
N GLU B 172 16.10 19.48 13.01
CA GLU B 172 16.41 20.36 14.12
C GLU B 172 15.17 21.15 14.57
N VAL B 173 14.24 21.41 13.65
CA VAL B 173 13.07 22.21 14.00
C VAL B 173 12.14 21.41 14.89
N ALA B 174 11.77 20.19 14.47
CA ALA B 174 10.90 19.37 15.29
C ALA B 174 11.54 19.06 16.63
N ARG B 175 12.85 18.83 16.64
CA ARG B 175 13.54 18.59 17.91
C ARG B 175 13.48 19.81 18.82
N GLU B 176 13.69 21.00 18.25
CA GLU B 176 13.62 22.22 19.06
C GLU B 176 12.25 22.36 19.71
N ALA B 177 11.18 22.10 18.96
CA ALA B 177 9.83 22.19 19.51
C ALA B 177 9.67 21.28 20.71
N ALA B 178 9.97 19.98 20.54
CA ALA B 178 9.82 19.03 21.63
C ALA B 178 10.71 19.40 22.81
N TYR B 179 11.94 19.82 22.53
CA TYR B 179 12.86 20.15 23.61
C TYR B 179 12.31 21.27 24.49
N LYS B 180 11.55 22.20 23.90
CA LYS B 180 10.95 23.29 24.64
C LYS B 180 9.57 22.94 25.20
N GLY B 181 9.15 21.68 25.09
CA GLY B 181 7.93 21.20 25.74
C GLY B 181 6.79 20.88 24.81
N ALA B 182 6.90 21.15 23.51
CA ALA B 182 5.79 20.91 22.61
C ALA B 182 5.51 19.41 22.50
N ASN B 183 4.24 19.04 22.67
CA ASN B 183 3.78 17.70 22.34
C ASN B 183 2.91 17.67 21.10
N VAL B 184 2.74 18.82 20.44
CA VAL B 184 2.04 18.92 19.16
C VAL B 184 2.78 19.95 18.31
N LEU B 185 3.31 19.52 17.17
CA LEU B 185 3.96 20.41 16.22
C LEU B 185 3.05 20.64 15.03
N ILE B 186 2.78 21.91 14.73
CA ILE B 186 1.92 22.30 13.63
C ILE B 186 2.80 22.79 12.49
N ARG B 187 2.49 22.34 11.27
CA ARG B 187 3.28 22.67 10.09
C ARG B 187 2.35 23.22 9.02
N ILE B 188 2.53 24.49 8.66
CA ILE B 188 1.73 25.12 7.62
C ILE B 188 2.65 25.39 6.43
N SER B 189 2.17 25.10 5.23
CA SER B 189 3.05 24.96 4.09
C SER B 189 2.37 25.42 2.81
N GLY B 190 3.19 25.80 1.84
CA GLY B 190 2.73 26.15 0.51
C GLY B 190 3.59 25.51 -0.57
N TYR B 191 3.81 24.20 -0.44
CA TYR B 191 4.66 23.44 -1.35
C TYR B 191 3.95 23.12 -2.65
N SER B 192 4.74 22.96 -3.71
CA SER B 192 4.23 22.36 -4.93
C SER B 192 4.30 20.83 -4.83
N THR B 193 3.70 20.16 -5.80
CA THR B 193 3.61 18.70 -5.80
C THR B 193 4.97 18.01 -5.80
N GLN B 194 6.06 18.76 -6.06
CA GLN B 194 7.36 18.11 -6.24
C GLN B 194 7.85 17.41 -4.98
N VAL B 195 7.44 17.88 -3.80
CA VAL B 195 7.96 17.32 -2.55
C VAL B 195 6.83 16.68 -1.74
N SER B 196 5.78 16.22 -2.41
CA SER B 196 4.67 15.58 -1.72
C SER B 196 5.13 14.38 -0.91
N GLU B 197 5.96 13.53 -1.51
N GLU B 197 5.97 13.52 -1.49
CA GLU B 197 6.46 12.34 -0.81
CA GLU B 197 6.42 12.34 -0.76
C GLU B 197 7.31 12.73 0.39
C GLU B 197 7.34 12.70 0.39
N GLN B 198 8.24 13.66 0.18
CA GLN B 198 9.15 14.06 1.25
C GLN B 198 8.40 14.80 2.34
N TRP B 199 7.31 15.48 1.96
CA TRP B 199 6.42 16.11 2.93
C TRP B 199 5.82 15.08 3.88
N MET B 200 5.23 14.01 3.33
N MET B 200 5.24 14.02 3.32
CA MET B 200 4.64 12.99 4.17
CA MET B 200 4.63 12.97 4.15
C MET B 200 5.68 12.30 5.02
C MET B 200 5.68 12.29 5.01
N LEU B 201 6.87 12.06 4.46
CA LEU B 201 7.91 11.33 5.18
C LEU B 201 8.37 12.12 6.41
N THR B 202 8.68 13.40 6.23
CA THR B 202 9.23 14.19 7.34
C THR B 202 8.18 14.47 8.40
N ASN B 203 6.91 14.56 8.03
CA ASN B 203 5.86 14.72 9.03
C ASN B 203 5.82 13.53 9.97
N ARG B 204 6.11 12.32 9.46
CA ARG B 204 6.12 11.13 10.30
C ARG B 204 7.38 11.05 11.15
N SER B 205 8.54 11.32 10.54
CA SER B 205 9.79 11.24 11.30
C SER B 205 9.85 12.34 12.35
N ASN B 206 9.42 13.56 12.01
CA ASN B 206 9.35 14.62 13.00
C ASN B 206 8.55 14.18 14.22
N ALA B 207 7.44 13.48 13.99
CA ALA B 207 6.61 13.00 15.08
C ALA B 207 7.33 11.93 15.89
N TRP B 208 7.76 10.85 15.23
CA TRP B 208 8.32 9.71 15.95
C TRP B 208 9.60 10.09 16.68
N GLN B 209 10.49 10.80 16.00
CA GLN B 209 11.79 11.10 16.60
C GLN B 209 11.65 11.88 17.90
N ASN B 210 10.54 12.58 18.09
CA ASN B 210 10.34 13.43 19.26
C ASN B 210 9.14 12.99 20.10
N LEU B 211 8.56 11.84 19.82
CA LEU B 211 7.35 11.37 20.51
C LEU B 211 6.34 12.50 20.62
N MET B 212 5.87 12.93 19.45
CA MET B 212 5.13 14.17 19.30
C MET B 212 4.12 14.00 18.18
N TYR B 213 2.94 14.57 18.36
CA TYR B 213 1.99 14.67 17.26
C TYR B 213 2.48 15.72 16.27
N THR B 214 2.24 15.48 14.99
CA THR B 214 2.43 16.48 13.96
C THR B 214 1.11 16.71 13.25
N LEU B 215 0.73 17.98 13.09
CA LEU B 215 -0.45 18.38 12.35
C LEU B 215 0.02 19.28 11.22
N SER B 216 -0.15 18.84 9.98
CA SER B 216 0.48 19.50 8.86
C SER B 216 -0.51 19.63 7.70
N VAL B 217 -0.53 20.80 7.07
CA VAL B 217 -1.44 21.05 5.96
C VAL B 217 -0.78 22.02 5.00
N ASN B 218 -1.08 21.84 3.72
CA ASN B 218 -0.53 22.63 2.63
C ASN B 218 -1.66 23.28 1.85
N LEU B 219 -1.33 24.33 1.09
CA LEU B 219 -2.28 24.85 0.13
C LEU B 219 -2.62 23.78 -0.90
N ALA B 220 -3.76 23.95 -1.56
CA ALA B 220 -4.21 23.01 -2.58
C ALA B 220 -4.64 23.78 -3.83
N GLY B 221 -4.36 23.20 -4.99
CA GLY B 221 -4.85 23.72 -6.26
C GLY B 221 -3.75 24.40 -7.05
N TYR B 222 -4.17 24.99 -8.16
CA TYR B 222 -3.28 25.52 -9.18
C TYR B 222 -3.42 27.04 -9.23
N ASP B 223 -2.29 27.74 -9.11
CA ASP B 223 -2.27 29.20 -9.19
C ASP B 223 -1.75 29.69 -10.54
N GLY B 224 -1.65 28.81 -11.53
CA GLY B 224 -1.10 29.16 -12.82
C GLY B 224 0.38 28.88 -12.98
N VAL B 225 1.07 28.47 -11.92
CA VAL B 225 2.48 28.14 -11.97
C VAL B 225 2.69 26.75 -11.38
N PHE B 226 2.39 26.61 -10.09
CA PHE B 226 2.54 25.34 -9.38
C PHE B 226 1.17 24.78 -9.01
N TYR B 227 1.11 23.46 -8.85
CA TYR B 227 -0.02 22.82 -8.18
C TYR B 227 0.42 22.51 -6.76
N TYR B 228 -0.32 23.03 -5.78
CA TYR B 228 -0.05 22.79 -4.38
C TYR B 228 -0.88 21.59 -3.93
N PHE B 229 -0.25 20.67 -3.21
CA PHE B 229 -0.81 19.32 -3.07
C PHE B 229 -1.79 19.16 -1.91
N GLY B 230 -1.88 20.14 -1.01
CA GLY B 230 -2.80 20.03 0.11
C GLY B 230 -2.40 18.95 1.10
N GLU B 231 -3.01 17.76 0.96
CA GLU B 231 -2.62 16.56 1.69
C GLU B 231 -2.39 16.83 3.19
N GLY B 232 -3.44 17.32 3.84
CA GLY B 232 -3.41 17.45 5.28
C GLY B 232 -3.11 16.12 5.94
N GLN B 233 -2.32 16.15 7.01
CA GLN B 233 -1.77 14.93 7.58
C GLN B 233 -1.64 15.06 9.10
N VAL B 234 -2.13 14.05 9.81
CA VAL B 234 -1.98 13.94 11.26
C VAL B 234 -1.20 12.66 11.54
N CYS B 235 -0.12 12.79 12.31
CA CYS B 235 0.73 11.65 12.66
C CYS B 235 0.76 11.48 14.17
N ASN B 236 0.60 10.24 14.63
N ASN B 236 0.63 10.23 14.60
CA ASN B 236 0.71 10.00 16.06
CA ASN B 236 0.77 9.85 16.00
C ASN B 236 2.18 10.03 16.47
C ASN B 236 2.21 10.07 16.47
N PHE B 237 2.40 9.98 17.79
CA PHE B 237 3.75 10.13 18.34
C PHE B 237 4.65 8.93 18.06
N ASP B 238 4.12 7.84 17.51
N ASP B 238 4.10 7.85 17.50
CA ASP B 238 4.97 6.75 17.04
CA ASP B 238 4.90 6.72 17.03
C ASP B 238 5.20 6.81 15.54
C ASP B 238 5.25 6.83 15.56
N GLY B 239 4.96 7.96 14.93
CA GLY B 239 5.26 8.16 13.52
C GLY B 239 4.19 7.67 12.56
N THR B 240 3.09 7.12 13.06
CA THR B 240 2.05 6.56 12.20
C THR B 240 1.12 7.67 11.73
N THR B 241 0.83 7.67 10.43
CA THR B 241 -0.17 8.59 9.88
C THR B 241 -1.57 8.13 10.26
N LEU B 242 -2.31 8.99 10.96
CA LEU B 242 -3.66 8.65 11.40
C LEU B 242 -4.70 9.03 10.36
N VAL B 243 -4.54 10.19 9.71
CA VAL B 243 -5.46 10.62 8.66
C VAL B 243 -4.63 11.33 7.59
N GLN B 244 -5.04 11.15 6.34
CA GLN B 244 -4.30 11.70 5.20
C GLN B 244 -5.30 12.21 4.18
N GLY B 245 -5.27 13.52 3.93
CA GLY B 245 -6.07 14.07 2.86
C GLY B 245 -5.42 13.86 1.50
N HIS B 246 -6.22 14.05 0.45
CA HIS B 246 -5.71 13.98 -0.91
C HIS B 246 -5.33 15.38 -1.38
N ARG B 247 -5.50 15.68 -2.67
CA ARG B 247 -4.96 16.91 -3.25
C ARG B 247 -6.05 17.87 -3.71
N ASN B 248 -7.24 17.77 -3.14
CA ASN B 248 -8.32 18.62 -3.61
C ASN B 248 -8.42 19.89 -2.77
N PRO B 249 -8.64 21.05 -3.39
CA PRO B 249 -8.94 22.24 -2.60
C PRO B 249 -10.16 22.02 -1.72
N TRP B 250 -10.09 22.55 -0.51
CA TRP B 250 -11.18 22.57 0.47
C TRP B 250 -11.40 21.25 1.19
N GLU B 251 -10.55 20.23 0.98
CA GLU B 251 -10.60 19.06 1.85
C GLU B 251 -10.34 19.49 3.29
N ILE B 252 -11.18 18.99 4.20
CA ILE B 252 -11.01 19.22 5.63
C ILE B 252 -10.50 17.92 6.24
N VAL B 253 -9.31 17.97 6.82
CA VAL B 253 -8.70 16.81 7.46
C VAL B 253 -8.86 16.99 8.97
N THR B 254 -9.65 16.12 9.59
CA THR B 254 -9.91 16.19 11.01
C THR B 254 -9.34 14.96 11.72
N ALA B 255 -9.06 15.13 13.01
CA ALA B 255 -8.54 14.04 13.81
C ALA B 255 -8.66 14.41 15.28
N GLU B 256 -8.84 13.38 16.11
CA GLU B 256 -8.74 13.53 17.56
C GLU B 256 -7.28 13.32 17.97
N VAL B 257 -6.79 14.20 18.84
CA VAL B 257 -5.42 14.18 19.31
C VAL B 257 -5.43 14.08 20.83
N TYR B 258 -4.56 13.22 21.38
CA TYR B 258 -4.49 12.97 22.82
C TYR B 258 -3.10 13.37 23.30
N PRO B 259 -2.88 14.65 23.59
CA PRO B 259 -1.54 15.09 24.00
C PRO B 259 -0.99 14.36 25.21
N GLU B 260 -1.86 13.96 26.14
N GLU B 260 -1.86 13.94 26.14
CA GLU B 260 -1.38 13.33 27.38
CA GLU B 260 -1.39 13.34 27.37
C GLU B 260 -0.62 12.04 27.09
C GLU B 260 -0.66 12.02 27.14
N LEU B 261 -0.99 11.32 26.04
CA LEU B 261 -0.31 10.06 25.76
C LEU B 261 1.08 10.27 25.18
N ALA B 262 1.27 11.35 24.42
CA ALA B 262 2.63 11.75 24.06
C ALA B 262 3.44 12.08 25.30
N ASP B 263 2.84 12.83 26.23
CA ASP B 263 3.53 13.10 27.49
C ASP B 263 3.84 11.82 28.24
N GLN B 264 2.88 10.90 28.32
CA GLN B 264 3.09 9.65 29.05
C GLN B 264 4.18 8.82 28.39
N ALA B 265 4.17 8.73 27.06
CA ALA B 265 5.22 8.00 26.37
C ALA B 265 6.59 8.62 26.65
N ARG B 266 6.65 9.95 26.74
CA ARG B 266 7.92 10.61 27.05
C ARG B 266 8.34 10.33 28.48
N LEU B 267 7.39 10.27 29.41
CA LEU B 267 7.73 9.95 30.80
C LEU B 267 8.02 8.46 30.96
N GLY B 268 7.28 7.61 30.27
CA GLY B 268 7.52 6.18 30.30
C GLY B 268 8.53 5.75 29.26
N VAL B 290 26.20 9.54 29.66
CA VAL B 290 27.19 10.39 29.00
C VAL B 290 26.49 11.59 28.39
N LYS B 291 27.02 12.78 28.69
CA LYS B 291 26.36 14.03 28.36
C LYS B 291 27.09 14.88 27.32
N GLU B 292 28.36 14.62 27.08
N GLU B 292 28.37 14.62 27.09
CA GLU B 292 29.13 15.44 26.15
CA GLU B 292 29.12 15.46 26.16
C GLU B 292 28.74 15.14 24.71
C GLU B 292 28.69 15.16 24.72
N ASN B 293 28.87 16.15 23.86
CA ASN B 293 28.39 16.07 22.49
C ASN B 293 29.36 15.32 21.60
N PRO B 294 28.94 14.25 20.92
CA PRO B 294 29.83 13.57 19.97
C PRO B 294 29.73 14.07 18.53
N TYR B 295 28.86 15.04 18.24
CA TYR B 295 28.58 15.46 16.87
C TYR B 295 29.29 16.78 16.59
N THR B 296 30.20 16.76 15.60
CA THR B 296 30.89 17.97 15.21
C THR B 296 29.92 18.99 14.58
N PHE B 297 28.84 18.52 13.95
CA PHE B 297 27.92 19.46 13.31
C PHE B 297 27.11 20.23 14.35
N VAL B 298 26.81 19.61 15.49
CA VAL B 298 26.16 20.34 16.57
C VAL B 298 27.07 21.43 17.10
N LYS B 299 28.36 21.12 17.27
CA LYS B 299 29.30 22.12 17.75
C LYS B 299 29.41 23.29 16.79
N ASP B 300 29.64 23.00 15.50
CA ASP B 300 29.79 24.07 14.52
C ASP B 300 28.51 24.89 14.39
N LEU B 301 27.36 24.21 14.34
CA LEU B 301 26.08 24.91 14.23
C LEU B 301 25.87 25.86 15.41
N ALA B 302 26.08 25.37 16.62
CA ALA B 302 25.91 26.21 17.80
C ALA B 302 26.82 27.44 17.76
N GLU B 303 27.99 27.30 17.16
CA GLU B 303 28.97 28.38 17.12
C GLU B 303 28.86 29.23 15.85
N GLY B 304 27.86 29.00 15.01
CA GLY B 304 27.81 29.68 13.73
C GLY B 304 28.93 29.30 12.80
N LYS B 305 29.61 28.17 13.07
N LYS B 305 29.60 28.18 13.06
CA LYS B 305 30.74 27.70 12.28
CA LYS B 305 30.73 27.72 12.27
C LYS B 305 30.33 26.66 11.25
C LYS B 305 30.34 26.61 11.30
N TYR B 306 29.05 26.28 11.21
CA TYR B 306 28.59 25.21 10.32
C TYR B 306 28.85 25.54 8.86
N LYS B 307 29.60 24.67 8.20
CA LYS B 307 29.82 24.78 6.76
C LYS B 307 29.94 23.40 6.13
N SER C 12 29.69 3.87 -12.43
CA SER C 12 29.64 4.97 -11.47
C SER C 12 28.83 4.58 -10.23
N GLY C 13 28.72 3.28 -9.98
CA GLY C 13 28.01 2.78 -8.82
C GLY C 13 28.66 1.49 -8.35
N PHE C 14 28.10 0.93 -7.27
CA PHE C 14 28.59 -0.32 -6.72
C PHE C 14 27.41 -1.14 -6.22
N LEU C 15 27.61 -2.45 -6.19
CA LEU C 15 26.60 -3.41 -5.74
C LEU C 15 26.86 -3.77 -4.29
N THR C 16 25.81 -3.71 -3.47
CA THR C 16 25.88 -4.06 -2.07
C THR C 16 24.92 -5.21 -1.78
N ALA C 17 25.25 -5.98 -0.75
CA ALA C 17 24.40 -7.08 -0.29
C ALA C 17 24.21 -6.95 1.22
N LEU C 18 22.97 -6.84 1.65
CA LEU C 18 22.61 -6.78 3.06
C LEU C 18 22.13 -8.16 3.50
N ILE C 19 22.76 -8.70 4.53
CA ILE C 19 22.50 -10.08 4.96
C ILE C 19 21.60 -10.02 6.18
N GLN C 20 20.37 -10.55 6.04
CA GLN C 20 19.47 -10.68 7.18
C GLN C 20 19.89 -11.91 7.98
N TYR C 21 21.01 -11.74 8.68
CA TYR C 21 21.71 -12.85 9.31
C TYR C 21 20.86 -13.44 10.44
N PRO C 22 20.78 -14.77 10.54
CA PRO C 22 19.99 -15.36 11.64
C PRO C 22 20.57 -15.00 12.99
N VAL C 23 19.69 -14.62 13.91
CA VAL C 23 20.13 -14.22 15.25
C VAL C 23 20.86 -15.39 15.88
N PRO C 24 22.12 -15.23 16.30
CA PRO C 24 22.80 -16.33 17.00
C PRO C 24 22.24 -16.54 18.39
N VAL C 25 22.20 -17.80 18.82
CA VAL C 25 22.05 -18.16 20.22
C VAL C 25 23.40 -18.71 20.67
N VAL C 26 24.04 -18.02 21.59
CA VAL C 26 25.44 -18.23 21.91
C VAL C 26 25.56 -18.53 23.40
N GLU C 27 26.22 -19.64 23.73
CA GLU C 27 26.45 -20.04 25.10
C GLU C 27 27.91 -20.08 25.49
N SER C 28 28.83 -20.02 24.54
CA SER C 28 30.26 -20.07 24.83
C SER C 28 31.02 -19.46 23.67
N ARG C 29 32.32 -19.28 23.87
CA ARG C 29 33.15 -18.69 22.82
C ARG C 29 33.23 -19.60 21.61
N ALA C 30 33.09 -20.91 21.81
CA ALA C 30 33.05 -21.82 20.67
C ALA C 30 31.88 -21.48 19.74
N ASP C 31 30.74 -21.12 20.31
CA ASP C 31 29.60 -20.69 19.49
C ASP C 31 29.90 -19.40 18.76
N ILE C 32 30.69 -18.51 19.36
CA ILE C 32 31.13 -17.32 18.64
C ILE C 32 31.98 -17.70 17.45
N ASP C 33 32.88 -18.67 17.64
CA ASP C 33 33.69 -19.15 16.52
C ASP C 33 32.80 -19.78 15.45
N LYS C 34 31.67 -20.37 15.84
N LYS C 34 31.67 -20.37 15.84
CA LYS C 34 30.73 -20.92 14.86
CA LYS C 34 30.75 -20.92 14.85
C LYS C 34 30.15 -19.81 13.99
C LYS C 34 30.14 -19.81 14.00
N GLN C 35 29.77 -18.69 14.60
CA GLN C 35 29.24 -17.58 13.83
C GLN C 35 30.29 -17.00 12.90
N ILE C 36 31.51 -16.83 13.40
CA ILE C 36 32.62 -16.39 12.55
C ILE C 36 32.75 -17.31 11.35
N GLN C 37 32.82 -18.62 11.60
CA GLN C 37 32.82 -19.61 10.53
C GLN C 37 31.69 -19.35 9.54
N GLN C 38 30.47 -19.16 10.06
CA GLN C 38 29.31 -18.99 9.18
C GLN C 38 29.36 -17.66 8.43
N ILE C 39 29.80 -16.59 9.11
CA ILE C 39 29.89 -15.29 8.47
C ILE C 39 30.88 -15.34 7.31
N ILE C 40 32.06 -15.91 7.54
CA ILE C 40 33.08 -15.99 6.49
C ILE C 40 32.56 -16.79 5.31
N LYS C 41 31.89 -17.91 5.57
CA LYS C 41 31.31 -18.68 4.48
C LYS C 41 30.30 -17.85 3.70
N THR C 42 29.51 -17.03 4.39
CA THR C 42 28.54 -16.17 3.72
C THR C 42 29.23 -15.14 2.82
N ILE C 43 30.35 -14.58 3.28
CA ILE C 43 31.13 -13.67 2.45
C ILE C 43 31.47 -14.34 1.13
N HIS C 44 32.03 -15.55 1.20
CA HIS C 44 32.48 -16.24 -0.01
C HIS C 44 31.31 -16.64 -0.91
N SER C 45 30.23 -17.15 -0.32
CA SER C 45 29.12 -17.66 -1.13
C SER C 45 28.37 -16.50 -1.78
N THR C 46 28.15 -15.42 -1.05
CA THR C 46 27.43 -14.27 -1.61
C THR C 46 28.22 -13.65 -2.76
N LYS C 47 29.54 -13.53 -2.61
CA LYS C 47 30.36 -13.00 -3.68
C LYS C 47 30.32 -13.91 -4.90
N SER C 48 30.37 -15.23 -4.69
CA SER C 48 30.29 -16.16 -5.81
C SER C 48 28.93 -16.07 -6.50
N GLY C 49 27.87 -15.80 -5.74
CA GLY C 49 26.56 -15.66 -6.34
C GLY C 49 26.33 -14.31 -6.98
N TYR C 50 26.97 -13.27 -6.46
CA TYR C 50 26.86 -11.91 -6.99
C TYR C 50 28.27 -11.44 -7.36
N PRO C 51 28.78 -11.83 -8.53
CA PRO C 51 30.19 -11.54 -8.84
C PRO C 51 30.54 -10.06 -8.79
N GLY C 52 29.59 -9.16 -9.00
CA GLY C 52 29.86 -7.74 -8.94
C GLY C 52 29.80 -7.14 -7.56
N LEU C 53 29.57 -7.96 -6.54
CA LEU C 53 29.43 -7.45 -5.18
C LEU C 53 30.69 -6.73 -4.72
N GLU C 54 30.49 -5.58 -4.07
CA GLU C 54 31.59 -4.81 -3.50
C GLU C 54 31.41 -4.44 -2.03
N LEU C 55 30.21 -4.57 -1.47
CA LEU C 55 29.96 -4.21 -0.07
C LEU C 55 28.94 -5.18 0.50
N ILE C 56 29.38 -6.01 1.44
CA ILE C 56 28.50 -6.93 2.17
C ILE C 56 28.38 -6.46 3.60
N VAL C 57 27.15 -6.45 4.12
CA VAL C 57 26.84 -5.85 5.42
C VAL C 57 26.20 -6.91 6.30
N PHE C 58 26.77 -7.10 7.49
CA PHE C 58 26.20 -8.01 8.47
C PHE C 58 25.59 -7.24 9.64
N PRO C 59 24.55 -7.76 10.28
CA PRO C 59 23.84 -6.98 11.31
C PRO C 59 24.60 -6.92 12.63
N GLU C 60 24.13 -6.03 13.49
CA GLU C 60 24.60 -5.96 14.87
C GLU C 60 24.41 -7.31 15.56
N TYR C 61 25.37 -7.67 16.41
CA TYR C 61 25.35 -8.90 17.19
C TYR C 61 25.44 -10.16 16.34
N SER C 62 25.76 -10.04 15.05
CA SER C 62 25.84 -11.22 14.21
C SER C 62 27.01 -12.13 14.58
N THR C 63 28.00 -11.61 15.30
CA THR C 63 29.14 -12.42 15.70
C THR C 63 28.93 -13.09 17.06
N GLN C 64 28.30 -12.41 18.00
CA GLN C 64 28.25 -12.87 19.38
C GLN C 64 26.84 -13.08 19.94
N GLY C 65 25.80 -12.65 19.23
CA GLY C 65 24.44 -12.83 19.72
C GLY C 65 24.09 -11.85 20.84
N LEU C 66 22.96 -12.13 21.49
CA LEU C 66 22.44 -11.28 22.55
C LEU C 66 22.13 -12.12 23.79
N ASN C 67 23.11 -12.88 24.28
CA ASN C 67 22.96 -13.62 25.52
C ASN C 67 23.15 -12.62 26.66
N THR C 68 22.05 -12.01 27.09
CA THR C 68 22.11 -10.94 28.08
C THR C 68 22.63 -11.41 29.43
N LYS C 69 22.73 -12.72 29.66
N LYS C 69 22.75 -12.71 29.66
CA LYS C 69 23.31 -13.23 30.89
CA LYS C 69 23.30 -13.24 30.90
C LYS C 69 24.83 -13.28 30.86
C LYS C 69 24.81 -13.42 30.83
N LYS C 70 25.43 -13.26 29.66
CA LYS C 70 26.86 -13.47 29.51
C LYS C 70 27.55 -12.49 28.58
N TRP C 71 26.83 -11.57 27.93
CA TRP C 71 27.45 -10.81 26.85
C TRP C 71 28.43 -9.75 27.33
N THR C 72 28.63 -9.57 28.64
CA THR C 72 29.69 -8.72 29.15
C THR C 72 30.82 -9.50 29.80
N THR C 73 30.70 -10.83 29.88
CA THR C 73 31.82 -11.63 30.35
C THR C 73 32.95 -11.60 29.33
N GLU C 74 34.18 -11.79 29.83
CA GLU C 74 35.34 -11.72 28.94
C GLU C 74 35.28 -12.79 27.85
N GLU C 75 34.66 -13.93 28.15
CA GLU C 75 34.56 -15.00 27.15
C GLU C 75 33.76 -14.56 25.93
N PHE C 76 32.84 -13.61 26.10
CA PHE C 76 31.96 -13.17 25.03
C PHE C 76 32.47 -11.92 24.32
N LEU C 77 33.59 -11.36 24.75
CA LEU C 77 34.11 -10.10 24.20
C LEU C 77 35.39 -10.34 23.41
N CYS C 78 35.65 -9.44 22.47
CA CYS C 78 36.82 -9.52 21.60
C CYS C 78 37.55 -8.18 21.59
N THR C 79 38.81 -8.22 21.19
CA THR C 79 39.56 -7.00 20.91
C THR C 79 39.35 -6.60 19.45
N VAL C 80 39.36 -5.29 19.22
CA VAL C 80 39.18 -4.76 17.88
C VAL C 80 40.34 -3.82 17.54
N PRO C 81 41.25 -4.23 16.64
CA PRO C 81 41.27 -5.52 15.93
C PRO C 81 41.74 -6.69 16.81
N GLY C 82 41.48 -7.90 16.35
CA GLY C 82 41.89 -9.09 17.06
C GLY C 82 41.84 -10.30 16.14
N PRO C 83 41.97 -11.50 16.71
CA PRO C 83 41.93 -12.70 15.88
C PRO C 83 40.64 -12.86 15.10
N GLU C 84 39.52 -12.37 15.65
CA GLU C 84 38.24 -12.54 14.98
C GLU C 84 38.12 -11.62 13.78
N THR C 85 38.46 -10.34 13.95
CA THR C 85 38.45 -9.42 12.82
C THR C 85 39.54 -9.78 11.80
N ASP C 86 40.62 -10.41 12.26
CA ASP C 86 41.63 -10.91 11.32
C ASP C 86 41.02 -11.93 10.37
N LEU C 87 40.18 -12.82 10.90
CA LEU C 87 39.52 -13.80 10.04
C LEU C 87 38.53 -13.13 9.09
N PHE C 88 37.77 -12.15 9.60
CA PHE C 88 36.92 -11.35 8.71
C PHE C 88 37.75 -10.67 7.64
N ALA C 89 38.94 -10.18 8.01
CA ALA C 89 39.75 -9.42 7.05
C ALA C 89 40.27 -10.32 5.94
N GLU C 90 40.80 -11.50 6.30
CA GLU C 90 41.29 -12.42 5.28
C GLU C 90 40.19 -12.79 4.29
N ALA C 91 38.98 -13.01 4.79
CA ALA C 91 37.86 -13.33 3.90
C ALA C 91 37.59 -12.18 2.94
N CYS C 92 37.53 -10.95 3.47
CA CYS C 92 37.32 -9.79 2.60
C CYS C 92 38.41 -9.70 1.55
N LYS C 93 39.66 -10.01 1.92
CA LYS C 93 40.74 -9.96 0.94
C LYS C 93 40.61 -11.08 -0.08
N GLU C 94 40.19 -12.27 0.36
CA GLU C 94 40.07 -13.39 -0.56
C GLU C 94 38.93 -13.18 -1.56
N SER C 95 37.82 -12.61 -1.11
CA SER C 95 36.68 -12.34 -1.99
C SER C 95 36.73 -10.96 -2.63
N LYS C 96 37.69 -10.11 -2.24
N LYS C 96 37.67 -10.10 -2.22
CA LYS C 96 37.82 -8.77 -2.80
CA LYS C 96 37.82 -8.77 -2.80
C LYS C 96 36.52 -7.97 -2.64
C LYS C 96 36.53 -7.97 -2.65
N VAL C 97 36.10 -7.81 -1.39
CA VAL C 97 34.91 -7.04 -1.06
C VAL C 97 35.19 -6.17 0.16
N TYR C 98 34.42 -5.09 0.27
CA TYR C 98 34.28 -4.38 1.53
C TYR C 98 33.29 -5.12 2.41
N GLY C 99 33.62 -5.26 3.68
CA GLY C 99 32.74 -5.95 4.63
C GLY C 99 32.50 -5.12 5.87
N VAL C 100 31.27 -5.19 6.37
CA VAL C 100 30.86 -4.48 7.58
C VAL C 100 30.47 -5.52 8.62
N PHE C 101 31.08 -5.43 9.81
CA PHE C 101 30.95 -6.45 10.83
C PHE C 101 30.68 -5.83 12.19
N SER C 102 30.07 -6.63 13.05
CA SER C 102 29.70 -6.23 14.41
C SER C 102 30.52 -7.04 15.42
N ILE C 103 31.14 -6.33 16.37
CA ILE C 103 31.92 -6.98 17.42
C ILE C 103 31.63 -6.24 18.74
N MET C 104 31.20 -6.99 19.75
CA MET C 104 31.16 -6.48 21.11
C MET C 104 32.59 -6.47 21.64
N GLU C 105 33.10 -5.28 21.95
CA GLU C 105 34.53 -5.05 22.12
C GLU C 105 34.89 -4.94 23.60
N LYS C 106 35.90 -5.70 24.02
N LYS C 106 35.90 -5.70 24.00
CA LYS C 106 36.44 -5.57 25.35
CA LYS C 106 36.46 -5.58 25.34
C LYS C 106 36.99 -4.17 25.56
C LYS C 106 37.00 -4.16 25.56
N ASN C 107 36.62 -3.55 26.68
CA ASN C 107 37.10 -2.21 26.98
C ASN C 107 38.58 -2.28 27.32
N PRO C 108 39.46 -1.58 26.60
CA PRO C 108 40.89 -1.68 26.90
C PRO C 108 41.28 -1.32 28.32
N ASP C 109 40.47 -0.52 29.03
CA ASP C 109 40.78 -0.16 30.40
C ASP C 109 40.03 -1.02 31.42
N GLY C 110 39.37 -2.09 30.98
CA GLY C 110 38.64 -2.96 31.87
C GLY C 110 37.27 -2.46 32.26
N GLY C 111 36.84 -1.31 31.74
CA GLY C 111 35.52 -0.79 32.01
C GLY C 111 34.45 -1.52 31.22
N GLU C 112 33.28 -0.89 31.11
CA GLU C 112 32.18 -1.51 30.41
C GLU C 112 32.53 -1.66 28.92
N PRO C 113 32.15 -2.78 28.29
CA PRO C 113 32.56 -3.00 26.89
C PRO C 113 31.83 -2.08 25.93
N TYR C 114 32.37 -2.00 24.72
CA TYR C 114 31.81 -1.19 23.65
C TYR C 114 31.02 -2.05 22.68
N ASN C 115 30.05 -1.42 22.02
CA ASN C 115 29.32 -2.03 20.90
C ASN C 115 29.90 -1.45 19.62
N THR C 116 30.69 -2.25 18.91
CA THR C 116 31.59 -1.74 17.88
C THR C 116 31.25 -2.31 16.51
N ALA C 117 31.50 -1.50 15.48
CA ALA C 117 31.36 -1.89 14.09
C ALA C 117 32.63 -1.52 13.35
N VAL C 118 33.03 -2.35 12.38
CA VAL C 118 34.22 -2.10 11.59
C VAL C 118 33.89 -2.27 10.11
N ILE C 119 34.67 -1.60 9.26
CA ILE C 119 34.65 -1.83 7.82
C ILE C 119 36.04 -2.30 7.41
N ILE C 120 36.10 -3.42 6.69
CA ILE C 120 37.32 -3.92 6.12
C ILE C 120 37.24 -3.75 4.61
N ASP C 121 38.34 -3.32 3.99
CA ASP C 121 38.35 -3.10 2.56
C ASP C 121 38.80 -4.36 1.84
N PRO C 122 38.73 -4.38 0.50
CA PRO C 122 39.08 -5.60 -0.24
C PRO C 122 40.53 -6.05 -0.11
N GLN C 123 41.36 -5.28 0.58
N GLN C 123 41.36 -5.27 0.57
CA GLN C 123 42.74 -5.67 0.86
CA GLN C 123 42.75 -5.63 0.83
C GLN C 123 42.93 -6.22 2.26
C GLN C 123 42.95 -6.24 2.21
N GLY C 124 41.85 -6.41 3.02
N GLY C 124 41.88 -6.39 3.00
CA GLY C 124 41.95 -6.87 4.38
CA GLY C 124 42.01 -6.87 4.35
C GLY C 124 42.31 -5.80 5.39
C GLY C 124 42.37 -5.80 5.36
N GLU C 125 42.27 -4.53 5.00
CA GLU C 125 42.63 -3.43 5.88
C GLU C 125 41.38 -2.88 6.56
N MET C 126 41.46 -2.69 7.87
CA MET C 126 40.38 -2.07 8.63
C MET C 126 40.45 -0.56 8.41
N ILE C 127 39.51 -0.03 7.64
CA ILE C 127 39.52 1.39 7.29
C ILE C 127 38.55 2.21 8.11
N LEU C 128 37.72 1.58 8.95
CA LEU C 128 36.78 2.31 9.79
C LEU C 128 36.47 1.49 11.02
N LYS C 129 36.55 2.13 12.19
CA LYS C 129 36.15 1.54 13.45
C LYS C 129 35.23 2.51 14.16
N TYR C 130 34.06 2.03 14.57
CA TYR C 130 33.04 2.88 15.17
C TYR C 130 32.43 2.18 16.37
N ARG C 131 32.21 2.95 17.44
CA ARG C 131 31.60 2.44 18.66
C ARG C 131 30.25 3.12 18.85
N LYS C 132 29.23 2.32 19.12
CA LYS C 132 27.85 2.79 19.24
C LYS C 132 27.75 3.99 20.17
N LEU C 133 27.25 5.11 19.63
CA LEU C 133 27.14 6.33 20.41
C LEU C 133 25.91 6.33 21.32
N ASN C 134 24.86 5.60 20.96
CA ASN C 134 23.57 5.64 21.67
C ASN C 134 23.15 4.23 22.06
N PRO C 135 23.77 3.65 23.08
N PRO C 135 23.71 3.68 23.14
CA PRO C 135 23.35 2.31 23.54
CA PRO C 135 23.42 2.29 23.49
C PRO C 135 21.85 2.27 23.83
C PRO C 135 22.10 2.06 24.24
N TRP C 136 21.20 1.21 23.35
N TRP C 136 21.34 3.11 24.56
CA TRP C 136 19.75 1.06 23.47
CA TRP C 136 20.09 2.95 25.32
C TRP C 136 19.41 0.80 24.93
C TRP C 136 20.37 2.41 26.71
N VAL C 137 19.43 1.87 25.72
N VAL C 137 19.80 3.07 27.73
CA VAL C 137 19.11 1.78 27.14
CA VAL C 137 20.17 2.86 29.13
C VAL C 137 17.62 1.48 27.34
C VAL C 137 19.59 1.59 29.74
N PRO C 138 17.26 0.83 28.47
N PRO C 138 18.34 1.18 29.42
CA PRO C 138 18.14 0.34 29.53
CA PRO C 138 17.74 0.09 30.23
C PRO C 138 18.56 -1.12 29.37
C PRO C 138 18.31 -1.29 29.96
N VAL C 139 18.23 -1.75 28.23
N VAL C 139 18.30 -1.72 28.70
CA VAL C 139 18.49 -3.17 28.06
CA VAL C 139 18.64 -3.10 28.35
C VAL C 139 19.95 -3.45 27.69
C VAL C 139 20.13 -3.27 28.10
N GLU C 140 20.70 -2.44 27.23
CA GLU C 140 22.08 -2.66 26.80
C GLU C 140 23.07 -2.10 27.82
N PRO C 141 24.15 -2.82 28.10
CA PRO C 141 25.17 -2.33 29.05
C PRO C 141 26.36 -1.63 28.40
N TRP C 142 26.33 -1.39 27.09
CA TRP C 142 27.52 -0.93 26.38
C TRP C 142 27.83 0.52 26.75
N LYS C 143 29.12 0.82 26.84
CA LYS C 143 29.55 2.20 27.07
C LYS C 143 29.30 3.04 25.82
N ALA C 144 28.90 4.28 26.02
CA ALA C 144 28.67 5.19 24.89
C ALA C 144 29.95 5.35 24.10
N GLY C 145 29.85 5.26 22.78
CA GLY C 145 31.03 5.33 21.94
C GLY C 145 31.79 6.62 22.12
N ASP C 146 33.12 6.53 21.99
CA ASP C 146 34.02 7.65 22.23
C ASP C 146 34.87 7.99 21.01
N LEU C 147 34.50 7.51 19.83
CA LEU C 147 35.26 7.77 18.61
C LEU C 147 34.50 8.64 17.63
N GLY C 148 33.44 9.31 18.08
CA GLY C 148 32.63 10.07 17.16
C GLY C 148 32.02 9.18 16.10
N LEU C 149 31.74 9.78 14.94
CA LEU C 149 31.16 9.07 13.80
C LEU C 149 32.12 9.20 12.63
N PRO C 150 33.00 8.22 12.42
CA PRO C 150 33.99 8.35 11.36
C PRO C 150 33.40 8.09 9.98
N VAL C 151 34.15 8.53 8.97
CA VAL C 151 33.80 8.34 7.56
C VAL C 151 35.04 7.87 6.83
N CYS C 152 34.86 6.92 5.90
CA CYS C 152 35.96 6.36 5.14
C CYS C 152 35.60 6.34 3.66
N ASP C 153 36.61 6.07 2.83
CA ASP C 153 36.39 5.89 1.40
C ASP C 153 35.92 4.47 1.12
N GLY C 154 34.91 4.34 0.28
CA GLY C 154 34.36 3.05 -0.08
C GLY C 154 34.42 2.81 -1.57
N PRO C 155 33.69 1.82 -2.05
CA PRO C 155 33.68 1.50 -3.48
C PRO C 155 32.81 2.44 -4.27
N GLY C 156 33.08 2.49 -5.57
CA GLY C 156 32.25 3.26 -6.50
C GLY C 156 32.11 4.71 -6.12
N GLY C 157 33.19 5.32 -5.61
CA GLY C 157 33.17 6.74 -5.27
C GLY C 157 32.39 7.07 -4.02
N SER C 158 32.13 6.10 -3.16
CA SER C 158 31.33 6.33 -1.97
C SER C 158 32.18 6.85 -0.82
N LYS C 159 31.54 7.61 0.07
CA LYS C 159 32.08 7.96 1.37
C LYS C 159 31.18 7.31 2.40
N LEU C 160 31.70 6.30 3.10
CA LEU C 160 30.88 5.44 3.95
C LEU C 160 30.95 5.88 5.40
N ALA C 161 29.81 5.79 6.08
CA ALA C 161 29.74 5.88 7.53
C ALA C 161 28.84 4.76 8.04
N VAL C 162 29.13 4.30 9.25
CA VAL C 162 28.35 3.25 9.89
C VAL C 162 27.76 3.79 11.17
N CYS C 163 26.49 3.45 11.43
CA CYS C 163 25.87 3.66 12.73
C CYS C 163 25.21 2.35 13.15
N ILE C 164 24.86 2.28 14.42
CA ILE C 164 24.42 1.01 15.01
C ILE C 164 23.07 1.14 15.71
N QCS C 165 22.09 0.39 15.18
N QCS C 165 22.09 0.36 15.24
CA QCS C 165 20.81 0.16 15.80
CA QCS C 165 20.91 0.10 16.00
CB QCS C 165 21.04 -0.85 16.90
CB QCS C 165 21.37 -0.65 17.23
SG QCS C 165 19.51 -1.60 17.39
SG QCS C 165 20.13 -0.67 18.49
CD QCS C 165 19.79 -2.60 18.83
CD QCS C 165 19.39 -2.26 18.38
NE2 QCS C 165 18.86 -3.61 19.19
NE2 QCS C 165 18.65 -2.57 17.21
OE1 QCS C 165 20.78 -2.42 19.50
OE1 QCS C 165 19.51 -3.07 19.28
C QCS C 165 20.13 1.44 16.27
C QCS C 165 20.14 1.35 16.39
O QCS C 165 19.54 2.18 15.44
O QCS C 165 19.47 1.98 15.53
N HIS C 166 20.16 1.70 17.57
N HIS C 166 20.22 1.73 17.67
CA HIS C 166 19.48 2.86 18.14
CA HIS C 166 19.48 2.89 18.17
C HIS C 166 19.98 4.17 17.55
C HIS C 166 19.99 4.18 17.55
N ASP C 167 21.23 4.17 17.06
CA ASP C 167 21.80 5.37 16.48
C ASP C 167 20.92 5.96 15.39
N GLY C 168 20.33 5.12 14.54
CA GLY C 168 19.57 5.60 13.40
C GLY C 168 18.26 6.26 13.75
N MET C 169 17.82 6.15 15.01
CA MET C 169 16.62 6.85 15.46
C MET C 169 16.87 8.32 15.75
N PHE C 170 18.13 8.69 15.97
CA PHE C 170 18.48 10.08 16.24
C PHE C 170 18.84 10.74 14.93
N PRO C 171 18.09 11.74 14.45
CA PRO C 171 18.47 12.41 13.20
C PRO C 171 19.85 13.05 13.27
N GLU C 172 20.38 13.30 14.47
CA GLU C 172 21.71 13.88 14.60
C GLU C 172 22.79 12.95 14.08
N VAL C 173 22.58 11.64 14.18
CA VAL C 173 23.57 10.68 13.70
C VAL C 173 23.71 10.77 12.19
N ALA C 174 22.60 10.68 11.47
CA ALA C 174 22.65 10.78 10.01
C ALA C 174 23.16 12.14 9.58
N ARG C 175 22.77 13.19 10.30
CA ARG C 175 23.28 14.52 9.96
C ARG C 175 24.79 14.58 10.10
N GLU C 176 25.32 14.05 11.20
CA GLU C 176 26.76 14.07 11.42
C GLU C 176 27.48 13.30 10.32
N ALA C 177 26.92 12.17 9.89
CA ALA C 177 27.53 11.40 8.82
C ALA C 177 27.67 12.23 7.55
N ALA C 178 26.58 12.87 7.13
CA ALA C 178 26.63 13.71 5.94
C ALA C 178 27.55 14.91 6.15
N TYR C 179 27.53 15.49 7.35
CA TYR C 179 28.38 16.64 7.63
C TYR C 179 29.85 16.27 7.46
N LYS C 180 30.23 15.06 7.84
CA LYS C 180 31.59 14.56 7.65
C LYS C 180 31.86 14.13 6.21
N GLY C 181 30.89 14.25 5.31
CA GLY C 181 31.11 13.97 3.91
C GLY C 181 30.58 12.64 3.41
N ALA C 182 29.94 11.85 4.27
CA ALA C 182 29.43 10.56 3.86
C ALA C 182 28.26 10.75 2.88
N ASN C 183 28.27 10.00 1.78
CA ASN C 183 27.12 9.94 0.89
C ASN C 183 26.40 8.59 0.97
N VAL C 184 26.86 7.68 1.83
CA VAL C 184 26.19 6.42 2.11
C VAL C 184 26.29 6.16 3.61
N LEU C 185 25.15 6.01 4.27
CA LEU C 185 25.11 5.65 5.69
C LEU C 185 24.67 4.20 5.83
N ILE C 186 25.51 3.41 6.49
CA ILE C 186 25.22 2.00 6.76
C ILE C 186 24.69 1.87 8.18
N ARG C 187 23.60 1.12 8.33
CA ARG C 187 22.96 0.94 9.63
C ARG C 187 22.80 -0.56 9.90
N ILE C 188 23.58 -1.07 10.85
CA ILE C 188 23.49 -2.46 11.27
C ILE C 188 22.77 -2.51 12.61
N SER C 189 21.82 -3.43 12.74
CA SER C 189 20.86 -3.39 13.84
C SER C 189 20.55 -4.79 14.34
N GLY C 190 20.05 -4.84 15.58
CA GLY C 190 19.57 -6.07 16.19
C GLY C 190 18.26 -5.84 16.92
N TYR C 191 17.34 -5.16 16.25
CA TYR C 191 16.07 -4.77 16.84
C TYR C 191 15.10 -5.94 16.88
N SER C 192 14.19 -5.90 17.85
CA SER C 192 13.05 -6.79 17.85
C SER C 192 11.93 -6.20 16.98
N THR C 193 10.90 -7.01 16.74
CA THR C 193 9.80 -6.63 15.86
C THR C 193 9.08 -5.37 16.31
N GLN C 194 9.32 -4.89 17.54
CA GLN C 194 8.51 -3.81 18.09
C GLN C 194 8.68 -2.50 17.30
N VAL C 195 9.83 -2.30 16.66
CA VAL C 195 10.13 -1.02 16.02
C VAL C 195 10.34 -1.17 14.52
N SER C 196 9.74 -2.20 13.93
CA SER C 196 9.86 -2.42 12.49
C SER C 196 9.39 -1.19 11.71
N GLU C 197 8.22 -0.65 12.07
N GLU C 197 8.24 -0.63 12.09
CA GLU C 197 7.68 0.52 11.38
CA GLU C 197 7.71 0.51 11.35
C GLU C 197 8.63 1.71 11.52
C GLU C 197 8.60 1.74 11.52
N GLN C 198 9.05 2.02 12.74
CA GLN C 198 9.91 3.17 12.97
C GLN C 198 11.29 2.97 12.35
N TRP C 199 11.71 1.71 12.26
CA TRP C 199 12.94 1.37 11.55
C TRP C 199 12.88 1.81 10.09
N MET C 200 11.81 1.43 9.38
N MET C 200 11.81 1.43 9.39
CA MET C 200 11.68 1.81 7.98
CA MET C 200 11.66 1.81 7.99
C MET C 200 11.52 3.32 7.81
C MET C 200 11.53 3.31 7.83
N LEU C 201 10.83 3.96 8.75
CA LEU C 201 10.58 5.39 8.64
C LEU C 201 11.88 6.19 8.72
N THR C 202 12.72 5.89 9.70
CA THR C 202 13.93 6.68 9.92
C THR C 202 14.99 6.37 8.88
N ASN C 203 15.01 5.15 8.33
CA ASN C 203 15.93 4.85 7.25
C ASN C 203 15.66 5.75 6.04
N ARG C 204 14.37 6.04 5.79
CA ARG C 204 14.02 6.92 4.68
C ARG C 204 14.26 8.38 5.03
N SER C 205 13.96 8.80 6.26
CA SER C 205 14.15 10.19 6.64
C SER C 205 15.63 10.52 6.80
N ASN C 206 16.42 9.57 7.30
CA ASN C 206 17.87 9.75 7.33
C ASN C 206 18.42 10.01 5.93
N ALA C 207 17.87 9.33 4.94
CA ALA C 207 18.34 9.49 3.56
C ALA C 207 17.95 10.86 3.00
N TRP C 208 16.67 11.20 3.08
CA TRP C 208 16.19 12.41 2.43
C TRP C 208 16.78 13.66 3.06
N GLN C 209 16.78 13.75 4.39
CA GLN C 209 17.19 14.97 5.06
C GLN C 209 18.64 15.32 4.76
N ASN C 210 19.45 14.35 4.35
CA ASN C 210 20.87 14.59 4.09
C ASN C 210 21.28 14.28 2.66
N LEU C 211 20.32 14.06 1.75
CA LEU C 211 20.62 13.68 0.38
C LEU C 211 21.68 12.59 0.34
N MET C 212 21.30 11.43 0.87
CA MET C 212 22.24 10.39 1.22
C MET C 212 21.58 9.04 1.06
N TYR C 213 22.31 8.08 0.51
CA TYR C 213 21.83 6.70 0.53
C TYR C 213 21.91 6.16 1.94
N THR C 214 20.97 5.29 2.28
CA THR C 214 21.03 4.52 3.50
C THR C 214 20.90 3.04 3.18
N LEU C 215 21.83 2.25 3.72
CA LEU C 215 21.82 0.79 3.61
C LEU C 215 21.70 0.26 5.03
N SER C 216 20.62 -0.46 5.31
CA SER C 216 20.32 -0.85 6.68
C SER C 216 19.85 -2.30 6.71
N VAL C 217 20.29 -3.03 7.74
CA VAL C 217 19.89 -4.44 7.87
C VAL C 217 19.89 -4.82 9.34
N ASN C 218 18.92 -5.66 9.70
CA ASN C 218 18.72 -6.14 11.06
C ASN C 218 18.90 -7.65 11.09
N LEU C 219 19.20 -8.19 12.27
CA LEU C 219 19.13 -9.63 12.46
C LEU C 219 17.71 -10.13 12.17
N ALA C 220 17.61 -11.42 11.89
CA ALA C 220 16.34 -12.05 11.60
C ALA C 220 16.22 -13.37 12.35
N GLY C 221 15.01 -13.69 12.77
CA GLY C 221 14.73 -14.94 13.43
C GLY C 221 14.50 -14.78 14.93
N TYR C 222 14.37 -15.92 15.59
CA TYR C 222 13.97 -15.99 16.99
C TYR C 222 15.09 -16.62 17.79
N ASP C 223 15.47 -15.98 18.90
CA ASP C 223 16.54 -16.47 19.76
C ASP C 223 16.03 -17.00 21.09
N GLY C 224 14.73 -17.27 21.21
CA GLY C 224 14.16 -17.70 22.47
C GLY C 224 13.56 -16.59 23.30
N VAL C 225 13.80 -15.33 22.95
CA VAL C 225 13.28 -14.20 23.69
C VAL C 225 12.58 -13.24 22.73
N PHE C 226 13.32 -12.75 21.74
CA PHE C 226 12.81 -11.81 20.77
C PHE C 226 12.80 -12.41 19.37
N TYR C 227 11.93 -11.91 18.53
CA TYR C 227 12.03 -12.12 17.09
C TYR C 227 12.60 -10.85 16.46
N TYR C 228 13.68 -11.01 15.71
CA TYR C 228 14.34 -9.91 15.05
C TYR C 228 13.85 -9.86 13.61
N PHE C 229 13.51 -8.66 13.12
CA PHE C 229 12.66 -8.52 11.94
C PHE C 229 13.41 -8.55 10.62
N GLY C 230 14.74 -8.52 10.62
CA GLY C 230 15.49 -8.53 9.38
C GLY C 230 15.28 -7.28 8.55
N GLU C 231 14.43 -7.38 7.52
CA GLU C 231 13.95 -6.23 6.75
C GLU C 231 15.09 -5.32 6.29
N GLY C 232 16.03 -5.90 5.56
CA GLY C 232 17.05 -5.09 4.92
C GLY C 232 16.43 -4.06 3.99
N GLN C 233 16.98 -2.85 4.01
CA GLN C 233 16.36 -1.72 3.32
C GLN C 233 17.41 -0.84 2.66
N VAL C 234 17.19 -0.52 1.39
CA VAL C 234 18.00 0.45 0.65
C VAL C 234 17.11 1.62 0.31
N CYS C 235 17.55 2.83 0.66
CA CYS C 235 16.81 4.04 0.38
C CYS C 235 17.62 4.98 -0.50
N ASN C 236 16.96 5.55 -1.50
CA ASN C 236 17.56 6.58 -2.33
C ASN C 236 17.75 7.86 -1.53
N PHE C 237 18.56 8.78 -2.06
CA PHE C 237 18.82 10.04 -1.38
C PHE C 237 17.62 10.98 -1.38
N ASP C 238 16.54 10.63 -2.07
N ASP C 238 16.54 10.63 -2.07
CA ASP C 238 15.28 11.37 -1.98
CA ASP C 238 15.28 11.37 -1.98
C ASP C 238 14.33 10.79 -0.95
C ASP C 238 14.34 10.80 -0.93
N GLY C 239 14.77 9.79 -0.19
CA GLY C 239 13.94 9.17 0.83
C GLY C 239 13.10 8.00 0.35
N THR C 240 13.22 7.61 -0.92
CA THR C 240 12.42 6.52 -1.47
C THR C 240 13.12 5.19 -1.21
N THR C 241 12.35 4.21 -0.75
CA THR C 241 12.86 2.85 -0.56
C THR C 241 12.99 2.17 -1.91
N LEU C 242 14.21 1.74 -2.24
CA LEU C 242 14.45 1.04 -3.49
C LEU C 242 14.27 -0.47 -3.36
N VAL C 243 14.75 -1.06 -2.26
CA VAL C 243 14.61 -2.50 -2.03
C VAL C 243 14.26 -2.71 -0.58
N GLN C 244 13.40 -3.70 -0.33
CA GLN C 244 12.90 -3.98 1.01
C GLN C 244 12.80 -5.48 1.19
N GLY C 245 13.54 -6.01 2.16
CA GLY C 245 13.42 -7.41 2.53
C GLY C 245 12.30 -7.66 3.53
N HIS C 246 11.93 -8.93 3.66
CA HIS C 246 10.92 -9.32 4.64
C HIS C 246 11.59 -9.74 5.94
N ARG C 247 11.00 -10.68 6.69
CA ARG C 247 11.48 -11.00 8.03
C ARG C 247 12.12 -12.38 8.11
N ASN C 248 12.56 -12.94 6.99
CA ASN C 248 13.08 -14.30 7.00
C ASN C 248 14.59 -14.30 7.26
N PRO C 249 15.09 -15.23 8.07
CA PRO C 249 16.54 -15.41 8.18
C PRO C 249 17.14 -15.74 6.82
N TRP C 250 18.32 -15.18 6.57
CA TRP C 250 19.16 -15.42 5.40
C TRP C 250 18.67 -14.71 4.14
N GLU C 251 17.60 -13.92 4.20
CA GLU C 251 17.29 -13.06 3.06
C GLU C 251 18.48 -12.18 2.74
N ILE C 252 18.79 -12.05 1.45
CA ILE C 252 19.87 -11.19 0.98
C ILE C 252 19.24 -10.06 0.16
N VAL C 253 19.42 -8.83 0.65
CA VAL C 253 18.88 -7.63 0.00
C VAL C 253 20.03 -6.96 -0.75
N THR C 254 19.90 -6.88 -2.07
CA THR C 254 20.94 -6.31 -2.93
C THR C 254 20.41 -5.08 -3.64
N ALA C 255 21.33 -4.18 -3.99
CA ALA C 255 20.98 -2.98 -4.73
C ALA C 255 22.23 -2.34 -5.30
N GLU C 256 22.08 -1.71 -6.46
CA GLU C 256 23.12 -0.88 -7.03
C GLU C 256 22.96 0.55 -6.55
N VAL C 257 24.05 1.16 -6.11
CA VAL C 257 24.05 2.48 -5.50
C VAL C 257 25.01 3.37 -6.29
N TYR C 258 24.62 4.63 -6.50
CA TYR C 258 25.37 5.58 -7.33
C TYR C 258 25.73 6.80 -6.48
N PRO C 259 26.81 6.71 -5.69
CA PRO C 259 27.12 7.80 -4.74
C PRO C 259 27.25 9.17 -5.40
N GLU C 260 27.80 9.24 -6.61
N GLU C 260 27.79 9.26 -6.62
CA GLU C 260 28.00 10.53 -7.26
CA GLU C 260 28.00 10.57 -7.22
C GLU C 260 26.68 11.26 -7.48
C GLU C 260 26.69 11.26 -7.56
N LEU C 261 25.59 10.53 -7.67
CA LEU C 261 24.29 11.17 -7.88
C LEU C 261 23.83 11.89 -6.62
N ALA C 262 24.14 11.32 -5.45
CA ALA C 262 23.89 12.04 -4.20
C ALA C 262 24.79 13.27 -4.09
N ASP C 263 26.06 13.13 -4.48
CA ASP C 263 26.95 14.28 -4.51
C ASP C 263 26.40 15.36 -5.43
N GLN C 264 26.00 14.98 -6.65
CA GLN C 264 25.47 15.95 -7.58
C GLN C 264 24.24 16.66 -7.02
N ALA C 265 23.35 15.90 -6.36
CA ALA C 265 22.17 16.51 -5.78
C ALA C 265 22.53 17.55 -4.73
N ARG C 266 23.52 17.23 -3.88
CA ARG C 266 23.95 18.18 -2.86
C ARG C 266 24.57 19.42 -3.48
N LEU C 267 25.38 19.24 -4.53
CA LEU C 267 26.01 20.39 -5.18
C LEU C 267 24.99 21.21 -5.96
N GLY C 268 23.98 20.57 -6.52
CA GLY C 268 22.93 21.27 -7.26
C GLY C 268 21.69 21.52 -6.42
N LYS C 291 23.71 32.99 10.02
CA LYS C 291 24.56 31.89 10.46
C LYS C 291 24.31 31.53 11.91
N GLU C 292 23.73 32.47 12.67
CA GLU C 292 23.53 32.25 14.09
C GLU C 292 22.58 31.08 14.33
N ASN C 293 22.71 30.48 15.52
CA ASN C 293 21.95 29.29 15.87
C ASN C 293 20.64 29.69 16.54
N PRO C 294 19.48 29.32 15.99
CA PRO C 294 18.21 29.60 16.66
C PRO C 294 17.68 28.48 17.55
N TYR C 295 18.41 27.38 17.67
CA TYR C 295 17.93 26.20 18.38
C TYR C 295 18.62 26.10 19.74
N THR C 296 17.83 26.17 20.81
CA THR C 296 18.38 26.05 22.16
C THR C 296 18.96 24.67 22.42
N PHE C 297 18.34 23.62 21.87
CA PHE C 297 18.85 22.27 22.09
C PHE C 297 20.21 22.08 21.43
N VAL C 298 20.45 22.73 20.29
CA VAL C 298 21.77 22.69 19.68
C VAL C 298 22.79 23.37 20.59
N LYS C 299 22.41 24.49 21.21
CA LYS C 299 23.30 25.15 22.16
C LYS C 299 23.57 24.26 23.36
N ASP C 300 22.50 23.76 24.00
CA ASP C 300 22.67 22.94 25.20
C ASP C 300 23.44 21.66 24.89
N LEU C 301 23.17 21.03 23.76
CA LEU C 301 23.89 19.81 23.40
C LEU C 301 25.37 20.10 23.19
N ALA C 302 25.69 21.14 22.41
CA ALA C 302 27.08 21.51 22.20
C ALA C 302 27.77 21.80 23.53
N GLU C 303 27.05 22.43 24.45
CA GLU C 303 27.58 22.73 25.79
C GLU C 303 27.58 21.53 26.72
N GLY C 304 27.09 20.37 26.27
CA GLY C 304 26.98 19.23 27.14
C GLY C 304 25.96 19.40 28.26
N LYS C 305 25.06 20.36 28.13
CA LYS C 305 24.04 20.64 29.13
C LYS C 305 22.63 20.28 28.64
N TYR C 306 22.52 19.38 27.67
CA TYR C 306 21.23 18.98 27.15
C TYR C 306 20.39 18.34 28.25
N LYS C 307 19.37 19.06 28.72
CA LYS C 307 18.47 18.55 29.75
C LYS C 307 17.07 18.34 29.19
N SER D 12 -1.97 4.40 31.69
CA SER D 12 -3.41 4.21 31.52
C SER D 12 -3.73 3.14 30.47
N GLY D 13 -2.71 2.40 30.06
CA GLY D 13 -2.89 1.31 29.12
C GLY D 13 -2.15 0.06 29.56
N PHE D 14 -2.07 -0.94 28.69
CA PHE D 14 -1.33 -2.15 29.01
C PHE D 14 -0.65 -2.67 27.75
N LEU D 15 0.45 -3.39 27.97
CA LEU D 15 1.25 -3.96 26.89
C LEU D 15 0.84 -5.41 26.69
N THR D 16 0.58 -5.78 25.44
CA THR D 16 0.23 -7.15 25.09
C THR D 16 1.27 -7.70 24.12
N ALA D 17 1.38 -9.03 24.11
CA ALA D 17 2.28 -9.72 23.20
C ALA D 17 1.51 -10.86 22.55
N LEU D 18 1.48 -10.88 21.22
CA LEU D 18 0.81 -11.93 20.46
C LEU D 18 1.87 -12.84 19.87
N ILE D 19 1.75 -14.14 20.13
CA ILE D 19 2.77 -15.12 19.79
C ILE D 19 2.33 -15.86 18.54
N GLN D 20 3.10 -15.70 17.45
CA GLN D 20 2.85 -16.45 16.22
C GLN D 20 3.48 -17.84 16.41
N TYR D 21 2.83 -18.61 17.27
CA TYR D 21 3.39 -19.88 17.73
C TYR D 21 3.52 -20.84 16.56
N PRO D 22 4.62 -21.56 16.45
CA PRO D 22 4.75 -22.53 15.34
C PRO D 22 3.71 -23.63 15.46
N VAL D 23 3.05 -23.93 14.35
CA VAL D 23 2.00 -24.95 14.38
C VAL D 23 2.59 -26.26 14.90
N PRO D 24 2.01 -26.88 15.93
CA PRO D 24 2.53 -28.17 16.39
C PRO D 24 2.25 -29.28 15.39
N VAL D 25 3.20 -30.20 15.27
CA VAL D 25 2.99 -31.47 14.60
C VAL D 25 2.96 -32.52 15.70
N VAL D 26 1.77 -33.02 16.02
CA VAL D 26 1.54 -33.82 17.21
C VAL D 26 1.12 -35.21 16.77
N GLU D 27 1.85 -36.22 17.24
CA GLU D 27 1.53 -37.61 16.96
C GLU D 27 1.15 -38.41 18.19
N SER D 28 1.37 -37.88 19.39
CA SER D 28 1.08 -38.61 20.62
C SER D 28 0.94 -37.61 21.75
N ARG D 29 0.59 -38.12 22.94
CA ARG D 29 0.53 -37.29 24.13
C ARG D 29 1.89 -36.66 24.44
N ALA D 30 2.98 -37.37 24.14
CA ALA D 30 4.30 -36.84 24.42
C ALA D 30 4.54 -35.53 23.69
N ASP D 31 4.06 -35.43 22.45
CA ASP D 31 4.21 -34.20 21.70
C ASP D 31 3.40 -33.08 22.34
N ILE D 32 2.21 -33.40 22.86
CA ILE D 32 1.41 -32.40 23.57
C ILE D 32 2.17 -31.87 24.78
N ASP D 33 2.79 -32.78 25.54
CA ASP D 33 3.57 -32.35 26.70
C ASP D 33 4.69 -31.42 26.28
N LYS D 34 5.31 -31.68 25.12
N LYS D 34 5.30 -31.67 25.11
CA LYS D 34 6.36 -30.79 24.64
CA LYS D 34 6.37 -30.80 24.63
C LYS D 34 5.82 -29.39 24.38
C LYS D 34 5.84 -29.40 24.34
N GLN D 35 4.62 -29.30 23.78
CA GLN D 35 4.04 -27.98 23.52
C GLN D 35 3.75 -27.25 24.81
N ILE D 36 3.29 -27.96 25.84
CA ILE D 36 2.99 -27.34 27.12
C ILE D 36 4.25 -26.69 27.70
N GLN D 37 5.36 -27.44 27.72
N GLN D 37 5.36 -27.44 27.72
CA GLN D 37 6.60 -26.88 28.26
CA GLN D 37 6.60 -26.90 28.25
C GLN D 37 7.12 -25.75 27.38
C GLN D 37 7.12 -25.75 27.38
N GLN D 38 6.94 -25.86 26.06
CA GLN D 38 7.38 -24.79 25.17
C GLN D 38 6.54 -23.54 25.35
N ILE D 39 5.22 -23.70 25.55
CA ILE D 39 4.37 -22.55 25.83
C ILE D 39 4.78 -21.90 27.14
N ILE D 40 5.05 -22.70 28.17
CA ILE D 40 5.44 -22.16 29.47
C ILE D 40 6.76 -21.42 29.37
N LYS D 41 7.74 -22.02 28.66
CA LYS D 41 9.00 -21.33 28.43
C LYS D 41 8.79 -20.00 27.73
N THR D 42 7.83 -19.94 26.80
CA THR D 42 7.58 -18.70 26.07
C THR D 42 7.00 -17.63 26.98
N ILE D 43 6.13 -18.03 27.92
CA ILE D 43 5.59 -17.06 28.88
C ILE D 43 6.73 -16.38 29.63
N HIS D 44 7.63 -17.17 30.21
CA HIS D 44 8.69 -16.61 31.05
C HIS D 44 9.68 -15.78 30.22
N SER D 45 10.07 -16.29 29.05
CA SER D 45 11.08 -15.59 28.26
C SER D 45 10.51 -14.30 27.67
N THR D 46 9.25 -14.32 27.24
CA THR D 46 8.64 -13.11 26.70
C THR D 46 8.48 -12.05 27.77
N LYS D 47 8.12 -12.46 28.99
CA LYS D 47 8.05 -11.51 30.09
C LYS D 47 9.42 -10.93 30.40
N SER D 48 10.46 -11.76 30.36
N SER D 48 10.46 -11.76 30.36
CA SER D 48 11.81 -11.27 30.62
CA SER D 48 11.81 -11.27 30.62
C SER D 48 12.25 -10.27 29.55
C SER D 48 12.23 -10.26 29.56
N GLY D 49 11.83 -10.48 28.31
CA GLY D 49 12.19 -9.57 27.24
C GLY D 49 11.38 -8.29 27.26
N TYR D 50 10.11 -8.37 27.68
CA TYR D 50 9.21 -7.21 27.76
C TYR D 50 8.72 -7.10 29.20
N PRO D 51 9.51 -6.51 30.10
CA PRO D 51 9.12 -6.50 31.52
C PRO D 51 7.82 -5.78 31.80
N GLY D 52 7.34 -4.91 30.90
CA GLY D 52 6.04 -4.30 31.08
C GLY D 52 4.88 -5.13 30.61
N LEU D 53 5.13 -6.34 30.12
CA LEU D 53 4.08 -7.16 29.54
C LEU D 53 3.03 -7.51 30.59
N GLU D 54 1.76 -7.45 30.18
CA GLU D 54 0.64 -7.85 31.02
C GLU D 54 -0.31 -8.86 30.38
N LEU D 55 -0.30 -9.02 29.05
CA LEU D 55 -1.21 -9.94 28.38
C LEU D 55 -0.45 -10.64 27.26
N ILE D 56 -0.31 -11.96 27.38
CA ILE D 56 0.33 -12.78 26.34
C ILE D 56 -0.73 -13.71 25.75
N VAL D 57 -0.74 -13.82 24.43
CA VAL D 57 -1.81 -14.49 23.71
C VAL D 57 -1.21 -15.57 22.81
N PHE D 58 -1.66 -16.81 23.00
CA PHE D 58 -1.23 -17.92 22.15
C PHE D 58 -2.35 -18.32 21.19
N PRO D 59 -2.03 -18.86 20.02
CA PRO D 59 -3.07 -19.14 19.02
C PRO D 59 -3.85 -20.42 19.32
N GLU D 60 -4.93 -20.59 18.56
CA GLU D 60 -5.71 -21.82 18.57
C GLU D 60 -4.83 -23.01 18.20
N TYR D 61 -5.08 -24.15 18.84
CA TYR D 61 -4.38 -25.41 18.61
C TYR D 61 -2.90 -25.35 18.99
N SER D 62 -2.46 -24.32 19.70
CA SER D 62 -1.05 -24.23 20.08
C SER D 62 -0.63 -25.32 21.05
N THR D 63 -1.58 -25.90 21.80
CA THR D 63 -1.24 -26.93 22.77
C THR D 63 -1.22 -28.33 22.16
N GLN D 64 -2.14 -28.63 21.24
CA GLN D 64 -2.36 -30.00 20.79
C GLN D 64 -2.25 -30.19 19.28
N GLY D 65 -2.14 -29.13 18.49
CA GLY D 65 -1.97 -29.27 17.06
C GLY D 65 -3.27 -29.56 16.34
N LEU D 66 -3.14 -29.95 15.08
CA LEU D 66 -4.27 -30.26 14.20
C LEU D 66 -4.07 -31.61 13.52
N ASN D 67 -3.84 -32.65 14.30
CA ASN D 67 -3.79 -34.01 13.77
C ASN D 67 -5.23 -34.48 13.59
N THR D 68 -5.77 -34.25 12.39
CA THR D 68 -7.18 -34.51 12.14
C THR D 68 -7.57 -35.98 12.27
N LYS D 69 -6.59 -36.88 12.37
N LYS D 69 -6.58 -36.87 12.37
CA LYS D 69 -6.85 -38.30 12.54
CA LYS D 69 -6.84 -38.29 12.53
C LYS D 69 -6.80 -38.75 13.98
C LYS D 69 -6.95 -38.71 13.99
N LYS D 70 -6.43 -37.88 14.91
N LYS D 70 -6.45 -37.91 14.93
CA LYS D 70 -6.35 -38.23 16.32
CA LYS D 70 -6.45 -38.27 16.34
C LYS D 70 -6.85 -37.15 17.26
C LYS D 70 -6.92 -37.16 17.27
N TRP D 71 -7.22 -35.97 16.76
CA TRP D 71 -7.51 -34.85 17.65
C TRP D 71 -8.82 -34.97 18.41
N THR D 72 -9.64 -36.00 18.15
CA THR D 72 -10.81 -36.27 18.98
C THR D 72 -10.61 -37.47 19.90
N THR D 73 -9.47 -38.15 19.82
CA THR D 73 -9.20 -39.27 20.71
C THR D 73 -8.91 -38.77 22.11
N GLU D 74 -9.18 -39.62 23.11
CA GLU D 74 -9.03 -39.22 24.50
C GLU D 74 -7.60 -38.77 24.78
N GLU D 75 -6.62 -39.44 24.16
CA GLU D 75 -5.22 -39.09 24.40
C GLU D 75 -4.92 -37.65 23.99
N PHE D 76 -5.65 -37.11 23.01
CA PHE D 76 -5.39 -35.79 22.47
C PHE D 76 -6.23 -34.70 23.12
N LEU D 77 -7.05 -35.03 24.11
CA LEU D 77 -7.96 -34.07 24.73
C LEU D 77 -7.58 -33.86 26.18
N CYS D 78 -8.00 -32.73 26.73
CA CYS D 78 -7.77 -32.38 28.13
C CYS D 78 -9.07 -31.90 28.75
N THR D 79 -9.10 -31.90 30.08
CA THR D 79 -10.19 -31.28 30.82
C THR D 79 -9.82 -29.82 31.12
N VAL D 80 -10.85 -28.98 31.22
CA VAL D 80 -10.64 -27.57 31.51
C VAL D 80 -11.53 -27.14 32.69
N PRO D 81 -10.92 -26.82 33.84
CA PRO D 81 -9.48 -26.85 34.10
C PRO D 81 -8.93 -28.26 34.24
N GLY D 82 -7.61 -28.38 34.24
CA GLY D 82 -6.95 -29.66 34.41
C GLY D 82 -5.48 -29.48 34.67
N PRO D 83 -4.72 -30.58 34.64
CA PRO D 83 -3.27 -30.45 34.87
C PRO D 83 -2.60 -29.49 33.90
N GLU D 84 -3.05 -29.45 32.65
CA GLU D 84 -2.40 -28.62 31.66
C GLU D 84 -2.65 -27.13 31.94
N THR D 85 -3.91 -26.77 32.20
CA THR D 85 -4.20 -25.38 32.55
C THR D 85 -3.59 -25.00 33.90
N ASP D 86 -3.42 -25.98 34.80
CA ASP D 86 -2.76 -25.69 36.06
C ASP D 86 -1.32 -25.26 35.83
N LEU D 87 -0.61 -25.93 34.92
CA LEU D 87 0.76 -25.54 34.61
C LEU D 87 0.78 -24.16 33.94
N PHE D 88 -0.14 -23.91 33.01
CA PHE D 88 -0.27 -22.57 32.46
C PHE D 88 -0.53 -21.55 33.57
N ALA D 89 -1.32 -21.94 34.57
CA ALA D 89 -1.67 -21.02 35.65
C ALA D 89 -0.46 -20.70 36.50
N GLU D 90 0.36 -21.70 36.82
N GLU D 90 0.36 -21.71 36.83
CA GLU D 90 1.57 -21.46 37.60
CA GLU D 90 1.57 -21.46 37.60
C GLU D 90 2.52 -20.53 36.85
C GLU D 90 2.51 -20.53 36.85
N ALA D 91 2.62 -20.71 35.53
CA ALA D 91 3.50 -19.86 34.75
C ALA D 91 3.01 -18.41 34.75
N CYS D 92 1.71 -18.21 34.53
CA CYS D 92 1.15 -16.87 34.58
C CYS D 92 1.37 -16.24 35.95
N LYS D 93 1.31 -17.05 37.00
CA LYS D 93 1.49 -16.53 38.35
C LYS D 93 2.94 -16.16 38.61
N GLU D 94 3.88 -16.95 38.07
CA GLU D 94 5.30 -16.65 38.29
C GLU D 94 5.74 -15.44 37.46
N SER D 95 5.20 -15.29 36.25
CA SER D 95 5.53 -14.16 35.40
C SER D 95 4.62 -12.96 35.62
N LYS D 96 3.56 -13.11 36.42
N LYS D 96 3.56 -13.10 36.42
CA LYS D 96 2.65 -12.00 36.72
CA LYS D 96 2.66 -11.98 36.72
C LYS D 96 2.08 -11.41 35.43
C LYS D 96 2.08 -11.41 35.43
N VAL D 97 1.48 -12.27 34.61
CA VAL D 97 0.85 -11.86 33.37
C VAL D 97 -0.51 -12.53 33.23
N TYR D 98 -1.38 -11.89 32.47
CA TYR D 98 -2.56 -12.56 31.95
C TYR D 98 -2.16 -13.40 30.74
N GLY D 99 -2.70 -14.60 30.65
CA GLY D 99 -2.42 -15.48 29.54
C GLY D 99 -3.68 -16.01 28.90
N VAL D 100 -3.63 -16.18 27.57
CA VAL D 100 -4.73 -16.73 26.79
C VAL D 100 -4.24 -18.01 26.13
N PHE D 101 -4.95 -19.11 26.35
CA PHE D 101 -4.49 -20.43 25.94
C PHE D 101 -5.61 -21.18 25.24
N SER D 102 -5.20 -22.10 24.37
CA SER D 102 -6.11 -22.95 23.60
C SER D 102 -6.01 -24.38 24.09
N ILE D 103 -7.15 -25.00 24.36
CA ILE D 103 -7.23 -26.38 24.82
C ILE D 103 -8.40 -27.04 24.10
N MET D 104 -8.12 -28.13 23.38
CA MET D 104 -9.19 -28.99 22.88
C MET D 104 -9.71 -29.80 24.05
N GLU D 105 -10.96 -29.56 24.43
CA GLU D 105 -11.49 -30.00 25.72
C GLU D 105 -12.36 -31.23 25.54
N LYS D 106 -12.11 -32.25 26.36
N LYS D 106 -12.13 -32.25 26.36
CA LYS D 106 -12.96 -33.42 26.41
CA LYS D 106 -12.97 -33.44 26.32
C LYS D 106 -14.35 -33.03 26.88
C LYS D 106 -14.34 -33.11 26.91
N ASN D 107 -15.38 -33.55 26.21
CA ASN D 107 -16.74 -33.23 26.60
C ASN D 107 -17.09 -33.95 27.91
N PRO D 108 -17.50 -33.23 28.96
CA PRO D 108 -17.79 -33.90 30.23
C PRO D 108 -18.86 -34.98 30.14
N ASP D 109 -19.74 -34.95 29.13
CA ASP D 109 -20.77 -35.97 28.99
C ASP D 109 -20.44 -37.01 27.93
N GLY D 110 -19.21 -37.02 27.43
CA GLY D 110 -18.79 -38.02 26.47
C GLY D 110 -19.12 -37.71 25.02
N GLY D 111 -19.74 -36.56 24.75
CA GLY D 111 -20.07 -36.18 23.39
C GLY D 111 -18.86 -35.67 22.64
N GLU D 112 -19.13 -34.97 21.54
CA GLU D 112 -18.06 -34.41 20.76
C GLU D 112 -17.30 -33.38 21.60
N PRO D 113 -15.98 -33.31 21.48
CA PRO D 113 -15.21 -32.38 22.32
C PRO D 113 -15.44 -30.93 21.92
N TYR D 114 -15.03 -30.03 22.82
CA TYR D 114 -15.12 -28.59 22.61
C TYR D 114 -13.76 -28.03 22.18
N ASN D 115 -13.82 -26.96 21.41
CA ASN D 115 -12.65 -26.13 21.11
C ASN D 115 -12.71 -24.94 22.05
N THR D 116 -11.80 -24.88 23.00
CA THR D 116 -11.93 -24.02 24.16
C THR D 116 -10.73 -23.09 24.30
N ALA D 117 -11.01 -21.89 24.81
CA ALA D 117 -9.99 -20.92 25.18
C ALA D 117 -10.22 -20.50 26.62
N VAL D 118 -9.14 -20.14 27.31
CA VAL D 118 -9.21 -19.68 28.69
C VAL D 118 -8.29 -18.47 28.85
N ILE D 119 -8.66 -17.60 29.78
CA ILE D 119 -7.80 -16.52 30.24
C ILE D 119 -7.44 -16.81 31.69
N ILE D 120 -6.13 -16.80 31.97
CA ILE D 120 -5.61 -16.91 33.33
C ILE D 120 -5.06 -15.55 33.72
N ASP D 121 -5.31 -15.14 34.95
CA ASP D 121 -4.87 -13.84 35.44
C ASP D 121 -3.54 -13.97 36.16
N PRO D 122 -2.89 -12.84 36.49
CA PRO D 122 -1.56 -12.90 37.12
C PRO D 122 -1.54 -13.61 38.46
N GLN D 123 -2.69 -13.97 39.03
CA GLN D 123 -2.73 -14.74 40.27
C GLN D 123 -2.87 -16.23 40.03
N GLY D 124 -2.91 -16.67 38.77
CA GLY D 124 -3.10 -18.08 38.46
C GLY D 124 -4.54 -18.55 38.45
N GLU D 125 -5.50 -17.64 38.56
N GLU D 125 -5.50 -17.64 38.56
CA GLU D 125 -6.91 -18.01 38.56
CA GLU D 125 -6.91 -18.00 38.55
C GLU D 125 -7.46 -17.93 37.15
C GLU D 125 -7.45 -17.94 37.13
N MET D 126 -8.31 -18.91 36.80
CA MET D 126 -8.97 -18.93 35.51
C MET D 126 -10.18 -18.01 35.57
N ILE D 127 -10.08 -16.84 34.91
CA ILE D 127 -11.13 -15.83 34.99
C ILE D 127 -12.08 -15.87 33.80
N LEU D 128 -11.78 -16.64 32.76
CA LEU D 128 -12.66 -16.74 31.60
C LEU D 128 -12.47 -18.09 30.94
N LYS D 129 -13.58 -18.75 30.62
CA LYS D 129 -13.59 -19.98 29.84
C LYS D 129 -14.60 -19.84 28.72
N TYR D 130 -14.14 -20.05 27.49
CA TYR D 130 -14.97 -19.88 26.30
C TYR D 130 -14.85 -21.10 25.40
N ARG D 131 -15.97 -21.54 24.84
CA ARG D 131 -16.00 -22.66 23.90
C ARG D 131 -16.46 -22.15 22.54
N LYS D 132 -15.65 -22.41 21.52
CA LYS D 132 -15.88 -21.95 20.15
C LYS D 132 -17.34 -22.07 19.75
N LEU D 133 -17.97 -20.92 19.47
CA LEU D 133 -19.38 -20.92 19.10
C LEU D 133 -19.63 -21.39 17.67
N ASN D 134 -18.69 -21.13 16.75
CA ASN D 134 -18.88 -21.42 15.33
C ASN D 134 -17.75 -22.30 14.83
N PRO D 135 -17.80 -23.60 15.09
N PRO D 135 -17.79 -23.60 15.13
CA PRO D 135 -16.77 -24.50 14.55
CA PRO D 135 -16.75 -24.51 14.63
C PRO D 135 -16.65 -24.36 13.04
C PRO D 135 -16.73 -24.58 13.11
N TRP D 136 -15.41 -24.39 12.55
N TRP D 136 -17.17 -25.68 12.50
CA TRP D 136 -15.11 -24.14 11.14
CA TRP D 136 -17.02 -25.90 11.07
C TRP D 136 -15.48 -25.38 10.31
C TRP D 136 -17.42 -27.35 10.79
N VAL D 137 -16.79 -25.60 10.19
N VAL D 137 -18.71 -27.60 10.55
CA VAL D 137 -17.30 -26.73 9.44
CA VAL D 137 -19.24 -28.96 10.56
C VAL D 137 -16.90 -26.65 7.96
C VAL D 137 -18.58 -29.83 9.48
N PRO D 138 -16.77 -27.81 7.29
N PRO D 138 -18.16 -29.29 8.33
CA PRO D 138 -17.00 -29.17 7.79
CA PRO D 138 -17.44 -30.13 7.36
C PRO D 138 -15.74 -29.87 8.31
C PRO D 138 -16.12 -30.67 7.89
N VAL D 139 -14.58 -29.21 8.21
N VAL D 139 -15.20 -29.77 8.24
CA VAL D 139 -13.32 -29.88 8.56
CA VAL D 139 -13.84 -30.17 8.63
C VAL D 139 -13.17 -30.06 10.06
C VAL D 139 -13.78 -30.36 10.14
N GLU D 140 -13.91 -29.27 10.89
CA GLU D 140 -13.75 -29.35 12.34
C GLU D 140 -14.85 -30.21 12.96
N PRO D 141 -14.51 -31.08 13.91
CA PRO D 141 -15.53 -31.91 14.58
C PRO D 141 -16.00 -31.36 15.94
N TRP D 142 -15.60 -30.15 16.31
CA TRP D 142 -15.90 -29.64 17.64
C TRP D 142 -17.37 -29.30 17.78
N LYS D 143 -17.91 -29.55 18.97
CA LYS D 143 -19.28 -29.15 19.26
C LYS D 143 -19.35 -27.63 19.41
N ALA D 144 -20.46 -27.05 18.95
CA ALA D 144 -20.65 -25.62 19.11
C ALA D 144 -20.72 -25.25 20.59
N GLY D 145 -20.05 -24.16 20.95
CA GLY D 145 -19.96 -23.78 22.35
C GLY D 145 -21.33 -23.51 22.95
N ASP D 146 -21.44 -23.77 24.25
CA ASP D 146 -22.68 -23.61 24.99
C ASP D 146 -22.54 -22.65 26.16
N LEU D 147 -21.45 -21.88 26.22
CA LEU D 147 -21.22 -20.93 27.30
C LEU D 147 -21.41 -19.49 26.86
N GLY D 148 -21.99 -19.27 25.68
CA GLY D 148 -22.11 -17.92 25.19
C GLY D 148 -20.74 -17.31 24.95
N LEU D 149 -20.69 -15.98 25.01
CA LEU D 149 -19.43 -15.24 24.83
C LEU D 149 -19.15 -14.47 26.11
N PRO D 150 -18.32 -15.00 27.02
CA PRO D 150 -18.10 -14.32 28.30
C PRO D 150 -17.16 -13.13 28.19
N VAL D 151 -17.20 -12.30 29.23
CA VAL D 151 -16.34 -11.13 29.34
C VAL D 151 -15.79 -11.08 30.75
N CYS D 152 -14.53 -10.68 30.87
CA CYS D 152 -13.86 -10.59 32.17
C CYS D 152 -13.11 -9.28 32.26
N ASP D 153 -12.67 -8.95 33.48
CA ASP D 153 -11.81 -7.80 33.69
C ASP D 153 -10.36 -8.19 33.43
N GLY D 154 -9.65 -7.33 32.71
CA GLY D 154 -8.27 -7.58 32.38
C GLY D 154 -7.37 -6.45 32.85
N PRO D 155 -6.16 -6.39 32.31
CA PRO D 155 -5.21 -5.36 32.74
C PRO D 155 -5.58 -3.99 32.21
N GLY D 156 -5.06 -2.96 32.90
CA GLY D 156 -5.17 -1.59 32.40
C GLY D 156 -6.59 -1.16 32.13
N GLY D 157 -7.53 -1.55 32.99
CA GLY D 157 -8.92 -1.15 32.81
C GLY D 157 -9.62 -1.81 31.64
N SER D 158 -9.08 -2.91 31.12
CA SER D 158 -9.70 -3.58 29.99
C SER D 158 -10.83 -4.49 30.44
N LYS D 159 -11.81 -4.65 29.55
CA LYS D 159 -12.82 -5.71 29.65
C LYS D 159 -12.54 -6.65 28.48
N LEU D 160 -12.13 -7.88 28.81
CA LEU D 160 -11.62 -8.81 27.81
C LEU D 160 -12.70 -9.78 27.35
N ALA D 161 -12.67 -10.11 26.06
CA ALA D 161 -13.45 -11.20 25.50
C ALA D 161 -12.58 -11.95 24.51
N VAL D 162 -12.73 -13.27 24.47
CA VAL D 162 -11.99 -14.12 23.54
C VAL D 162 -12.98 -14.76 22.57
N CYS D 163 -12.57 -14.87 21.32
CA CYS D 163 -13.26 -15.67 20.32
C CYS D 163 -12.22 -16.48 19.57
N ILE D 164 -12.68 -17.48 18.84
CA ILE D 164 -11.77 -18.45 18.24
C ILE D 164 -11.96 -18.57 16.73
N QCS D 165 -10.94 -18.14 16.00
N QCS D 165 -10.93 -18.19 15.99
CA QCS D 165 -10.78 -18.44 14.61
CA QCS D 165 -10.80 -18.55 14.62
CB QCS D 165 -10.42 -19.90 14.56
CB QCS D 165 -10.57 -20.05 14.61
SG QCS D 165 -9.75 -20.38 12.99
SG QCS D 165 -11.15 -20.80 13.14
CD QCS D 165 -10.15 -22.10 12.77
CD QCS D 165 -9.74 -21.52 12.38
NE2 QCS D 165 -9.12 -23.03 12.45
NE2 QCS D 165 -8.66 -20.66 12.06
OE1 QCS D 165 -11.29 -22.46 12.89
OE1 QCS D 165 -9.66 -22.71 12.16
C QCS D 165 -12.00 -18.06 13.78
C QCS D 165 -11.98 -18.13 13.76
O QCS D 165 -12.22 -16.85 13.50
O QCS D 165 -12.11 -16.93 13.42
N HIS D 166 -12.78 -19.05 13.38
N HIS D 166 -12.85 -19.08 13.43
CA HIS D 166 -13.96 -18.83 12.54
CA HIS D 166 -13.98 -18.81 12.54
C HIS D 166 -14.93 -17.82 13.18
C HIS D 166 -14.96 -17.84 13.18
N ASP D 167 -14.93 -17.77 14.51
CA ASP D 167 -15.80 -16.83 15.22
C ASP D 167 -15.65 -15.41 14.67
N GLY D 168 -14.42 -14.97 14.43
CA GLY D 168 -14.17 -13.60 14.04
C GLY D 168 -14.67 -13.24 12.66
N MET D 169 -15.09 -14.22 11.85
CA MET D 169 -15.71 -13.93 10.57
C MET D 169 -17.17 -13.52 10.70
N PHE D 170 -17.79 -13.80 11.84
CA PHE D 170 -19.17 -13.43 12.08
C PHE D 170 -19.22 -12.11 12.83
N PRO D 171 -19.73 -11.03 12.24
CA PRO D 171 -19.79 -9.76 13.00
C PRO D 171 -20.62 -9.86 14.27
N GLU D 172 -21.52 -10.85 14.36
CA GLU D 172 -22.32 -11.02 15.57
C GLU D 172 -21.43 -11.34 16.77
N VAL D 173 -20.31 -12.01 16.56
CA VAL D 173 -19.40 -12.34 17.66
C VAL D 173 -18.83 -11.08 18.28
N ALA D 174 -18.16 -10.26 17.47
CA ALA D 174 -17.60 -9.01 17.99
C ALA D 174 -18.70 -8.11 18.53
N ARG D 175 -19.88 -8.13 17.89
CA ARG D 175 -21.01 -7.37 18.40
C ARG D 175 -21.42 -7.86 19.78
N GLU D 176 -21.45 -9.17 19.99
CA GLU D 176 -21.82 -9.72 21.29
C GLU D 176 -20.79 -9.34 22.35
N ALA D 177 -19.51 -9.44 22.02
CA ALA D 177 -18.47 -9.07 22.98
C ALA D 177 -18.64 -7.64 23.47
N ALA D 178 -18.79 -6.70 22.54
CA ALA D 178 -18.95 -5.30 22.93
C ALA D 178 -20.26 -5.08 23.69
N TYR D 179 -21.32 -5.79 23.30
CA TYR D 179 -22.60 -5.62 23.97
C TYR D 179 -22.50 -6.00 25.44
N LYS D 180 -21.66 -6.97 25.77
CA LYS D 180 -21.47 -7.40 27.15
C LYS D 180 -20.38 -6.63 27.88
N GLY D 181 -19.88 -5.53 27.29
CA GLY D 181 -18.99 -4.64 27.99
C GLY D 181 -17.53 -4.74 27.60
N ALA D 182 -17.16 -5.66 26.72
CA ALA D 182 -15.76 -5.81 26.35
C ALA D 182 -15.30 -4.60 25.52
N ASN D 183 -14.14 -4.06 25.88
CA ASN D 183 -13.47 -3.06 25.06
C ASN D 183 -12.21 -3.59 24.40
N VAL D 184 -11.91 -4.88 24.56
CA VAL D 184 -10.80 -5.56 23.89
C VAL D 184 -11.27 -6.95 23.52
N LEU D 185 -11.22 -7.29 22.23
CA LEU D 185 -11.58 -8.60 21.74
C LEU D 185 -10.32 -9.34 21.32
N ILE D 186 -10.11 -10.53 21.90
CA ILE D 186 -8.96 -11.36 21.58
C ILE D 186 -9.43 -12.47 20.64
N ARG D 187 -8.68 -12.67 19.55
CA ARG D 187 -9.02 -13.67 18.53
C ARG D 187 -7.81 -14.58 18.33
N ILE D 188 -7.94 -15.83 18.73
CA ILE D 188 -6.89 -16.83 18.58
C ILE D 188 -7.30 -17.80 17.48
N SER D 189 -6.37 -18.12 16.60
CA SER D 189 -6.75 -18.69 15.31
C SER D 189 -5.72 -19.71 14.84
N GLY D 190 -6.19 -20.65 14.02
CA GLY D 190 -5.34 -21.64 13.39
C GLY D 190 -5.66 -21.78 11.92
N TYR D 191 -5.78 -20.63 11.25
CA TYR D 191 -6.17 -20.58 9.85
C TYR D 191 -5.00 -20.92 8.93
N SER D 192 -5.34 -21.43 7.74
CA SER D 192 -4.38 -21.56 6.67
C SER D 192 -4.28 -20.26 5.89
N THR D 193 -3.30 -20.20 4.99
CA THR D 193 -3.02 -18.99 4.22
C THR D 193 -4.21 -18.53 3.39
N GLN D 194 -5.21 -19.38 3.17
CA GLN D 194 -6.26 -19.07 2.20
C GLN D 194 -7.12 -17.87 2.63
N VAL D 195 -7.17 -17.53 3.92
CA VAL D 195 -8.04 -16.46 4.39
C VAL D 195 -7.22 -15.37 5.06
N SER D 196 -5.96 -15.21 4.66
CA SER D 196 -5.13 -14.16 5.23
C SER D 196 -5.75 -12.78 5.05
N GLU D 197 -6.16 -12.46 3.82
N GLU D 197 -6.19 -12.47 3.82
CA GLU D 197 -6.78 -11.17 3.55
CA GLU D 197 -6.78 -11.17 3.55
C GLU D 197 -8.04 -11.00 4.39
C GLU D 197 -8.07 -10.97 4.33
N GLN D 198 -8.92 -12.00 4.37
CA GLN D 198 -10.18 -11.89 5.10
C GLN D 198 -9.94 -11.83 6.60
N TRP D 199 -8.88 -12.47 7.08
CA TRP D 199 -8.45 -12.35 8.47
C TRP D 199 -8.14 -10.91 8.84
N MET D 200 -7.28 -10.25 8.06
N MET D 200 -7.29 -10.25 8.05
CA MET D 200 -6.95 -8.85 8.35
CA MET D 200 -6.95 -8.86 8.32
C MET D 200 -8.17 -7.95 8.23
C MET D 200 -8.16 -7.95 8.21
N LEU D 201 -9.03 -8.22 7.23
CA LEU D 201 -10.20 -7.39 7.01
C LEU D 201 -11.14 -7.41 8.22
N THR D 202 -11.50 -8.61 8.68
CA THR D 202 -12.50 -8.71 9.74
C THR D 202 -11.96 -8.24 11.08
N ASN D 203 -10.66 -8.39 11.32
CA ASN D 203 -10.08 -7.89 12.55
C ASN D 203 -10.21 -6.38 12.65
N ARG D 204 -10.20 -5.68 11.51
CA ARG D 204 -10.39 -4.24 11.52
C ARG D 204 -11.87 -3.88 11.64
N SER D 205 -12.74 -4.58 10.90
CA SER D 205 -14.16 -4.25 10.94
C SER D 205 -14.76 -4.58 12.31
N ASN D 206 -14.31 -5.69 12.91
CA ASN D 206 -14.75 -6.01 14.28
C ASN D 206 -14.38 -4.91 15.24
N ALA D 207 -13.23 -4.27 15.03
CA ALA D 207 -12.81 -3.17 15.91
C ALA D 207 -13.66 -1.93 15.69
N TRP D 208 -13.75 -1.47 14.44
CA TRP D 208 -14.43 -0.21 14.16
C TRP D 208 -15.91 -0.28 14.51
N GLN D 209 -16.57 -1.36 14.08
CA GLN D 209 -18.02 -1.46 14.23
C GLN D 209 -18.46 -1.40 15.69
N ASN D 210 -17.56 -1.71 16.63
CA ASN D 210 -17.91 -1.76 18.04
C ASN D 210 -17.06 -0.83 18.90
N LEU D 211 -16.28 0.06 18.29
CA LEU D 211 -15.39 0.96 19.01
C LEU D 211 -14.60 0.18 20.07
N MET D 212 -13.79 -0.74 19.56
CA MET D 212 -13.20 -1.80 20.37
C MET D 212 -11.84 -2.13 19.80
N TYR D 213 -10.87 -2.40 20.68
CA TYR D 213 -9.61 -2.96 20.24
C TYR D 213 -9.80 -4.43 19.87
N THR D 214 -9.02 -4.88 18.89
CA THR D 214 -8.94 -6.30 18.57
C THR D 214 -7.48 -6.71 18.59
N LEU D 215 -7.18 -7.78 19.33
CA LEU D 215 -5.87 -8.41 19.36
C LEU D 215 -6.05 -9.80 18.81
N SER D 216 -5.35 -10.10 17.71
CA SER D 216 -5.58 -11.35 16.99
C SER D 216 -4.25 -11.94 16.55
N VAL D 217 -4.13 -13.26 16.67
CA VAL D 217 -2.92 -13.94 16.24
C VAL D 217 -3.26 -15.37 15.82
N ASN D 218 -2.52 -15.86 14.84
CA ASN D 218 -2.71 -17.17 14.24
C ASN D 218 -1.46 -18.01 14.42
N LEU D 219 -1.60 -19.32 14.32
CA LEU D 219 -0.44 -20.17 14.22
C LEU D 219 0.39 -19.77 13.00
N ALA D 220 1.65 -20.18 12.99
CA ALA D 220 2.54 -19.90 11.88
C ALA D 220 3.34 -21.15 11.54
N GLY D 221 3.63 -21.32 10.25
CA GLY D 221 4.45 -22.41 9.77
C GLY D 221 3.64 -23.50 9.09
N TYR D 222 4.35 -24.56 8.73
CA TYR D 222 3.82 -25.65 7.93
C TYR D 222 3.79 -26.93 8.75
N ASP D 223 2.61 -27.57 8.80
CA ASP D 223 2.46 -28.81 9.54
C ASP D 223 2.41 -30.04 8.64
N GLY D 224 2.78 -29.90 7.36
CA GLY D 224 2.69 -30.98 6.41
C GLY D 224 1.44 -30.97 5.56
N VAL D 225 0.45 -30.16 5.90
CA VAL D 225 -0.79 -30.04 5.13
C VAL D 225 -0.98 -28.58 4.75
N PHE D 226 -1.17 -27.72 5.76
CA PHE D 226 -1.41 -26.30 5.56
C PHE D 226 -0.21 -25.49 6.03
N TYR D 227 -0.08 -24.29 5.47
CA TYR D 227 0.76 -23.26 6.04
C TYR D 227 -0.14 -22.26 6.77
N TYR D 228 0.13 -22.08 8.06
CA TYR D 228 -0.64 -21.15 8.87
C TYR D 228 0.09 -19.81 8.86
N PHE D 229 -0.66 -18.71 8.69
CA PHE D 229 -0.06 -17.45 8.27
C PHE D 229 0.42 -16.58 9.42
N GLY D 230 0.15 -16.93 10.68
CA GLY D 230 0.58 -16.11 11.79
C GLY D 230 -0.07 -14.73 11.80
N GLU D 231 0.65 -13.74 11.29
CA GLU D 231 0.13 -12.38 11.07
C GLU D 231 -0.64 -11.86 12.29
N GLY D 232 0.05 -11.84 13.43
CA GLY D 232 -0.49 -11.14 14.60
C GLY D 232 -0.90 -9.73 14.24
N GLN D 233 -2.02 -9.26 14.80
CA GLN D 233 -2.59 -7.99 14.37
C GLN D 233 -3.28 -7.28 15.53
N VAL D 234 -2.94 -6.01 15.71
CA VAL D 234 -3.57 -5.15 16.70
C VAL D 234 -4.28 -4.02 15.97
N CYS D 235 -5.56 -3.84 16.27
CA CYS D 235 -6.37 -2.80 15.64
C CYS D 235 -6.93 -1.84 16.68
N ASN D 236 -6.85 -0.55 16.37
CA ASN D 236 -7.44 0.49 17.21
C ASN D 236 -8.97 0.45 17.11
N PHE D 237 -9.63 1.15 18.03
CA PHE D 237 -11.08 1.17 18.04
C PHE D 237 -11.67 1.93 16.85
N ASP D 238 -10.84 2.60 16.05
N ASP D 238 -10.85 2.60 16.05
CA ASP D 238 -11.31 3.20 14.80
CA ASP D 238 -11.28 3.21 14.80
C ASP D 238 -11.12 2.27 13.61
C ASP D 238 -11.12 2.27 13.61
N GLY D 239 -10.70 1.03 13.83
CA GLY D 239 -10.49 0.08 12.76
C GLY D 239 -9.12 0.12 12.11
N THR D 240 -8.21 0.97 12.61
CA THR D 240 -6.88 1.11 12.04
C THR D 240 -5.95 0.06 12.63
N THR D 241 -5.17 -0.60 11.75
CA THR D 241 -4.19 -1.58 12.20
C THR D 241 -2.98 -0.85 12.80
N LEU D 242 -2.71 -1.13 14.07
CA LEU D 242 -1.59 -0.50 14.76
C LEU D 242 -0.29 -1.28 14.51
N VAL D 243 -0.33 -2.60 14.65
CA VAL D 243 0.83 -3.45 14.43
C VAL D 243 0.39 -4.67 13.64
N GLN D 244 1.28 -5.16 12.78
CA GLN D 244 0.98 -6.27 11.88
C GLN D 244 2.22 -7.12 11.72
N GLY D 245 2.14 -8.37 12.15
CA GLY D 245 3.21 -9.31 11.92
C GLY D 245 3.14 -9.92 10.53
N HIS D 246 4.23 -10.57 10.14
CA HIS D 246 4.28 -11.29 8.88
C HIS D 246 3.94 -12.75 9.11
N ARG D 247 4.50 -13.68 8.33
CA ARG D 247 4.08 -15.08 8.36
C ARG D 247 5.14 -16.00 8.95
N ASN D 248 6.07 -15.46 9.76
CA ASN D 248 7.15 -16.30 10.27
C ASN D 248 6.76 -16.93 11.61
N PRO D 249 7.14 -18.18 11.87
CA PRO D 249 6.96 -18.73 13.21
C PRO D 249 7.78 -17.95 14.23
N TRP D 250 7.21 -17.79 15.42
CA TRP D 250 7.83 -17.16 16.58
C TRP D 250 7.91 -15.65 16.50
N GLU D 251 7.33 -15.03 15.47
CA GLU D 251 7.18 -13.57 15.49
C GLU D 251 6.33 -13.17 16.70
N ILE D 252 6.77 -12.12 17.39
CA ILE D 252 6.07 -11.60 18.56
C ILE D 252 5.57 -10.22 18.22
N VAL D 253 4.24 -10.06 18.19
CA VAL D 253 3.58 -8.80 17.88
C VAL D 253 3.16 -8.16 19.19
N THR D 254 3.74 -7.00 19.51
CA THR D 254 3.45 -6.29 20.73
C THR D 254 2.79 -4.94 20.41
N ALA D 255 2.06 -4.42 21.39
CA ALA D 255 1.40 -3.13 21.26
C ALA D 255 0.93 -2.67 22.62
N GLU D 256 0.88 -1.34 22.79
CA GLU D 256 0.25 -0.73 23.95
C GLU D 256 -1.21 -0.44 23.62
N VAL D 257 -2.11 -0.83 24.53
CA VAL D 257 -3.55 -0.69 24.34
C VAL D 257 -4.09 0.17 25.46
N TYR D 258 -5.01 1.09 25.13
CA TYR D 258 -5.57 2.05 26.08
C TYR D 258 -7.09 1.86 26.13
N PRO D 259 -7.56 0.89 26.93
CA PRO D 259 -9.01 0.58 26.92
C PRO D 259 -9.91 1.76 27.22
N GLU D 260 -9.49 2.66 28.12
N GLU D 260 -9.50 2.68 28.10
CA GLU D 260 -10.31 3.81 28.50
CA GLU D 260 -10.41 3.76 28.48
C GLU D 260 -10.68 4.65 27.29
C GLU D 260 -10.62 4.79 27.37
N LEU D 261 -9.76 4.79 26.33
CA LEU D 261 -10.04 5.61 25.16
C LEU D 261 -11.17 5.02 24.34
N ALA D 262 -11.22 3.69 24.23
CA ALA D 262 -12.37 3.05 23.60
C ALA D 262 -13.64 3.34 24.38
N ASP D 263 -13.57 3.27 25.71
CA ASP D 263 -14.74 3.61 26.53
C ASP D 263 -15.15 5.06 26.30
N GLN D 264 -14.17 5.98 26.30
CA GLN D 264 -14.49 7.38 26.10
C GLN D 264 -15.13 7.61 24.73
N ALA D 265 -14.65 6.91 23.70
CA ALA D 265 -15.25 7.03 22.38
C ALA D 265 -16.69 6.53 22.39
N ARG D 266 -16.96 5.44 23.09
CA ARG D 266 -18.31 4.90 23.12
C ARG D 266 -19.29 5.86 23.78
N LEU D 267 -18.84 6.57 24.82
CA LEU D 267 -19.69 7.56 25.46
C LEU D 267 -19.80 8.84 24.64
N GLY D 268 -18.86 9.08 23.73
CA GLY D 268 -18.93 10.23 22.85
C GLY D 268 -19.83 9.97 21.66
N PRO D 287 -38.30 10.93 20.39
CA PRO D 287 -37.02 10.96 21.11
C PRO D 287 -36.70 9.67 21.83
N GLY D 288 -35.41 9.34 21.95
CA GLY D 288 -34.95 8.14 22.62
C GLY D 288 -34.44 7.07 21.69
N GLY D 289 -34.93 7.04 20.46
CA GLY D 289 -34.51 6.05 19.47
C GLY D 289 -35.61 5.03 19.20
N VAL D 290 -35.70 4.61 17.94
CA VAL D 290 -36.69 3.61 17.55
C VAL D 290 -36.23 2.23 18.00
N LYS D 291 -36.98 1.62 18.91
CA LYS D 291 -36.60 0.33 19.49
C LYS D 291 -37.01 -0.85 18.62
N GLU D 292 -37.95 -0.66 17.70
N GLU D 292 -37.93 -0.66 17.69
CA GLU D 292 -38.44 -1.75 16.88
CA GLU D 292 -38.45 -1.78 16.91
C GLU D 292 -37.32 -2.34 16.04
C GLU D 292 -37.38 -2.35 15.99
N ASN D 293 -37.34 -3.67 15.90
CA ASN D 293 -36.33 -4.37 15.10
C ASN D 293 -36.77 -4.42 13.63
N PRO D 294 -35.96 -3.93 12.69
CA PRO D 294 -36.30 -4.03 11.27
C PRO D 294 -35.63 -5.18 10.51
N TYR D 295 -34.87 -6.03 11.18
CA TYR D 295 -34.07 -7.07 10.53
C TYR D 295 -34.74 -8.43 10.73
N THR D 296 -35.19 -9.03 9.64
CA THR D 296 -35.84 -10.34 9.72
C THR D 296 -34.86 -11.42 10.17
N PHE D 297 -33.58 -11.29 9.81
CA PHE D 297 -32.61 -12.29 10.25
C PHE D 297 -32.37 -12.20 11.74
N VAL D 298 -32.50 -11.00 12.32
CA VAL D 298 -32.37 -10.86 13.77
C VAL D 298 -33.53 -11.56 14.48
N LYS D 299 -34.75 -11.38 13.97
CA LYS D 299 -35.90 -12.08 14.55
C LYS D 299 -35.72 -13.60 14.44
N ASP D 300 -35.42 -14.09 13.24
CA ASP D 300 -35.38 -15.53 13.03
C ASP D 300 -34.25 -16.16 13.85
N LEU D 301 -33.10 -15.49 13.94
CA LEU D 301 -32.00 -16.02 14.74
C LEU D 301 -32.38 -16.08 16.21
N ALA D 302 -32.96 -14.98 16.73
CA ALA D 302 -33.44 -14.98 18.11
C ALA D 302 -34.46 -16.08 18.34
N GLU D 303 -35.27 -16.39 17.32
CA GLU D 303 -36.26 -17.44 17.41
C GLU D 303 -35.68 -18.84 17.16
N GLY D 304 -34.38 -18.95 16.91
CA GLY D 304 -33.79 -20.23 16.58
C GLY D 304 -34.22 -20.78 15.25
N LYS D 305 -34.62 -19.89 14.32
CA LYS D 305 -35.15 -20.28 13.01
C LYS D 305 -34.43 -19.52 11.89
N TYR D 306 -33.17 -19.13 12.12
CA TYR D 306 -32.38 -18.53 11.06
C TYR D 306 -32.23 -19.51 9.92
N LYS D 307 -32.90 -19.24 8.80
CA LYS D 307 -32.86 -20.14 7.66
C LYS D 307 -33.04 -19.37 6.36
N SER E 12 -22.93 -13.21 -18.40
CA SER E 12 -23.23 -13.64 -17.04
C SER E 12 -22.89 -12.56 -16.01
N GLY E 13 -22.78 -11.32 -16.47
CA GLY E 13 -22.50 -10.19 -15.61
C GLY E 13 -23.07 -8.92 -16.19
N PHE E 14 -22.92 -7.83 -15.46
CA PHE E 14 -23.42 -6.53 -15.91
C PHE E 14 -22.42 -5.44 -15.53
N LEU E 15 -22.52 -4.33 -16.23
CA LEU E 15 -21.65 -3.18 -16.01
C LEU E 15 -22.39 -2.13 -15.19
N THR E 16 -21.72 -1.60 -14.17
CA THR E 16 -22.29 -0.57 -13.32
C THR E 16 -21.39 0.66 -13.34
N ALA E 17 -22.00 1.82 -13.15
CA ALA E 17 -21.28 3.09 -13.06
C ALA E 17 -21.70 3.80 -11.79
N LEU E 18 -20.74 4.11 -10.94
CA LEU E 18 -20.98 4.84 -9.70
C LEU E 18 -20.54 6.28 -9.91
N ILE E 19 -21.47 7.22 -9.70
CA ILE E 19 -21.24 8.64 -9.96
C ILE E 19 -20.84 9.32 -8.66
N GLN E 20 -19.60 9.82 -8.60
CA GLN E 20 -19.16 10.66 -7.48
C GLN E 20 -19.75 12.07 -7.70
N TYR E 21 -21.06 12.13 -7.52
CA TYR E 21 -21.83 13.32 -7.88
C TYR E 21 -21.39 14.50 -7.02
N PRO E 22 -21.23 15.69 -7.61
CA PRO E 22 -20.80 16.85 -6.80
C PRO E 22 -21.83 17.21 -5.75
N VAL E 23 -21.38 17.44 -4.53
CA VAL E 23 -22.34 17.73 -3.45
C VAL E 23 -23.18 18.94 -3.85
N PRO E 24 -24.52 18.84 -3.84
CA PRO E 24 -25.32 20.03 -4.16
C PRO E 24 -25.35 21.05 -3.05
N VAL E 25 -25.27 22.32 -3.43
CA VAL E 25 -25.58 23.43 -2.54
C VAL E 25 -27.00 23.87 -2.92
N VAL E 26 -27.97 23.47 -2.10
CA VAL E 26 -29.38 23.65 -2.41
C VAL E 26 -29.97 24.64 -1.42
N GLU E 27 -30.52 25.72 -1.94
CA GLU E 27 -31.11 26.77 -1.12
C GLU E 27 -32.59 26.96 -1.41
N SER E 28 -33.17 26.21 -2.34
CA SER E 28 -34.55 26.40 -2.73
C SER E 28 -34.98 25.24 -3.62
N ARG E 29 -36.29 25.19 -3.89
N ARG E 29 -36.29 25.19 -3.89
CA ARG E 29 -36.81 24.20 -4.84
CA ARG E 29 -36.81 24.20 -4.84
C ARG E 29 -36.18 24.37 -6.21
C ARG E 29 -36.18 24.37 -6.21
N ALA E 30 -35.89 25.60 -6.62
CA ALA E 30 -35.28 25.84 -7.93
C ALA E 30 -33.96 25.09 -8.06
N ASP E 31 -33.15 25.09 -7.01
CA ASP E 31 -31.91 24.32 -7.04
C ASP E 31 -32.18 22.83 -7.14
N ILE E 32 -33.25 22.34 -6.50
CA ILE E 32 -33.59 20.93 -6.58
C ILE E 32 -33.92 20.55 -8.01
N ASP E 33 -34.71 21.39 -8.69
CA ASP E 33 -35.03 21.15 -10.10
C ASP E 33 -33.75 21.12 -10.93
N LYS E 34 -32.78 21.97 -10.61
CA LYS E 34 -31.51 21.96 -11.35
C LYS E 34 -30.76 20.66 -11.11
N GLN E 35 -30.81 20.13 -9.88
CA GLN E 35 -30.15 18.85 -9.61
C GLN E 35 -30.81 17.72 -10.37
N ILE E 36 -32.14 17.75 -10.49
CA ILE E 36 -32.85 16.72 -11.23
C ILE E 36 -32.44 16.74 -12.69
N GLN E 37 -32.36 17.93 -13.29
N GLN E 37 -32.38 17.93 -13.29
CA GLN E 37 -31.96 18.02 -14.68
CA GLN E 37 -31.95 18.03 -14.68
C GLN E 37 -30.52 17.56 -14.88
C GLN E 37 -30.52 17.55 -14.87
N GLN E 38 -29.63 17.86 -13.92
CA GLN E 38 -28.24 17.43 -14.04
C GLN E 38 -28.11 15.92 -13.89
N ILE E 39 -28.87 15.33 -12.95
CA ILE E 39 -28.87 13.88 -12.81
C ILE E 39 -29.34 13.23 -14.09
N ILE E 40 -30.43 13.74 -14.67
CA ILE E 40 -30.96 13.17 -15.91
C ILE E 40 -29.94 13.28 -17.03
N LYS E 41 -29.30 14.44 -17.15
N LYS E 41 -29.30 14.45 -17.15
CA LYS E 41 -28.26 14.60 -18.17
CA LYS E 41 -28.26 14.62 -18.15
C LYS E 41 -27.12 13.63 -17.93
C LYS E 41 -27.14 13.61 -17.94
N THR E 42 -26.79 13.34 -16.67
CA THR E 42 -25.71 12.41 -16.37
C THR E 42 -26.07 10.98 -16.72
N ILE E 43 -27.34 10.60 -16.56
CA ILE E 43 -27.79 9.29 -16.99
C ILE E 43 -27.54 9.11 -18.49
N HIS E 44 -28.02 10.07 -19.29
CA HIS E 44 -27.91 9.95 -20.74
C HIS E 44 -26.47 9.96 -21.19
N SER E 45 -25.65 10.86 -20.63
CA SER E 45 -24.27 11.01 -21.08
C SER E 45 -23.43 9.81 -20.68
N THR E 46 -23.66 9.27 -19.47
CA THR E 46 -22.88 8.12 -19.02
C THR E 46 -23.21 6.89 -19.87
N LYS E 47 -24.48 6.70 -20.21
CA LYS E 47 -24.87 5.57 -21.05
C LYS E 47 -24.25 5.69 -22.44
N SER E 48 -24.23 6.90 -23.00
CA SER E 48 -23.60 7.08 -24.31
C SER E 48 -22.10 6.82 -24.24
N GLY E 49 -21.46 7.14 -23.12
CA GLY E 49 -20.04 6.85 -22.98
C GLY E 49 -19.74 5.40 -22.66
N TYR E 50 -20.66 4.72 -21.97
CA TYR E 50 -20.50 3.32 -21.58
C TYR E 50 -21.69 2.53 -22.14
N PRO E 51 -21.66 2.19 -23.43
CA PRO E 51 -22.85 1.60 -24.05
C PRO E 51 -23.36 0.34 -23.37
N GLY E 52 -22.50 -0.40 -22.65
CA GLY E 52 -22.95 -1.59 -21.96
C GLY E 52 -23.53 -1.36 -20.58
N LEU E 53 -23.61 -0.10 -20.15
CA LEU E 53 -24.07 0.21 -18.81
C LEU E 53 -25.48 -0.30 -18.58
N GLU E 54 -25.70 -0.87 -17.39
CA GLU E 54 -27.03 -1.34 -16.98
C GLU E 54 -27.44 -0.89 -15.60
N LEU E 55 -26.53 -0.38 -14.78
CA LEU E 55 -26.85 0.08 -13.43
C LEU E 55 -26.02 1.33 -13.15
N ILE E 56 -26.70 2.48 -12.97
CA ILE E 56 -26.06 3.74 -12.62
C ILE E 56 -26.51 4.12 -11.22
N VAL E 57 -25.55 4.53 -10.38
CA VAL E 57 -25.80 4.74 -8.96
C VAL E 57 -25.45 6.19 -8.62
N PHE E 58 -26.40 6.89 -8.00
CA PHE E 58 -26.17 8.25 -7.54
C PHE E 58 -26.14 8.29 -6.01
N PRO E 59 -25.34 9.18 -5.41
CA PRO E 59 -25.19 9.16 -3.95
C PRO E 59 -26.40 9.76 -3.22
N GLU E 60 -26.40 9.53 -1.91
CA GLU E 60 -27.39 10.14 -1.03
C GLU E 60 -27.33 11.65 -1.12
N TYR E 61 -28.50 12.28 -1.00
CA TYR E 61 -28.65 13.73 -1.02
C TYR E 61 -28.29 14.35 -2.37
N SER E 62 -28.14 13.55 -3.42
CA SER E 62 -27.79 14.11 -4.72
C SER E 62 -28.90 14.95 -5.31
N THR E 63 -30.15 14.73 -4.91
CA THR E 63 -31.28 15.48 -5.45
C THR E 63 -31.54 16.77 -4.69
N GLN E 64 -31.37 16.78 -3.37
CA GLN E 64 -31.82 17.88 -2.53
C GLN E 64 -30.73 18.49 -1.65
N GLY E 65 -29.54 17.90 -1.57
CA GLY E 65 -28.46 18.47 -0.81
C GLY E 65 -28.60 18.24 0.68
N LEU E 66 -27.78 18.97 1.44
CA LEU E 66 -27.71 18.85 2.90
C LEU E 66 -27.84 20.22 3.56
N ASN E 67 -28.89 20.96 3.20
CA ASN E 67 -29.17 22.26 3.81
C ASN E 67 -29.91 21.99 5.11
N THR E 68 -29.14 21.89 6.21
CA THR E 68 -29.72 21.49 7.49
C THR E 68 -30.73 22.51 8.02
N LYS E 69 -30.77 23.72 7.48
N LYS E 69 -30.75 23.72 7.47
CA LYS E 69 -31.72 24.72 7.92
CA LYS E 69 -31.71 24.73 7.90
C LYS E 69 -32.98 24.78 7.07
C LYS E 69 -33.05 24.61 7.20
N LYS E 70 -33.11 23.90 6.07
CA LYS E 70 -34.31 23.87 5.25
C LYS E 70 -34.75 22.49 4.79
N TRP E 71 -33.98 21.43 5.04
CA TRP E 71 -34.22 20.17 4.34
C TRP E 71 -35.43 19.40 4.85
N THR E 72 -36.12 19.86 5.90
CA THR E 72 -37.39 19.28 6.29
C THR E 72 -38.58 20.16 5.93
N THR E 73 -38.36 21.33 5.35
CA THR E 73 -39.47 22.16 4.92
C THR E 73 -40.18 21.52 3.72
N GLU E 74 -41.44 21.91 3.53
N GLU E 74 -41.44 21.91 3.54
CA GLU E 74 -42.23 21.37 2.44
CA GLU E 74 -42.23 21.38 2.44
C GLU E 74 -41.56 21.62 1.09
C GLU E 74 -41.54 21.60 1.11
N GLU E 75 -40.92 22.78 0.94
CA GLU E 75 -40.25 23.12 -0.31
C GLU E 75 -39.18 22.11 -0.68
N PHE E 76 -38.53 21.50 0.31
CA PHE E 76 -37.38 20.63 0.10
C PHE E 76 -37.74 19.15 0.02
N LEU E 77 -39.01 18.79 0.17
CA LEU E 77 -39.42 17.40 0.23
C LEU E 77 -40.28 17.02 -0.96
N CYS E 78 -40.27 15.72 -1.29
CA CYS E 78 -41.02 15.17 -2.41
C CYS E 78 -41.80 13.96 -1.95
N THR E 79 -42.77 13.56 -2.78
CA THR E 79 -43.45 12.29 -2.60
C THR E 79 -42.73 11.22 -3.40
N VAL E 80 -42.80 9.98 -2.91
CA VAL E 80 -42.15 8.86 -3.58
C VAL E 80 -43.15 7.72 -3.78
N PRO E 81 -43.57 7.47 -5.03
CA PRO E 81 -43.19 8.18 -6.25
C PRO E 81 -43.83 9.57 -6.36
N GLY E 82 -43.28 10.39 -7.24
CA GLY E 82 -43.83 11.69 -7.52
C GLY E 82 -43.35 12.21 -8.86
N PRO E 83 -43.62 13.48 -9.17
CA PRO E 83 -43.12 14.03 -10.44
C PRO E 83 -41.62 13.92 -10.58
N GLU E 84 -40.87 13.96 -9.48
CA GLU E 84 -39.41 13.92 -9.57
C GLU E 84 -38.94 12.52 -9.95
N THR E 85 -39.48 11.49 -9.32
CA THR E 85 -39.12 10.13 -9.69
C THR E 85 -39.65 9.76 -11.07
N ASP E 86 -40.79 10.32 -11.46
CA ASP E 86 -41.28 10.11 -12.82
C ASP E 86 -40.27 10.59 -13.85
N LEU E 87 -39.57 11.69 -13.55
CA LEU E 87 -38.55 12.19 -14.46
C LEU E 87 -37.33 11.29 -14.47
N PHE E 88 -36.89 10.83 -13.30
CA PHE E 88 -35.84 9.82 -13.26
C PHE E 88 -36.25 8.57 -14.03
N ALA E 89 -37.51 8.15 -13.89
CA ALA E 89 -37.96 6.93 -14.55
C ALA E 89 -37.96 7.07 -16.06
N GLU E 90 -38.41 8.22 -16.57
CA GLU E 90 -38.38 8.44 -18.01
C GLU E 90 -36.96 8.40 -18.55
N ALA E 91 -36.01 8.97 -17.80
CA ALA E 91 -34.61 8.93 -18.21
C ALA E 91 -34.09 7.50 -18.24
N CYS E 92 -34.40 6.72 -17.20
CA CYS E 92 -33.98 5.33 -17.18
C CYS E 92 -34.59 4.55 -18.34
N LYS E 93 -35.83 4.87 -18.70
CA LYS E 93 -36.50 4.16 -19.78
C LYS E 93 -35.91 4.53 -21.13
N GLU E 94 -35.47 5.77 -21.31
CA GLU E 94 -34.89 6.19 -22.58
C GLU E 94 -33.46 5.68 -22.75
N SER E 95 -32.70 5.60 -21.66
CA SER E 95 -31.34 5.08 -21.70
C SER E 95 -31.26 3.59 -21.43
N LYS E 96 -32.37 2.95 -21.08
N LYS E 96 -32.37 2.94 -21.08
CA LYS E 96 -32.42 1.51 -20.84
CA LYS E 96 -32.42 1.50 -20.85
C LYS E 96 -31.38 1.09 -19.80
C LYS E 96 -31.39 1.08 -19.80
N VAL E 97 -31.49 1.70 -18.62
CA VAL E 97 -30.60 1.38 -17.51
C VAL E 97 -31.41 1.28 -16.23
N TYR E 98 -30.85 0.53 -15.27
CA TYR E 98 -31.30 0.60 -13.89
C TYR E 98 -30.67 1.83 -13.24
N GLY E 99 -31.46 2.54 -12.45
CA GLY E 99 -30.99 3.75 -11.79
C GLY E 99 -31.32 3.74 -10.31
N VAL E 100 -30.38 4.23 -9.51
CA VAL E 100 -30.55 4.33 -8.05
C VAL E 100 -30.51 5.81 -7.69
N PHE E 101 -31.55 6.28 -6.99
CA PHE E 101 -31.73 7.70 -6.73
C PHE E 101 -32.07 7.94 -5.27
N SER E 102 -31.82 9.17 -4.84
CA SER E 102 -32.01 9.59 -3.45
C SER E 102 -33.04 10.71 -3.40
N ILE E 103 -34.08 10.53 -2.57
CA ILE E 103 -35.13 11.52 -2.41
C ILE E 103 -35.49 11.60 -0.94
N MET E 104 -35.39 12.80 -0.36
CA MET E 104 -35.94 13.04 0.97
C MET E 104 -37.45 13.15 0.85
N GLU E 105 -38.16 12.23 1.50
CA GLU E 105 -39.56 11.96 1.19
C GLU E 105 -40.48 12.57 2.24
N LYS E 106 -41.52 13.25 1.77
N LYS E 106 -41.51 13.25 1.77
CA LYS E 106 -42.54 13.77 2.67
CA LYS E 106 -42.57 13.74 2.64
C LYS E 106 -43.31 12.62 3.30
C LYS E 106 -43.28 12.57 3.31
N ASN E 107 -43.46 12.64 4.61
CA ASN E 107 -44.14 11.57 5.33
C ASN E 107 -45.63 11.61 5.02
N PRO E 108 -46.22 10.56 4.43
CA PRO E 108 -47.65 10.62 4.09
C PRO E 108 -48.58 10.82 5.29
N ASP E 109 -48.14 10.53 6.51
CA ASP E 109 -48.98 10.68 7.68
C ASP E 109 -48.78 12.01 8.40
N GLY E 110 -47.99 12.93 7.82
CA GLY E 110 -47.78 14.24 8.39
C GLY E 110 -46.60 14.35 9.33
N GLY E 111 -46.00 13.23 9.74
CA GLY E 111 -44.89 13.25 10.66
C GLY E 111 -43.59 13.66 9.99
N GLU E 112 -42.50 13.38 10.68
CA GLU E 112 -41.17 13.75 10.17
C GLU E 112 -40.88 12.97 8.89
N PRO E 113 -40.17 13.59 7.92
CA PRO E 113 -39.97 12.94 6.63
C PRO E 113 -38.98 11.79 6.68
N TYR E 114 -38.84 11.10 5.55
CA TYR E 114 -37.97 9.95 5.42
C TYR E 114 -36.78 10.26 4.52
N ASN E 115 -35.71 9.50 4.72
CA ASN E 115 -34.56 9.48 3.83
C ASN E 115 -34.68 8.23 2.97
N THR E 116 -35.04 8.42 1.69
CA THR E 116 -35.51 7.33 0.85
C THR E 116 -34.59 7.14 -0.35
N ALA E 117 -34.47 5.88 -0.77
CA ALA E 117 -33.76 5.51 -1.98
C ALA E 117 -34.68 4.62 -2.82
N VAL E 118 -34.54 4.72 -4.14
CA VAL E 118 -35.36 3.94 -5.07
C VAL E 118 -34.47 3.35 -6.15
N ILE E 119 -34.93 2.24 -6.73
CA ILE E 119 -34.36 1.67 -7.94
C ILE E 119 -35.43 1.66 -9.01
N ILE E 120 -35.10 2.17 -10.19
CA ILE E 120 -35.99 2.15 -11.34
C ILE E 120 -35.31 1.31 -12.42
N ASP E 121 -36.08 0.47 -13.11
CA ASP E 121 -35.54 -0.46 -14.08
C ASP E 121 -35.60 0.15 -15.48
N PRO E 122 -35.05 -0.54 -16.48
CA PRO E 122 -34.99 0.04 -17.83
C PRO E 122 -36.35 0.28 -18.47
N GLN E 123 -37.45 -0.13 -17.84
CA GLN E 123 -38.78 0.13 -18.38
C GLN E 123 -39.48 1.28 -17.65
N GLY E 124 -38.75 1.99 -16.79
CA GLY E 124 -39.33 3.11 -16.07
C GLY E 124 -40.14 2.75 -14.84
N GLU E 125 -40.14 1.47 -14.44
N GLU E 125 -40.14 1.47 -14.44
CA GLU E 125 -40.90 1.03 -13.28
CA GLU E 125 -40.91 1.04 -13.28
C GLU E 125 -40.03 1.08 -12.03
C GLU E 125 -40.03 1.11 -12.04
N MET E 126 -40.61 1.57 -10.94
CA MET E 126 -39.92 1.61 -9.65
C MET E 126 -40.05 0.24 -9.01
N ILE E 127 -38.93 -0.48 -8.89
CA ILE E 127 -38.95 -1.86 -8.40
C ILE E 127 -38.43 -1.98 -6.98
N LEU E 128 -38.04 -0.88 -6.34
CA LEU E 128 -37.54 -0.95 -4.98
C LEU E 128 -37.66 0.43 -4.35
N LYS E 129 -38.25 0.50 -3.16
CA LYS E 129 -38.32 1.71 -2.36
C LYS E 129 -37.85 1.38 -0.96
N TYR E 130 -36.82 2.08 -0.48
CA TYR E 130 -36.21 1.81 0.81
C TYR E 130 -36.11 3.11 1.59
N ARG E 131 -36.45 3.05 2.88
CA ARG E 131 -36.35 4.18 3.79
C ARG E 131 -35.23 3.94 4.79
N LYS E 132 -34.31 4.89 4.87
CA LYS E 132 -33.10 4.76 5.69
C LYS E 132 -33.44 4.28 7.09
N LEU E 133 -32.91 3.12 7.46
CA LEU E 133 -33.22 2.51 8.75
C LEU E 133 -32.46 3.19 9.90
N ASN E 134 -31.25 3.67 9.65
CA ASN E 134 -30.36 4.17 10.70
C ASN E 134 -30.01 5.63 10.43
N PRO E 135 -30.89 6.57 10.77
N PRO E 135 -30.90 6.56 10.74
CA PRO E 135 -30.74 7.96 10.32
CA PRO E 135 -30.49 7.96 10.88
C PRO E 135 -29.46 8.67 10.73
C PRO E 135 -29.81 8.18 12.23
N TRP E 136 -28.48 8.02 11.34
N TRP E 136 -29.12 9.31 12.35
CA TRP E 136 -27.23 8.71 11.70
CA TRP E 136 -28.06 9.45 13.35
C TRP E 136 -27.57 9.91 12.57
C TRP E 136 -28.51 9.20 14.82
N VAL E 137 -28.14 9.61 13.74
N VAL E 137 -29.33 10.05 15.46
CA VAL E 137 -29.11 10.47 14.41
CA VAL E 137 -30.03 11.18 14.89
C VAL E 137 -28.66 11.93 14.49
C VAL E 137 -29.64 12.54 15.51
N PRO E 138 -27.95 12.35 15.57
N PRO E 138 -28.36 12.73 15.94
CA PRO E 138 -28.06 13.75 16.02
CA PRO E 138 -27.94 14.10 16.25
C PRO E 138 -28.38 14.79 14.95
C PRO E 138 -28.17 15.09 15.11
N VAL E 139 -27.46 14.95 13.99
CA VAL E 139 -27.59 15.97 12.95
C VAL E 139 -28.79 15.70 12.03
N GLU E 140 -29.17 14.39 11.81
CA GLU E 140 -30.19 14.13 10.81
C GLU E 140 -31.58 14.05 11.45
N PRO E 141 -32.60 14.62 10.81
CA PRO E 141 -33.96 14.60 11.37
C PRO E 141 -34.89 13.52 10.84
N TRP E 142 -34.40 12.61 10.01
CA TRP E 142 -35.29 11.71 9.30
C TRP E 142 -35.85 10.64 10.23
N LYS E 143 -37.08 10.22 9.98
N LYS E 143 -37.09 10.23 10.00
CA LYS E 143 -37.70 9.16 10.75
CA LYS E 143 -37.69 9.16 10.78
C LYS E 143 -37.09 7.81 10.37
C LYS E 143 -37.07 7.83 10.39
N ALA E 144 -36.90 6.95 11.37
CA ALA E 144 -36.35 5.63 11.12
C ALA E 144 -37.20 4.89 10.10
N GLY E 145 -36.55 4.35 9.07
CA GLY E 145 -37.25 3.64 8.02
C GLY E 145 -38.18 2.57 8.54
N ASP E 146 -39.33 2.41 7.89
CA ASP E 146 -40.34 1.45 8.32
C ASP E 146 -40.72 0.47 7.21
N LEU E 147 -39.93 0.38 6.14
CA LEU E 147 -40.18 -0.55 5.06
C LEU E 147 -39.24 -1.75 5.09
N GLY E 148 -38.52 -1.96 6.18
CA GLY E 148 -37.54 -3.02 6.20
C GLY E 148 -36.45 -2.73 5.18
N LEU E 149 -35.76 -3.81 4.79
CA LEU E 149 -34.69 -3.75 3.80
C LEU E 149 -35.10 -4.59 2.60
N PRO E 150 -35.70 -4.00 1.58
CA PRO E 150 -36.21 -4.80 0.45
C PRO E 150 -35.11 -5.22 -0.50
N VAL E 151 -35.46 -6.19 -1.34
CA VAL E 151 -34.57 -6.71 -2.38
C VAL E 151 -35.37 -6.85 -3.66
N CYS E 152 -34.73 -6.57 -4.79
CA CYS E 152 -35.38 -6.66 -6.09
C CYS E 152 -34.47 -7.37 -7.08
N ASP E 153 -35.04 -7.73 -8.22
CA ASP E 153 -34.26 -8.32 -9.31
C ASP E 153 -33.61 -7.23 -10.14
N GLY E 154 -32.32 -7.38 -10.39
CA GLY E 154 -31.58 -6.42 -11.19
C GLY E 154 -31.04 -7.06 -12.46
N PRO E 155 -30.09 -6.40 -13.11
CA PRO E 155 -29.54 -6.93 -14.35
C PRO E 155 -28.51 -8.03 -14.09
N GLY E 156 -28.27 -8.81 -15.14
CA GLY E 156 -27.26 -9.85 -15.07
C GLY E 156 -27.48 -10.86 -13.97
N GLY E 157 -28.74 -11.16 -13.65
CA GLY E 157 -29.04 -12.13 -12.62
C GLY E 157 -28.80 -11.64 -11.22
N SER E 158 -28.77 -10.33 -11.01
CA SER E 158 -28.48 -9.78 -9.69
C SER E 158 -29.74 -9.67 -8.85
N LYS E 159 -29.56 -9.83 -7.55
CA LYS E 159 -30.58 -9.49 -6.55
C LYS E 159 -30.06 -8.26 -5.82
N LEU E 160 -30.71 -7.12 -6.05
CA LEU E 160 -30.21 -5.84 -5.59
C LEU E 160 -30.85 -5.44 -4.28
N ALA E 161 -30.05 -4.86 -3.39
CA ALA E 161 -30.54 -4.17 -2.21
C ALA E 161 -29.80 -2.85 -2.08
N VAL E 162 -30.48 -1.86 -1.52
CA VAL E 162 -29.90 -0.54 -1.27
C VAL E 162 -29.90 -0.27 0.22
N CYS E 163 -28.82 0.34 0.69
CA CYS E 163 -28.76 0.91 2.02
C CYS E 163 -28.18 2.31 1.92
N ILE E 164 -28.38 3.09 2.97
CA ILE E 164 -28.06 4.52 2.90
C ILE E 164 -27.09 4.98 3.99
N QCS E 165 -25.97 5.55 3.57
N QCS E 165 -25.96 5.51 3.55
CA QCS E 165 -25.14 6.32 4.43
CA QCS E 165 -24.98 6.15 4.38
CB QCS E 165 -25.98 7.50 4.88
CB QCS E 165 -25.50 7.53 4.73
SG QCS E 165 -25.12 8.53 6.02
SG QCS E 165 -24.14 8.57 5.21
CD QCS E 165 -24.07 9.59 5.06
CD QCS E 165 -24.73 10.17 5.69
NE2 QCS E 165 -22.97 9.01 4.38
NE2 QCS E 165 -23.80 11.18 6.09
OE1 QCS E 165 -24.30 10.78 4.97
OE1 QCS E 165 -25.91 10.42 5.68
C QCS E 165 -24.63 5.56 5.63
C QCS E 165 -24.60 5.31 5.59
O QCS E 165 -23.59 4.85 5.54
O QCS E 165 -23.80 4.35 5.46
N HIS E 166 -25.32 5.68 6.77
N HIS E 166 -25.13 5.64 6.77
CA HIS E 166 -24.84 5.08 7.99
CA HIS E 166 -24.71 5.00 8.01
C HIS E 166 -25.21 3.61 8.08
C HIS E 166 -25.24 3.58 8.14
N ASP E 167 -26.20 3.22 7.28
CA ASP E 167 -26.64 1.83 7.25
C ASP E 167 -25.46 0.89 7.04
N GLY E 168 -24.52 1.29 6.20
CA GLY E 168 -23.38 0.44 5.88
C GLY E 168 -22.39 0.26 7.02
N MET E 169 -22.48 1.07 8.08
CA MET E 169 -21.62 0.87 9.23
C MET E 169 -22.14 -0.20 10.16
N PHE E 170 -23.43 -0.53 10.07
CA PHE E 170 -24.01 -1.60 10.88
C PHE E 170 -23.90 -2.91 10.11
N PRO E 171 -23.17 -3.92 10.62
CA PRO E 171 -23.12 -5.20 9.90
C PRO E 171 -24.49 -5.85 9.75
N GLU E 172 -25.45 -5.50 10.60
CA GLU E 172 -26.78 -6.09 10.51
C GLU E 172 -27.48 -5.72 9.21
N VAL E 173 -27.13 -4.57 8.62
CA VAL E 173 -27.77 -4.14 7.38
C VAL E 173 -27.36 -5.04 6.22
N ALA E 174 -26.05 -5.19 6.00
CA ALA E 174 -25.59 -6.06 4.93
C ALA E 174 -26.02 -7.50 5.19
N ARG E 175 -26.03 -7.91 6.45
CA ARG E 175 -26.50 -9.24 6.81
C ARG E 175 -27.94 -9.45 6.39
N GLU E 176 -28.80 -8.46 6.66
CA GLU E 176 -30.21 -8.57 6.30
C GLU E 176 -30.38 -8.64 4.79
N ALA E 177 -29.62 -7.83 4.05
CA ALA E 177 -29.72 -7.83 2.59
C ALA E 177 -29.45 -9.21 2.03
N ALA E 178 -28.31 -9.80 2.40
CA ALA E 178 -27.97 -11.14 1.91
C ALA E 178 -28.95 -12.19 2.43
N TYR E 179 -29.44 -12.01 3.65
CA TYR E 179 -30.41 -12.97 4.19
C TYR E 179 -31.69 -12.99 3.36
N LYS E 180 -32.09 -11.85 2.81
N LYS E 180 -32.08 -11.85 2.81
CA LYS E 180 -33.28 -11.78 1.98
CA LYS E 180 -33.26 -11.74 1.97
C LYS E 180 -33.00 -12.17 0.53
C LYS E 180 -32.98 -12.08 0.50
N GLY E 181 -31.77 -12.54 0.19
CA GLY E 181 -31.44 -13.03 -1.14
C GLY E 181 -30.53 -12.13 -1.95
N ALA E 182 -30.21 -10.93 -1.48
CA ALA E 182 -29.38 -10.03 -2.28
C ALA E 182 -27.99 -10.62 -2.47
N ASN E 183 -27.48 -10.52 -3.69
CA ASN E 183 -26.08 -10.80 -3.98
C ASN E 183 -25.31 -9.55 -4.41
N VAL E 184 -25.98 -8.40 -4.43
CA VAL E 184 -25.34 -7.10 -4.68
C VAL E 184 -25.96 -6.11 -3.70
N LEU E 185 -25.15 -5.48 -2.87
CA LEU E 185 -25.60 -4.44 -1.96
C LEU E 185 -25.09 -3.10 -2.46
N ILE E 186 -26.02 -2.18 -2.71
CA ILE E 186 -25.70 -0.83 -3.17
C ILE E 186 -25.76 0.10 -1.97
N ARG E 187 -24.75 0.96 -1.82
CA ARG E 187 -24.66 1.90 -0.71
C ARG E 187 -24.48 3.30 -1.27
N ILE E 188 -25.45 4.17 -1.01
CA ILE E 188 -25.38 5.58 -1.43
C ILE E 188 -25.23 6.41 -0.16
N SER E 189 -24.30 7.36 -0.20
N SER E 189 -24.31 7.36 -0.19
CA SER E 189 -23.89 8.04 1.02
CA SER E 189 -23.93 8.06 1.03
C SER E 189 -23.56 9.51 0.74
C SER E 189 -23.59 9.51 0.74
N GLY E 190 -23.60 10.31 1.79
CA GLY E 190 -23.18 11.70 1.73
C GLY E 190 -22.28 12.01 2.91
N TYR E 191 -21.20 11.24 3.05
CA TYR E 191 -20.27 11.34 4.16
C TYR E 191 -19.25 12.44 3.93
N SER E 192 -18.79 13.04 5.02
CA SER E 192 -17.62 13.90 4.96
C SER E 192 -16.34 13.08 5.06
N THR E 193 -15.21 13.71 4.78
CA THR E 193 -13.92 13.04 4.74
C THR E 193 -13.57 12.35 6.06
N GLN E 194 -14.31 12.59 7.14
CA GLN E 194 -13.91 12.08 8.45
C GLN E 194 -13.97 10.56 8.55
N VAL E 195 -14.83 9.91 7.77
CA VAL E 195 -14.97 8.45 7.87
C VAL E 195 -14.60 7.78 6.55
N SER E 196 -13.73 8.42 5.77
CA SER E 196 -13.27 7.83 4.52
C SER E 196 -12.68 6.44 4.74
N GLU E 197 -11.78 6.31 5.72
N GLU E 197 -11.81 6.29 5.74
CA GLU E 197 -11.17 5.03 6.02
CA GLU E 197 -11.18 5.00 5.97
C GLU E 197 -12.21 4.00 6.42
C GLU E 197 -12.18 3.97 6.48
N GLN E 198 -13.10 4.38 7.35
CA GLN E 198 -14.10 3.44 7.85
C GLN E 198 -15.12 3.10 6.76
N TRP E 199 -15.36 4.04 5.85
CA TRP E 199 -16.19 3.78 4.67
C TRP E 199 -15.62 2.64 3.84
N MET E 200 -14.32 2.72 3.50
CA MET E 200 -13.70 1.68 2.69
C MET E 200 -13.67 0.35 3.42
N LEU E 201 -13.47 0.38 4.74
CA LEU E 201 -13.35 -0.86 5.50
C LEU E 201 -14.67 -1.62 5.53
N THR E 202 -15.76 -0.94 5.87
CA THR E 202 -17.04 -1.63 6.01
C THR E 202 -17.58 -2.08 4.66
N ASN E 203 -17.23 -1.36 3.58
CA ASN E 203 -17.62 -1.81 2.25
C ASN E 203 -17.00 -3.17 1.94
N ARG E 204 -15.76 -3.39 2.41
CA ARG E 204 -15.10 -4.67 2.17
C ARG E 204 -15.68 -5.75 3.07
N SER E 205 -15.87 -5.45 4.36
CA SER E 205 -16.38 -6.45 5.29
C SER E 205 -17.84 -6.79 5.00
N ASN E 206 -18.65 -5.80 4.64
CA ASN E 206 -20.02 -6.08 4.23
C ASN E 206 -20.05 -7.09 3.08
N ALA E 207 -19.08 -7.00 2.17
CA ALA E 207 -19.01 -7.93 1.06
C ALA E 207 -18.58 -9.32 1.51
N TRP E 208 -17.46 -9.41 2.22
CA TRP E 208 -16.90 -10.70 2.57
C TRP E 208 -17.82 -11.49 3.48
N GLN E 209 -18.32 -10.84 4.55
CA GLN E 209 -19.09 -11.56 5.56
C GLN E 209 -20.36 -12.19 4.99
N ASN E 210 -20.82 -11.73 3.82
CA ASN E 210 -22.06 -12.20 3.24
C ASN E 210 -21.88 -12.79 1.84
N LEU E 211 -20.64 -12.93 1.38
CA LEU E 211 -20.36 -13.43 0.04
C LEU E 211 -21.21 -12.68 -0.99
N MET E 212 -20.96 -11.38 -1.05
CA MET E 212 -21.85 -10.44 -1.70
C MET E 212 -21.04 -9.31 -2.29
N TYR E 213 -21.40 -8.87 -3.49
CA TYR E 213 -20.80 -7.67 -4.06
C TYR E 213 -21.32 -6.44 -3.32
N THR E 214 -20.46 -5.44 -3.15
CA THR E 214 -20.87 -4.14 -2.66
C THR E 214 -20.51 -3.08 -3.68
N LEU E 215 -21.49 -2.25 -4.04
CA LEU E 215 -21.30 -1.09 -4.89
C LEU E 215 -21.64 0.15 -4.08
N SER E 216 -20.67 1.02 -3.88
CA SER E 216 -20.80 2.09 -2.89
C SER E 216 -20.22 3.37 -3.46
N VAL E 217 -20.95 4.47 -3.31
CA VAL E 217 -20.51 5.77 -3.82
C VAL E 217 -21.01 6.88 -2.92
N ASN E 218 -20.20 7.92 -2.80
CA ASN E 218 -20.47 9.05 -1.93
C ASN E 218 -20.44 10.34 -2.75
N LEU E 219 -21.12 11.36 -2.24
CA LEU E 219 -20.98 12.69 -2.83
C LEU E 219 -19.52 13.12 -2.77
N ALA E 220 -19.17 14.07 -3.64
CA ALA E 220 -17.80 14.54 -3.74
C ALA E 220 -17.78 16.06 -3.81
N GLY E 221 -16.79 16.66 -3.17
CA GLY E 221 -16.57 18.09 -3.24
C GLY E 221 -16.97 18.80 -1.96
N TYR E 222 -16.94 20.13 -2.04
CA TYR E 222 -17.11 21.01 -0.89
C TYR E 222 -18.40 21.79 -1.02
N ASP E 223 -19.22 21.78 0.05
CA ASP E 223 -20.48 22.51 0.05
C ASP E 223 -20.45 23.73 0.97
N GLY E 224 -19.26 24.18 1.38
CA GLY E 224 -19.13 25.30 2.29
C GLY E 224 -19.05 24.92 3.76
N VAL E 225 -19.27 23.65 4.09
CA VAL E 225 -19.14 23.17 5.46
C VAL E 225 -18.24 21.94 5.46
N PHE E 226 -18.66 20.89 4.78
CA PHE E 226 -17.92 19.63 4.71
C PHE E 226 -17.36 19.42 3.31
N TYR E 227 -16.26 18.66 3.24
CA TYR E 227 -15.82 18.06 1.99
C TYR E 227 -16.23 16.60 1.97
N TYR E 228 -16.93 16.20 0.93
CA TYR E 228 -17.44 14.84 0.78
C TYR E 228 -16.47 14.06 -0.10
N PHE E 229 -16.13 12.85 0.32
CA PHE E 229 -14.93 12.20 -0.21
C PHE E 229 -15.14 11.44 -1.51
N GLY E 230 -16.39 11.25 -1.95
CA GLY E 230 -16.64 10.52 -3.18
C GLY E 230 -16.25 9.06 -3.10
N GLU E 231 -15.05 8.73 -3.58
CA GLU E 231 -14.43 7.41 -3.41
C GLU E 231 -15.40 6.27 -3.72
N GLY E 232 -15.90 6.27 -4.96
CA GLY E 232 -16.67 5.13 -5.41
C GLY E 232 -15.88 3.84 -5.27
N GLN E 233 -16.55 2.78 -4.82
CA GLN E 233 -15.87 1.55 -4.47
C GLN E 233 -16.70 0.34 -4.86
N VAL E 234 -16.06 -0.60 -5.57
CA VAL E 234 -16.66 -1.89 -5.89
C VAL E 234 -15.81 -2.96 -5.22
N CYS E 235 -16.46 -3.84 -4.46
CA CYS E 235 -15.78 -4.92 -3.78
C CYS E 235 -16.34 -6.26 -4.24
N ASN E 236 -15.45 -7.21 -4.49
N ASN E 236 -15.46 -7.22 -4.50
CA ASN E 236 -15.84 -8.57 -4.83
CA ASN E 236 -15.92 -8.54 -4.86
C ASN E 236 -16.44 -9.26 -3.61
C ASN E 236 -16.42 -9.28 -3.61
N PHE E 237 -17.03 -10.44 -3.84
CA PHE E 237 -17.66 -11.17 -2.74
C PHE E 237 -16.67 -11.79 -1.77
N ASP E 238 -15.36 -11.70 -2.04
N ASP E 238 -15.36 -11.70 -2.04
CA ASP E 238 -14.36 -12.10 -1.06
CA ASP E 238 -14.33 -12.10 -1.10
C ASP E 238 -13.77 -10.92 -0.30
C ASP E 238 -13.82 -10.93 -0.25
N GLY E 239 -14.42 -9.76 -0.38
CA GLY E 239 -14.00 -8.59 0.36
C GLY E 239 -12.93 -7.76 -0.31
N THR E 240 -12.48 -8.15 -1.50
CA THR E 240 -11.42 -7.43 -2.19
C THR E 240 -12.00 -6.28 -3.00
N THR E 241 -11.42 -5.09 -2.83
CA THR E 241 -11.78 -3.94 -3.65
C THR E 241 -11.28 -4.14 -5.08
N LEU E 242 -12.20 -4.07 -6.04
CA LEU E 242 -11.85 -4.21 -7.44
C LEU E 242 -11.51 -2.87 -8.09
N VAL E 243 -12.26 -1.81 -7.75
CA VAL E 243 -11.98 -0.49 -8.29
C VAL E 243 -12.29 0.54 -7.21
N GLN E 244 -11.49 1.59 -7.17
CA GLN E 244 -11.57 2.59 -6.12
C GLN E 244 -11.37 3.97 -6.75
N GLY E 245 -12.38 4.83 -6.63
CA GLY E 245 -12.24 6.19 -7.08
C GLY E 245 -11.58 7.07 -6.03
N HIS E 246 -11.13 8.24 -6.47
CA HIS E 246 -10.51 9.20 -5.56
C HIS E 246 -11.56 10.18 -5.05
N ARG E 247 -11.18 11.42 -4.74
CA ARG E 247 -12.08 12.35 -4.07
C ARG E 247 -12.56 13.49 -4.97
N ASN E 248 -12.48 13.31 -6.28
CA ASN E 248 -12.84 14.40 -7.18
C ASN E 248 -14.32 14.32 -7.55
N PRO E 249 -15.00 15.47 -7.66
CA PRO E 249 -16.37 15.45 -8.20
C PRO E 249 -16.37 14.96 -9.64
N TRP E 250 -17.41 14.21 -9.99
CA TRP E 250 -17.72 13.71 -11.32
C TRP E 250 -16.86 12.50 -11.72
N GLU E 251 -16.01 11.96 -10.85
CA GLU E 251 -15.39 10.69 -11.14
C GLU E 251 -16.44 9.62 -11.36
N ILE E 252 -16.26 8.82 -12.41
CA ILE E 252 -17.14 7.69 -12.71
C ILE E 252 -16.38 6.41 -12.40
N VAL E 253 -16.89 5.64 -11.44
CA VAL E 253 -16.28 4.37 -11.05
C VAL E 253 -17.10 3.26 -11.68
N THR E 254 -16.52 2.55 -12.63
CA THR E 254 -17.20 1.47 -13.34
C THR E 254 -16.55 0.13 -13.02
N ALA E 255 -17.36 -0.92 -13.16
CA ALA E 255 -16.87 -2.27 -12.95
C ALA E 255 -17.89 -3.25 -13.52
N GLU E 256 -17.38 -4.37 -14.01
CA GLU E 256 -18.21 -5.51 -14.37
C GLU E 256 -18.46 -6.36 -13.13
N VAL E 257 -19.70 -6.78 -12.94
CA VAL E 257 -20.11 -7.55 -11.78
C VAL E 257 -20.72 -8.85 -12.27
N TYR E 258 -20.36 -9.96 -11.62
CA TYR E 258 -20.82 -11.29 -12.00
C TYR E 258 -21.60 -11.90 -10.83
N PRO E 259 -22.88 -11.54 -10.68
CA PRO E 259 -23.63 -12.01 -9.50
C PRO E 259 -23.68 -13.52 -9.39
N GLU E 260 -23.59 -14.25 -10.50
N GLU E 260 -23.58 -14.24 -10.51
CA GLU E 260 -23.68 -15.70 -10.45
CA GLU E 260 -23.67 -15.69 -10.48
C GLU E 260 -22.52 -16.30 -9.65
C GLU E 260 -22.52 -16.30 -9.68
N LEU E 261 -21.35 -15.66 -9.68
CA LEU E 261 -20.21 -16.17 -8.93
C LEU E 261 -20.45 -16.05 -7.43
N ALA E 262 -21.09 -14.97 -7.00
CA ALA E 262 -21.49 -14.86 -5.59
C ALA E 262 -22.47 -15.97 -5.22
N ASP E 263 -23.46 -16.22 -6.08
CA ASP E 263 -24.41 -17.29 -5.81
C ASP E 263 -23.69 -18.64 -5.74
N GLN E 264 -22.77 -18.89 -6.67
CA GLN E 264 -22.04 -20.16 -6.67
C GLN E 264 -21.23 -20.32 -5.39
N ALA E 265 -20.55 -19.27 -4.96
CA ALA E 265 -19.76 -19.35 -3.74
C ALA E 265 -20.63 -19.75 -2.54
N ARG E 266 -21.83 -19.16 -2.44
CA ARG E 266 -22.70 -19.48 -1.31
C ARG E 266 -23.22 -20.90 -1.40
N LEU E 267 -23.51 -21.38 -2.61
CA LEU E 267 -23.97 -22.75 -2.78
C LEU E 267 -22.83 -23.73 -2.58
N GLY E 268 -21.65 -23.40 -3.10
CA GLY E 268 -20.53 -24.33 -3.09
C GLY E 268 -19.81 -24.43 -1.76
N TRP E 269 -19.59 -23.30 -1.10
CA TRP E 269 -18.80 -23.29 0.12
C TRP E 269 -19.67 -23.69 1.32
N GLY E 288 -27.24 -31.74 12.00
CA GLY E 288 -27.69 -30.71 11.09
C GLY E 288 -27.35 -29.30 11.52
N GLY E 289 -26.42 -29.19 12.47
CA GLY E 289 -25.99 -27.89 12.95
C GLY E 289 -26.89 -27.34 14.04
N VAL E 290 -26.29 -26.55 14.93
CA VAL E 290 -27.02 -25.95 16.04
C VAL E 290 -27.73 -24.69 15.54
N LYS E 291 -29.04 -24.65 15.76
N LYS E 291 -29.04 -24.65 15.77
CA LYS E 291 -29.86 -23.53 15.30
CA LYS E 291 -29.90 -23.57 15.31
C LYS E 291 -30.11 -22.48 16.37
C LYS E 291 -30.13 -22.50 16.37
N GLU E 292 -29.77 -22.75 17.62
CA GLU E 292 -30.08 -21.85 18.71
C GLU E 292 -29.16 -20.64 18.72
N ASN E 293 -29.66 -19.52 19.25
CA ASN E 293 -28.95 -18.26 19.25
C ASN E 293 -28.09 -18.13 20.51
N PRO E 294 -26.78 -17.99 20.39
CA PRO E 294 -25.94 -17.74 21.58
C PRO E 294 -25.68 -16.28 21.90
N TYR E 295 -26.28 -15.34 21.17
CA TYR E 295 -25.94 -13.92 21.29
C TYR E 295 -27.06 -13.20 22.02
N THR E 296 -26.73 -12.64 23.19
CA THR E 296 -27.72 -11.85 23.94
C THR E 296 -28.15 -10.61 23.16
N PHE E 297 -27.25 -10.00 22.39
CA PHE E 297 -27.60 -8.78 21.68
C PHE E 297 -28.63 -9.05 20.60
N VAL E 298 -28.59 -10.24 19.98
CA VAL E 298 -29.60 -10.59 18.98
C VAL E 298 -30.98 -10.70 19.63
N LYS E 299 -31.04 -11.34 20.80
CA LYS E 299 -32.32 -11.47 21.49
C LYS E 299 -32.86 -10.11 21.92
N ASP E 300 -32.00 -9.30 22.55
CA ASP E 300 -32.44 -7.98 23.00
C ASP E 300 -32.85 -7.10 21.83
N LEU E 301 -32.10 -7.16 20.73
CA LEU E 301 -32.43 -6.36 19.56
C LEU E 301 -33.75 -6.82 18.94
N ALA E 302 -33.94 -8.14 18.80
CA ALA E 302 -35.17 -8.66 18.21
C ALA E 302 -36.39 -8.26 19.02
N GLU E 303 -36.25 -8.12 20.33
CA GLU E 303 -37.35 -7.80 21.23
C GLU E 303 -37.41 -6.32 21.58
N GLY E 304 -36.59 -5.48 20.94
CA GLY E 304 -36.62 -4.06 21.19
C GLY E 304 -36.17 -3.65 22.58
N LYS E 305 -35.35 -4.47 23.23
CA LYS E 305 -34.81 -4.16 24.55
C LYS E 305 -33.32 -3.83 24.50
N TYR E 306 -32.76 -3.67 23.30
CA TYR E 306 -31.33 -3.41 23.15
C TYR E 306 -30.93 -2.15 23.89
N LYS E 307 -30.00 -2.28 24.83
CA LYS E 307 -29.51 -1.13 25.58
C LYS E 307 -28.09 -1.39 26.08
N SER F 12 24.00 14.93 -14.40
CA SER F 12 23.99 14.12 -15.62
C SER F 12 22.58 13.62 -15.94
N GLY F 13 21.58 14.48 -15.72
CA GLY F 13 20.20 14.15 -16.02
C GLY F 13 19.44 15.35 -16.53
N PHE F 14 18.11 15.24 -16.58
CA PHE F 14 17.28 16.36 -17.01
C PHE F 14 15.96 16.32 -16.24
N LEU F 15 15.36 17.50 -16.09
CA LEU F 15 14.11 17.66 -15.37
C LEU F 15 12.96 17.65 -16.37
N THR F 16 11.92 16.87 -16.07
CA THR F 16 10.74 16.80 -16.90
C THR F 16 9.52 17.19 -16.09
N ALA F 17 8.51 17.75 -16.77
CA ALA F 17 7.24 18.10 -16.16
C ALA F 17 6.11 17.51 -16.99
N LEU F 18 5.22 16.77 -16.34
CA LEU F 18 4.06 16.17 -16.97
C LEU F 18 2.83 16.95 -16.54
N ILE F 19 2.09 17.47 -17.52
CA ILE F 19 0.94 18.34 -17.26
C ILE F 19 -0.32 17.49 -17.34
N GLN F 20 -1.01 17.35 -16.20
CA GLN F 20 -2.32 16.71 -16.18
C GLN F 20 -3.35 17.73 -16.68
N TYR F 21 -3.25 17.98 -17.98
CA TYR F 21 -4.00 19.06 -18.61
C TYR F 21 -5.51 18.82 -18.47
N PRO F 22 -6.30 19.84 -18.16
CA PRO F 22 -7.74 19.64 -18.05
C PRO F 22 -8.35 19.23 -19.39
N VAL F 23 -9.23 18.23 -19.35
CA VAL F 23 -9.82 17.75 -20.60
C VAL F 23 -10.57 18.89 -21.28
N PRO F 24 -10.28 19.22 -22.54
CA PRO F 24 -11.02 20.30 -23.20
C PRO F 24 -12.42 19.87 -23.61
N VAL F 25 -13.35 20.82 -23.49
CA VAL F 25 -14.70 20.69 -24.03
C VAL F 25 -14.76 21.62 -25.23
N VAL F 26 -14.68 21.05 -26.43
CA VAL F 26 -14.44 21.78 -27.66
C VAL F 26 -15.69 21.67 -28.53
N GLU F 27 -16.26 22.81 -28.90
CA GLU F 27 -17.41 22.87 -29.79
C GLU F 27 -17.12 23.57 -31.11
N SER F 28 -15.95 24.19 -31.25
CA SER F 28 -15.61 24.93 -32.45
C SER F 28 -14.10 25.19 -32.45
N ARG F 29 -13.62 25.80 -33.54
N ARG F 29 -13.62 25.80 -33.54
CA ARG F 29 -12.21 26.15 -33.66
CA ARG F 29 -12.20 26.12 -33.63
C ARG F 29 -11.78 27.15 -32.59
C ARG F 29 -11.78 27.14 -32.58
N ALA F 30 -12.71 27.99 -32.15
CA ALA F 30 -12.38 28.97 -31.11
C ALA F 30 -11.97 28.26 -29.81
N ASP F 31 -12.63 27.16 -29.49
CA ASP F 31 -12.26 26.38 -28.31
C ASP F 31 -10.89 25.74 -28.48
N ILE F 32 -10.55 25.33 -29.71
CA ILE F 32 -9.22 24.80 -29.97
C ILE F 32 -8.17 25.89 -29.77
N ASP F 33 -8.43 27.08 -30.32
CA ASP F 33 -7.49 28.19 -30.16
C ASP F 33 -7.24 28.48 -28.69
N LYS F 34 -8.27 28.32 -27.85
CA LYS F 34 -8.10 28.59 -26.43
C LYS F 34 -7.20 27.53 -25.78
N GLN F 35 -7.31 26.27 -26.23
CA GLN F 35 -6.38 25.26 -25.75
C GLN F 35 -4.95 25.60 -26.15
N ILE F 36 -4.76 26.01 -27.41
CA ILE F 36 -3.43 26.35 -27.89
C ILE F 36 -2.81 27.44 -27.02
N GLN F 37 -3.56 28.52 -26.80
N GLN F 37 -3.57 28.51 -26.77
CA GLN F 37 -3.03 29.59 -25.95
CA GLN F 37 -3.07 29.61 -25.95
C GLN F 37 -2.75 29.08 -24.54
C GLN F 37 -2.82 29.16 -24.51
N GLN F 38 -3.70 28.33 -23.96
CA GLN F 38 -3.48 27.81 -22.61
C GLN F 38 -2.25 26.93 -22.56
N ILE F 39 -2.04 26.10 -23.59
CA ILE F 39 -0.83 25.28 -23.66
C ILE F 39 0.41 26.17 -23.71
N ILE F 40 0.37 27.21 -24.56
CA ILE F 40 1.49 28.15 -24.64
C ILE F 40 1.76 28.76 -23.27
N LYS F 41 0.70 29.27 -22.63
CA LYS F 41 0.85 29.85 -21.30
C LYS F 41 1.47 28.87 -20.33
N THR F 42 1.08 27.59 -20.42
CA THR F 42 1.59 26.59 -19.48
C THR F 42 3.07 26.32 -19.71
N ILE F 43 3.52 26.34 -20.96
CA ILE F 43 4.95 26.19 -21.24
C ILE F 43 5.73 27.27 -20.50
N HIS F 44 5.31 28.53 -20.64
CA HIS F 44 6.07 29.62 -20.05
C HIS F 44 5.99 29.61 -18.53
N SER F 45 4.80 29.39 -17.98
CA SER F 45 4.64 29.43 -16.53
C SER F 45 5.37 28.28 -15.86
N THR F 46 5.30 27.08 -16.45
CA THR F 46 5.98 25.94 -15.84
C THR F 46 7.49 26.11 -15.86
N LYS F 47 8.04 26.63 -16.97
CA LYS F 47 9.47 26.93 -17.01
C LYS F 47 9.84 27.98 -15.97
N SER F 48 8.97 28.99 -15.78
N SER F 48 8.98 28.99 -15.79
CA SER F 48 9.25 30.00 -14.78
CA SER F 48 9.25 30.01 -14.79
C SER F 48 9.27 29.42 -13.38
C SER F 48 9.29 29.40 -13.38
N GLY F 49 8.40 28.45 -13.10
CA GLY F 49 8.37 27.83 -11.80
C GLY F 49 9.46 26.80 -11.59
N TYR F 50 9.87 26.12 -12.66
CA TYR F 50 10.89 25.07 -12.61
C TYR F 50 12.01 25.46 -13.56
N PRO F 51 12.93 26.34 -13.12
CA PRO F 51 13.93 26.87 -14.06
C PRO F 51 14.78 25.79 -14.74
N GLY F 52 15.00 24.66 -14.10
CA GLY F 52 15.80 23.60 -14.69
C GLY F 52 15.08 22.76 -15.72
N LEU F 53 13.80 23.05 -15.96
CA LEU F 53 12.99 22.21 -16.82
C LEU F 53 13.54 22.16 -18.23
N GLU F 54 13.54 20.95 -18.81
CA GLU F 54 13.96 20.74 -20.19
C GLU F 54 12.97 19.96 -21.03
N LEU F 55 11.96 19.33 -20.44
CA LEU F 55 11.00 18.51 -21.18
C LEU F 55 9.63 18.65 -20.53
N ILE F 56 8.69 19.27 -21.24
CA ILE F 56 7.32 19.42 -20.79
C ILE F 56 6.42 18.59 -21.69
N VAL F 57 5.51 17.83 -21.10
CA VAL F 57 4.72 16.83 -21.80
C VAL F 57 3.25 17.14 -21.61
N PHE F 58 2.50 17.20 -22.71
CA PHE F 58 1.07 17.43 -22.67
C PHE F 58 0.31 16.18 -23.13
N PRO F 59 -0.88 15.93 -22.61
CA PRO F 59 -1.58 14.68 -22.94
C PRO F 59 -2.22 14.69 -24.33
N GLU F 60 -2.64 13.49 -24.73
CA GLU F 60 -3.40 13.32 -25.97
C GLU F 60 -4.72 14.10 -25.91
N TYR F 61 -5.09 14.70 -27.04
CA TYR F 61 -6.31 15.47 -27.19
C TYR F 61 -6.29 16.79 -26.43
N SER F 62 -5.14 17.19 -25.88
CA SER F 62 -5.07 18.44 -25.13
C SER F 62 -5.33 19.66 -26.01
N THR F 63 -5.11 19.55 -27.32
CA THR F 63 -5.31 20.67 -28.22
C THR F 63 -6.74 20.76 -28.74
N GLN F 64 -7.38 19.62 -29.01
CA GLN F 64 -8.63 19.59 -29.74
C GLN F 64 -9.78 18.89 -29.02
N GLY F 65 -9.53 18.26 -27.88
CA GLY F 65 -10.60 17.62 -27.14
C GLY F 65 -11.05 16.31 -27.77
N LEU F 66 -12.21 15.84 -27.29
CA LEU F 66 -12.78 14.57 -27.71
C LEU F 66 -14.24 14.73 -28.12
N ASN F 67 -14.55 15.80 -28.83
CA ASN F 67 -15.90 15.97 -29.37
C ASN F 67 -16.11 14.95 -30.48
N THR F 68 -16.64 13.77 -30.14
CA THR F 68 -16.74 12.67 -31.09
C THR F 68 -17.68 12.96 -32.24
N LYS F 69 -18.49 14.01 -32.16
N LYS F 69 -18.49 14.01 -32.16
CA LYS F 69 -19.40 14.38 -33.23
CA LYS F 69 -19.39 14.38 -33.24
C LYS F 69 -18.74 15.28 -34.28
C LYS F 69 -18.77 15.34 -34.25
N LYS F 70 -17.61 15.91 -33.95
CA LYS F 70 -16.98 16.88 -34.84
C LYS F 70 -15.49 16.70 -35.04
N TRP F 71 -14.85 15.77 -34.34
CA TRP F 71 -13.38 15.75 -34.32
C TRP F 71 -12.76 15.31 -35.65
N THR F 72 -13.53 14.91 -36.65
CA THR F 72 -12.99 14.65 -37.98
C THR F 72 -13.37 15.71 -39.00
N THR F 73 -14.18 16.71 -38.61
CA THR F 73 -14.49 17.80 -39.53
C THR F 73 -13.26 18.65 -39.78
N GLU F 74 -13.27 19.35 -40.91
N GLU F 74 -13.25 19.33 -40.92
CA GLU F 74 -12.12 20.17 -41.29
CA GLU F 74 -12.10 20.17 -41.28
C GLU F 74 -11.83 21.26 -40.26
C GLU F 74 -11.82 21.20 -40.19
N GLU F 75 -12.88 21.75 -39.58
CA GLU F 75 -12.68 22.77 -38.56
C GLU F 75 -11.85 22.26 -37.39
N PHE F 76 -11.95 20.98 -37.07
CA PHE F 76 -11.31 20.42 -35.89
C PHE F 76 -9.95 19.79 -36.18
N LEU F 77 -9.43 19.95 -37.39
CA LEU F 77 -8.18 19.32 -37.79
C LEU F 77 -7.11 20.38 -38.09
N CYS F 78 -5.86 19.92 -38.10
CA CYS F 78 -4.72 20.77 -38.38
C CYS F 78 -3.75 20.02 -39.27
N THR F 79 -2.88 20.77 -39.93
CA THR F 79 -1.75 20.18 -40.63
C THR F 79 -0.54 20.14 -39.70
N VAL F 80 0.30 19.14 -39.90
CA VAL F 80 1.48 18.97 -39.07
C VAL F 80 2.72 18.85 -39.95
N PRO F 81 3.61 19.87 -39.94
CA PRO F 81 3.52 21.10 -39.15
C PRO F 81 2.55 22.12 -39.76
N GLY F 82 2.03 23.00 -38.91
CA GLY F 82 1.16 24.06 -39.36
C GLY F 82 1.24 25.27 -38.45
N PRO F 83 0.31 26.21 -38.62
CA PRO F 83 0.33 27.40 -37.74
C PRO F 83 0.27 27.05 -36.27
N GLU F 84 -0.46 25.99 -35.92
CA GLU F 84 -0.63 25.64 -34.51
C GLU F 84 0.69 25.14 -33.93
N THR F 85 1.36 24.23 -34.63
CA THR F 85 2.64 23.73 -34.13
C THR F 85 3.73 24.80 -34.21
N ASP F 86 3.60 25.75 -35.14
CA ASP F 86 4.54 26.86 -35.17
C ASP F 86 4.41 27.70 -33.90
N LEU F 87 3.20 27.83 -33.37
CA LEU F 87 3.01 28.55 -32.11
C LEU F 87 3.61 27.77 -30.94
N PHE F 88 3.40 26.46 -30.92
CA PHE F 88 4.10 25.62 -29.94
C PHE F 88 5.61 25.77 -30.09
N ALA F 89 6.09 25.83 -31.33
CA ALA F 89 7.52 25.94 -31.58
C ALA F 89 8.09 27.24 -31.04
N GLU F 90 7.37 28.35 -31.23
N GLU F 90 7.37 28.35 -31.26
CA GLU F 90 7.84 29.63 -30.72
CA GLU F 90 7.83 29.63 -30.72
C GLU F 90 7.94 29.61 -29.20
C GLU F 90 7.95 29.58 -29.21
N ALA F 91 6.97 28.98 -28.53
CA ALA F 91 6.99 28.92 -27.07
C ALA F 91 8.15 28.05 -26.58
N CYS F 92 8.33 26.87 -27.18
CA CYS F 92 9.47 26.03 -26.82
C CYS F 92 10.78 26.79 -27.01
N LYS F 93 10.87 27.56 -28.10
CA LYS F 93 12.08 28.32 -28.36
C LYS F 93 12.29 29.43 -27.33
N GLU F 94 11.21 30.14 -26.98
CA GLU F 94 11.31 31.23 -26.02
C GLU F 94 11.66 30.72 -24.63
N SER F 95 11.06 29.60 -24.23
CA SER F 95 11.31 29.03 -22.91
C SER F 95 12.49 28.05 -22.91
N LYS F 96 13.03 27.72 -24.08
CA LYS F 96 14.18 26.83 -24.20
C LYS F 96 13.93 25.50 -23.49
N VAL F 97 12.88 24.81 -23.95
CA VAL F 97 12.52 23.50 -23.45
C VAL F 97 12.15 22.61 -24.62
N TYR F 98 12.19 21.29 -24.38
CA TYR F 98 11.56 20.33 -25.27
C TYR F 98 10.09 20.22 -24.92
N GLY F 99 9.23 20.16 -25.93
CA GLY F 99 7.80 20.06 -25.73
C GLY F 99 7.19 18.92 -26.52
N VAL F 100 6.24 18.23 -25.90
CA VAL F 100 5.50 17.13 -26.51
C VAL F 100 4.04 17.55 -26.63
N PHE F 101 3.50 17.48 -27.84
CA PHE F 101 2.17 18.00 -28.13
C PHE F 101 1.36 16.99 -28.92
N SER F 102 0.04 17.14 -28.81
CA SER F 102 -0.92 16.27 -29.47
C SER F 102 -1.73 17.07 -30.48
N ILE F 103 -1.78 16.59 -31.72
CA ILE F 103 -2.53 17.24 -32.79
C ILE F 103 -3.23 16.18 -33.62
N MET F 104 -4.55 16.32 -33.77
CA MET F 104 -5.28 15.50 -34.74
C MET F 104 -5.01 16.08 -36.12
N GLU F 105 -4.40 15.27 -36.98
CA GLU F 105 -3.76 15.75 -38.20
C GLU F 105 -4.64 15.47 -39.41
N LYS F 106 -4.84 16.48 -40.25
CA LYS F 106 -5.49 16.30 -41.54
C LYS F 106 -4.63 15.39 -42.42
N ASN F 107 -5.26 14.40 -43.03
CA ASN F 107 -4.53 13.47 -43.90
C ASN F 107 -4.17 14.17 -45.21
N PRO F 108 -2.88 14.30 -45.54
CA PRO F 108 -2.53 14.94 -46.82
C PRO F 108 -3.12 14.27 -48.04
N ASP F 109 -3.35 12.95 -47.98
CA ASP F 109 -3.96 12.22 -49.08
C ASP F 109 -5.45 12.48 -49.22
N GLY F 110 -6.06 13.16 -48.26
CA GLY F 110 -7.48 12.98 -48.01
C GLY F 110 -7.66 11.70 -47.22
N GLY F 111 -8.91 11.36 -46.97
CA GLY F 111 -9.19 10.17 -46.20
C GLY F 111 -9.19 10.45 -44.70
N GLU F 112 -9.10 9.37 -43.94
N GLU F 112 -9.12 9.36 -43.95
CA GLU F 112 -9.24 9.47 -42.50
CA GLU F 112 -9.20 9.45 -42.50
C GLU F 112 -8.02 10.18 -41.90
C GLU F 112 -8.01 10.24 -41.95
N PRO F 113 -8.22 11.14 -40.99
CA PRO F 113 -7.09 11.85 -40.40
C PRO F 113 -6.29 10.96 -39.45
N TYR F 114 -5.18 11.51 -38.97
CA TYR F 114 -4.27 10.82 -38.08
C TYR F 114 -4.36 11.39 -36.67
N ASN F 115 -4.04 10.55 -35.69
CA ASN F 115 -3.81 10.97 -34.31
C ASN F 115 -2.30 11.10 -34.13
N THR F 116 -1.82 12.33 -34.04
CA THR F 116 -0.39 12.62 -34.18
C THR F 116 0.15 13.23 -32.90
N ALA F 117 1.43 12.96 -32.64
CA ALA F 117 2.19 13.57 -31.56
C ALA F 117 3.50 14.09 -32.13
N VAL F 118 3.97 15.22 -31.61
CA VAL F 118 5.20 15.83 -32.09
C VAL F 118 6.06 16.22 -30.89
N ILE F 119 7.37 16.25 -31.11
CA ILE F 119 8.33 16.78 -30.14
C ILE F 119 9.05 17.94 -30.79
N ILE F 120 9.12 19.07 -30.09
CA ILE F 120 9.84 20.25 -30.55
C ILE F 120 10.96 20.53 -29.55
N ASP F 121 12.14 20.86 -30.08
CA ASP F 121 13.32 21.05 -29.26
C ASP F 121 13.44 22.51 -28.84
N PRO F 122 14.39 22.82 -27.95
CA PRO F 122 14.50 24.21 -27.46
C PRO F 122 14.86 25.23 -28.53
N GLN F 123 15.19 24.80 -29.74
N GLN F 123 15.20 24.80 -29.73
CA GLN F 123 15.47 25.72 -30.84
CA GLN F 123 15.47 25.72 -30.84
C GLN F 123 14.24 25.99 -31.69
C GLN F 123 14.26 25.94 -31.73
N GLY F 124 13.13 25.33 -31.42
CA GLY F 124 11.92 25.48 -32.20
C GLY F 124 11.75 24.48 -33.32
N GLU F 125 12.66 23.52 -33.45
N GLU F 125 12.68 23.52 -33.46
CA GLU F 125 12.62 22.55 -34.54
CA GLU F 125 12.62 22.55 -34.54
C GLU F 125 11.79 21.34 -34.15
C GLU F 125 11.77 21.35 -34.14
N MET F 126 10.94 20.89 -35.07
CA MET F 126 10.17 19.67 -34.89
C MET F 126 11.09 18.49 -35.19
N ILE F 127 11.52 17.78 -34.14
CA ILE F 127 12.49 16.71 -34.29
C ILE F 127 11.86 15.33 -34.29
N LEU F 128 10.56 15.23 -34.02
CA LEU F 128 9.89 13.94 -34.03
C LEU F 128 8.42 14.14 -34.37
N LYS F 129 7.93 13.35 -35.31
CA LYS F 129 6.52 13.33 -35.69
C LYS F 129 6.04 11.89 -35.73
N TYR F 130 5.06 11.57 -34.88
CA TYR F 130 4.57 10.20 -34.74
C TYR F 130 3.06 10.17 -34.93
N ARG F 131 2.58 9.16 -35.66
CA ARG F 131 1.16 8.94 -35.88
C ARG F 131 0.73 7.66 -35.17
N LYS F 132 -0.31 7.78 -34.34
CA LYS F 132 -0.76 6.68 -33.49
C LYS F 132 -0.90 5.39 -34.27
N LEU F 133 -0.23 4.33 -33.80
CA LEU F 133 -0.22 3.07 -34.51
C LEU F 133 -1.44 2.20 -34.20
N ASN F 134 -2.01 2.32 -32.99
CA ASN F 134 -3.10 1.45 -32.54
C ASN F 134 -4.28 2.32 -32.14
N PRO F 135 -5.05 2.83 -33.11
N PRO F 135 -5.06 2.82 -33.11
CA PRO F 135 -6.26 3.58 -32.76
CA PRO F 135 -6.04 3.87 -32.80
C PRO F 135 -7.20 2.76 -31.90
C PRO F 135 -7.40 3.36 -32.37
N TRP F 136 -7.75 3.40 -30.87
N TRP F 136 -7.52 2.09 -31.96
CA TRP F 136 -8.57 2.73 -29.87
CA TRP F 136 -8.78 1.57 -31.45
C TRP F 136 -9.93 2.32 -30.44
C TRP F 136 -9.94 1.91 -32.37
N VAL F 137 -9.92 1.50 -31.48
N VAL F 137 -10.29 1.02 -33.28
CA VAL F 137 -11.17 1.01 -32.09
CA VAL F 137 -11.21 1.33 -34.37
C VAL F 137 -11.97 0.21 -31.06
C VAL F 137 -12.65 1.48 -33.87
N PRO F 138 -13.29 0.07 -31.27
N PRO F 138 -13.10 0.74 -32.86
CA PRO F 138 -14.09 0.59 -32.38
CA PRO F 138 -14.50 0.88 -32.43
C PRO F 138 -14.83 1.88 -32.03
C PRO F 138 -14.93 2.31 -32.13
N VAL F 139 -14.10 2.99 -31.93
N VAL F 139 -14.12 3.08 -31.40
CA VAL F 139 -14.72 4.27 -31.63
CA VAL F 139 -14.52 4.41 -30.96
C VAL F 139 -13.91 5.41 -32.23
C VAL F 139 -13.82 5.52 -31.73
N GLU F 140 -12.58 5.33 -32.12
CA GLU F 140 -11.77 6.40 -32.70
C GLU F 140 -11.72 6.27 -34.23
N PRO F 141 -11.79 7.37 -34.97
CA PRO F 141 -11.78 7.30 -36.43
C PRO F 141 -10.40 7.40 -37.07
N TRP F 142 -9.33 7.46 -36.28
CA TRP F 142 -8.02 7.79 -36.83
C TRP F 142 -7.47 6.61 -37.63
N LYS F 143 -6.84 6.93 -38.76
CA LYS F 143 -6.13 5.93 -39.54
C LYS F 143 -4.87 5.50 -38.81
N ALA F 144 -4.58 4.20 -38.84
CA ALA F 144 -3.40 3.68 -38.18
C ALA F 144 -2.15 4.38 -38.73
N GLY F 145 -1.22 4.68 -37.84
CA GLY F 145 -0.05 5.45 -38.23
C GLY F 145 0.79 4.73 -39.27
N ASP F 146 1.49 5.52 -40.09
CA ASP F 146 2.32 4.99 -41.16
C ASP F 146 3.74 5.56 -41.11
N LEU F 147 4.18 6.08 -39.97
CA LEU F 147 5.54 6.58 -39.81
C LEU F 147 6.37 5.71 -38.89
N GLY F 148 5.92 4.48 -38.59
CA GLY F 148 6.63 3.66 -37.64
C GLY F 148 6.63 4.30 -36.27
N LEU F 149 7.63 3.94 -35.47
CA LEU F 149 7.82 4.51 -34.13
C LEU F 149 9.18 5.19 -34.12
N PRO F 150 9.24 6.49 -34.39
CA PRO F 150 10.53 7.18 -34.50
C PRO F 150 11.14 7.47 -33.14
N VAL F 151 12.43 7.77 -33.17
CA VAL F 151 13.22 8.12 -31.99
C VAL F 151 14.07 9.33 -32.34
N CYS F 152 14.24 10.23 -31.37
CA CYS F 152 15.03 11.44 -31.55
C CYS F 152 15.95 11.64 -30.36
N ASP F 153 16.91 12.55 -30.53
CA ASP F 153 17.77 12.96 -29.43
C ASP F 153 17.04 13.96 -28.54
N GLY F 154 17.16 13.76 -27.23
CA GLY F 154 16.53 14.64 -26.27
C GLY F 154 17.54 15.26 -25.32
N PRO F 155 17.06 15.89 -24.25
CA PRO F 155 17.97 16.51 -23.29
C PRO F 155 18.71 15.49 -22.45
N GLY F 156 19.83 15.93 -21.89
CA GLY F 156 20.57 15.10 -20.94
C GLY F 156 20.92 13.73 -21.48
N GLY F 157 21.29 13.65 -22.74
CA GLY F 157 21.68 12.38 -23.32
C GLY F 157 20.55 11.40 -23.55
N SER F 158 19.30 11.85 -23.48
CA SER F 158 18.17 10.96 -23.66
C SER F 158 17.93 10.68 -25.14
N LYS F 159 17.38 9.50 -25.40
CA LYS F 159 16.85 9.15 -26.72
C LYS F 159 15.34 8.99 -26.54
N LEU F 160 14.57 9.89 -27.13
CA LEU F 160 13.16 10.01 -26.86
C LEU F 160 12.32 9.29 -27.91
N ALA F 161 11.28 8.62 -27.45
CA ALA F 161 10.20 8.13 -28.30
C ALA F 161 8.88 8.49 -27.65
N VAL F 162 7.86 8.69 -28.47
CA VAL F 162 6.51 8.97 -27.98
C VAL F 162 5.56 7.90 -28.49
N CYS F 163 4.59 7.54 -27.65
CA CYS F 163 3.49 6.69 -28.05
C CYS F 163 2.21 7.30 -27.50
N ILE F 164 1.08 6.86 -28.03
CA ILE F 164 -0.19 7.51 -27.73
C ILE F 164 -1.26 6.55 -27.21
N QCS F 165 -1.75 6.81 -26.01
N QCS F 165 -1.73 6.82 -26.01
CA QCS F 165 -2.94 6.20 -25.53
CA QCS F 165 -2.86 6.19 -25.40
CB QCS F 165 -4.06 6.75 -26.40
CB QCS F 165 -4.10 6.79 -26.03
SG QCS F 165 -5.57 5.88 -26.11
SG QCS F 165 -5.49 6.55 -24.96
CD QCS F 165 -6.48 6.90 -25.01
CD QCS F 165 -6.97 7.18 -25.72
NE2 QCS F 165 -6.01 7.01 -23.69
NE2 QCS F 165 -8.16 7.31 -24.96
OE1 QCS F 165 -7.46 7.51 -25.39
OE1 QCS F 165 -6.96 7.49 -26.90
C QCS F 165 -2.92 4.68 -25.56
C QCS F 165 -2.81 4.68 -25.48
O QCS F 165 -2.22 4.05 -24.73
O QCS F 165 -2.02 4.03 -24.74
N HIS F 166 -3.65 4.10 -26.49
N HIS F 166 -3.61 4.08 -26.35
CA HIS F 166 -3.79 2.65 -26.58
CA HIS F 166 -3.73 2.62 -26.43
C HIS F 166 -2.44 1.98 -26.84
C HIS F 166 -2.40 1.97 -26.80
N ASP F 167 -1.53 2.72 -27.47
CA ASP F 167 -0.22 2.17 -27.83
C ASP F 167 0.47 1.56 -26.62
N GLY F 168 0.41 2.24 -25.47
CA GLY F 168 1.15 1.80 -24.30
C GLY F 168 0.66 0.48 -23.71
N MET F 169 -0.52 0.00 -24.13
CA MET F 169 -1.00 -1.30 -23.68
C MET F 169 -0.35 -2.44 -24.45
N PHE F 170 0.17 -2.17 -25.65
CA PHE F 170 0.83 -3.19 -26.45
C PHE F 170 2.31 -3.22 -26.06
N PRO F 171 2.82 -4.31 -25.47
CA PRO F 171 4.25 -4.36 -25.15
C PRO F 171 5.13 -4.23 -26.38
N GLU F 172 4.58 -4.48 -27.58
CA GLU F 172 5.36 -4.33 -28.80
C GLU F 172 5.77 -2.88 -29.04
N VAL F 173 5.01 -1.92 -28.49
CA VAL F 173 5.32 -0.51 -28.70
C VAL F 173 6.56 -0.11 -27.89
N ALA F 174 6.54 -0.37 -26.58
CA ALA F 174 7.70 -0.05 -25.77
C ALA F 174 8.92 -0.84 -26.21
N ARG F 175 8.73 -2.08 -26.66
CA ARG F 175 9.83 -2.87 -27.19
C ARG F 175 10.42 -2.21 -28.44
N GLU F 176 9.57 -1.73 -29.34
CA GLU F 176 10.05 -1.10 -30.56
C GLU F 176 10.84 0.17 -30.24
N ALA F 177 10.35 0.97 -29.29
CA ALA F 177 11.05 2.20 -28.93
C ALA F 177 12.46 1.89 -28.44
N ALA F 178 12.58 0.92 -27.53
CA ALA F 178 13.90 0.57 -27.00
C ALA F 178 14.78 -0.08 -28.06
N TYR F 179 14.19 -0.88 -28.94
CA TYR F 179 14.97 -1.53 -29.99
C TYR F 179 15.63 -0.48 -30.89
N LYS F 180 14.96 0.62 -31.14
CA LYS F 180 15.50 1.69 -31.97
C LYS F 180 16.36 2.68 -31.18
N GLY F 181 16.69 2.37 -29.92
CA GLY F 181 17.63 3.14 -29.16
C GLY F 181 17.04 4.05 -28.09
N ALA F 182 15.72 4.19 -28.04
CA ALA F 182 15.12 5.06 -27.04
C ALA F 182 15.42 4.54 -25.63
N ASN F 183 15.82 5.45 -24.76
CA ASN F 183 15.97 5.17 -23.33
C ASN F 183 14.96 5.93 -22.49
N VAL F 184 14.08 6.69 -23.13
CA VAL F 184 12.94 7.34 -22.47
C VAL F 184 11.74 7.20 -23.40
N LEU F 185 10.66 6.60 -22.90
CA LEU F 185 9.42 6.46 -23.65
C LEU F 185 8.38 7.39 -23.05
N ILE F 186 7.85 8.29 -23.87
CA ILE F 186 6.82 9.23 -23.46
C ILE F 186 5.48 8.69 -23.89
N ARG F 187 4.49 8.74 -23.00
CA ARG F 187 3.14 8.24 -23.28
C ARG F 187 2.15 9.34 -22.95
N ILE F 188 1.40 9.79 -23.97
CA ILE F 188 0.36 10.79 -23.82
C ILE F 188 -0.98 10.13 -24.13
N SER F 189 -1.98 10.41 -23.31
CA SER F 189 -3.21 9.64 -23.39
C SER F 189 -4.41 10.46 -22.92
N GLY F 190 -5.59 10.01 -23.34
CA GLY F 190 -6.86 10.59 -22.92
C GLY F 190 -7.83 9.54 -22.42
N TYR F 191 -7.38 8.71 -21.47
CA TYR F 191 -8.17 7.62 -20.93
C TYR F 191 -9.17 8.12 -19.89
N SER F 192 -10.29 7.41 -19.80
CA SER F 192 -11.20 7.59 -18.68
C SER F 192 -10.73 6.75 -17.49
N THR F 193 -11.35 7.00 -16.33
CA THR F 193 -10.95 6.35 -15.09
C THR F 193 -11.00 4.83 -15.15
N GLN F 194 -11.62 4.24 -16.18
CA GLN F 194 -11.83 2.80 -16.20
C GLN F 194 -10.54 2.00 -16.30
N VAL F 195 -9.46 2.58 -16.82
CA VAL F 195 -8.22 1.83 -17.03
C VAL F 195 -7.07 2.44 -16.25
N SER F 196 -7.38 3.12 -15.14
CA SER F 196 -6.34 3.74 -14.33
C SER F 196 -5.35 2.70 -13.82
N GLU F 197 -5.84 1.59 -13.28
CA GLU F 197 -4.96 0.55 -12.76
C GLU F 197 -4.08 -0.01 -13.88
N GLN F 198 -4.69 -0.33 -15.02
CA GLN F 198 -3.93 -0.94 -16.11
C GLN F 198 -2.95 0.06 -16.72
N TRP F 199 -3.30 1.35 -16.67
CA TRP F 199 -2.39 2.41 -17.10
C TRP F 199 -1.13 2.40 -16.26
N MET F 200 -1.26 2.40 -14.93
N MET F 200 -1.27 2.41 -14.93
CA MET F 200 -0.09 2.40 -14.07
CA MET F 200 -0.11 2.40 -14.06
C MET F 200 0.70 1.12 -14.22
C MET F 200 0.70 1.12 -14.23
N LEU F 201 0.02 -0.01 -14.42
CA LEU F 201 0.71 -1.28 -14.53
C LEU F 201 1.57 -1.34 -15.79
N THR F 202 1.01 -0.96 -16.93
CA THR F 202 1.75 -1.06 -18.18
C THR F 202 2.86 -0.02 -18.26
N ASN F 203 2.69 1.12 -17.61
CA ASN F 203 3.77 2.10 -17.55
C ASN F 203 4.98 1.54 -16.81
N ARG F 204 4.74 0.71 -15.80
CA ARG F 204 5.85 0.08 -15.09
C ARG F 204 6.47 -1.03 -15.91
N SER F 205 5.64 -1.88 -16.51
CA SER F 205 6.18 -3.02 -17.27
C SER F 205 6.88 -2.56 -18.53
N ASN F 206 6.35 -1.52 -19.20
CA ASN F 206 7.04 -0.98 -20.37
C ASN F 206 8.44 -0.53 -20.02
N ALA F 207 8.63 0.01 -18.82
CA ALA F 207 9.94 0.47 -18.41
C ALA F 207 10.88 -0.69 -18.10
N TRP F 208 10.43 -1.61 -17.24
CA TRP F 208 11.30 -2.70 -16.80
C TRP F 208 11.71 -3.60 -17.95
N GLN F 209 10.73 -4.04 -18.75
CA GLN F 209 10.99 -5.02 -19.79
C GLN F 209 12.03 -4.53 -20.80
N ASN F 210 12.27 -3.22 -20.85
CA ASN F 210 13.17 -2.63 -21.83
C ASN F 210 14.28 -1.80 -21.20
N LEU F 211 14.45 -1.85 -19.88
CA LEU F 211 15.44 -1.04 -19.16
C LEU F 211 15.39 0.40 -19.66
N MET F 212 14.25 1.02 -19.40
CA MET F 212 13.88 2.27 -20.05
C MET F 212 13.05 3.10 -19.08
N TYR F 213 13.28 4.41 -19.05
CA TYR F 213 12.37 5.29 -18.36
C TYR F 213 11.06 5.42 -19.14
N THR F 214 9.96 5.57 -18.41
CA THR F 214 8.67 5.92 -19.00
C THR F 214 8.17 7.19 -18.34
N LEU F 215 7.74 8.14 -19.17
CA LEU F 215 7.10 9.37 -18.73
C LEU F 215 5.71 9.39 -19.34
N SER F 216 4.68 9.42 -18.50
CA SER F 216 3.32 9.18 -18.97
C SER F 216 2.36 10.11 -18.26
N VAL F 217 1.42 10.69 -19.01
CA VAL F 217 0.45 11.62 -18.43
C VAL F 217 -0.84 11.57 -19.23
N ASN F 218 -1.95 11.64 -18.52
CA ASN F 218 -3.29 11.60 -19.09
C ASN F 218 -4.00 12.93 -18.84
N LEU F 219 -5.01 13.21 -19.65
CA LEU F 219 -5.89 14.33 -19.35
C LEU F 219 -6.57 14.10 -18.00
N ALA F 220 -7.02 15.19 -17.39
CA ALA F 220 -7.67 15.14 -16.09
C ALA F 220 -8.97 15.94 -16.12
N GLY F 221 -9.95 15.46 -15.38
CA GLY F 221 -11.20 16.17 -15.21
C GLY F 221 -12.32 15.55 -16.02
N TYR F 222 -13.47 16.23 -15.99
CA TYR F 222 -14.72 15.73 -16.51
C TYR F 222 -15.14 16.56 -17.72
N ASP F 223 -15.44 15.90 -18.84
CA ASP F 223 -15.88 16.58 -20.05
C ASP F 223 -17.38 16.46 -20.30
N GLY F 224 -18.14 16.00 -19.30
CA GLY F 224 -19.55 15.77 -19.48
C GLY F 224 -19.91 14.35 -19.89
N VAL F 225 -18.92 13.49 -20.11
CA VAL F 225 -19.16 12.09 -20.44
C VAL F 225 -18.26 11.23 -19.56
N PHE F 226 -16.94 11.35 -19.77
CA PHE F 226 -15.96 10.59 -19.01
C PHE F 226 -15.24 11.50 -18.03
N TYR F 227 -14.69 10.88 -16.98
CA TYR F 227 -13.70 11.53 -16.13
C TYR F 227 -12.34 10.97 -16.51
N TYR F 228 -11.42 11.85 -16.87
CA TYR F 228 -10.07 11.47 -17.25
C TYR F 228 -9.18 11.58 -16.02
N PHE F 229 -8.37 10.54 -15.77
CA PHE F 229 -7.78 10.35 -14.46
C PHE F 229 -6.48 11.11 -14.24
N GLY F 230 -5.87 11.65 -15.29
CA GLY F 230 -4.62 12.38 -15.12
C GLY F 230 -3.47 11.46 -14.75
N GLU F 231 -3.12 11.44 -13.46
CA GLU F 231 -2.16 10.49 -12.90
C GLU F 231 -0.87 10.41 -13.73
N GLY F 232 -0.19 11.55 -13.81
CA GLY F 232 1.14 11.55 -14.41
C GLY F 232 2.08 10.65 -13.63
N GLN F 233 2.90 9.90 -14.37
CA GLN F 233 3.69 8.83 -13.78
C GLN F 233 5.07 8.78 -14.41
N VAL F 234 6.09 8.70 -13.57
CA VAL F 234 7.48 8.50 -13.98
C VAL F 234 7.94 7.17 -13.40
N CYS F 235 8.49 6.31 -14.25
CA CYS F 235 9.02 5.02 -13.82
C CYS F 235 10.49 4.89 -14.21
N ASN F 236 11.31 4.38 -13.30
N ASN F 236 11.26 4.33 -13.30
CA ASN F 236 12.70 4.17 -13.65
CA ASN F 236 12.67 4.05 -13.52
C ASN F 236 12.84 2.88 -14.46
C ASN F 236 12.83 2.84 -14.45
N PHE F 237 14.07 2.60 -14.88
CA PHE F 237 14.32 1.48 -15.80
C PHE F 237 14.19 0.12 -15.14
N ASP F 238 13.98 0.07 -13.82
N ASP F 238 14.00 0.04 -13.82
CA ASP F 238 13.68 -1.16 -13.10
CA ASP F 238 13.67 -1.21 -13.16
C ASP F 238 12.19 -1.42 -12.97
C ASP F 238 12.20 -1.28 -12.76
N GLY F 239 11.34 -0.52 -13.45
CA GLY F 239 9.91 -0.64 -13.29
C GLY F 239 9.34 0.05 -12.07
N THR F 240 10.17 0.72 -11.28
CA THR F 240 9.70 1.38 -10.06
C THR F 240 9.13 2.76 -10.40
N THR F 241 7.92 3.03 -9.90
CA THR F 241 7.33 4.36 -10.04
C THR F 241 8.04 5.34 -9.12
N LEU F 242 8.63 6.38 -9.69
CA LEU F 242 9.35 7.38 -8.91
C LEU F 242 8.43 8.47 -8.39
N VAL F 243 7.48 8.92 -9.20
CA VAL F 243 6.52 9.93 -8.79
C VAL F 243 5.19 9.62 -9.47
N GLN F 244 4.11 9.88 -8.74
CA GLN F 244 2.77 9.54 -9.20
C GLN F 244 1.83 10.69 -8.87
N GLY F 245 1.21 11.26 -9.91
CA GLY F 245 0.19 12.27 -9.69
C GLY F 245 -1.16 11.66 -9.36
N HIS F 246 -2.05 12.49 -8.83
CA HIS F 246 -3.41 12.05 -8.53
C HIS F 246 -4.32 12.38 -9.72
N ARG F 247 -5.58 12.69 -9.47
CA ARG F 247 -6.58 12.85 -10.52
C ARG F 247 -7.06 14.28 -10.67
N ASN F 248 -6.30 15.25 -10.16
CA ASN F 248 -6.75 16.63 -10.22
C ASN F 248 -6.28 17.30 -11.51
N PRO F 249 -7.12 18.08 -12.17
CA PRO F 249 -6.64 18.89 -13.29
C PRO F 249 -5.55 19.85 -12.82
N TRP F 250 -4.57 20.06 -13.70
CA TRP F 250 -3.47 21.00 -13.56
C TRP F 250 -2.39 20.52 -12.59
N GLU F 251 -2.48 19.31 -12.05
CA GLU F 251 -1.35 18.75 -11.33
C GLU F 251 -0.14 18.68 -12.24
N ILE F 252 1.01 19.05 -11.70
CA ILE F 252 2.28 19.01 -12.43
C ILE F 252 3.14 17.94 -11.78
N VAL F 253 3.47 16.91 -12.56
CA VAL F 253 4.30 15.80 -12.09
C VAL F 253 5.70 16.01 -12.65
N THR F 254 6.66 16.26 -11.77
CA THR F 254 8.04 16.50 -12.17
C THR F 254 8.95 15.41 -11.63
N ALA F 255 10.06 15.20 -12.34
CA ALA F 255 11.06 14.24 -11.91
C ALA F 255 12.35 14.50 -12.67
N GLU F 256 13.46 14.13 -12.02
CA GLU F 256 14.76 14.10 -12.68
C GLU F 256 14.99 12.72 -13.28
N VAL F 257 15.46 12.69 -14.52
CA VAL F 257 15.71 11.46 -15.25
C VAL F 257 17.19 11.39 -15.59
N TYR F 258 17.78 10.20 -15.46
CA TYR F 258 19.19 9.97 -15.72
C TYR F 258 19.32 8.94 -16.84
N PRO F 259 19.21 9.38 -18.10
CA PRO F 259 19.21 8.41 -19.21
C PRO F 259 20.46 7.54 -19.27
N GLU F 260 21.62 8.05 -18.87
N GLU F 260 21.61 8.06 -18.88
CA GLU F 260 22.84 7.24 -18.93
CA GLU F 260 22.83 7.28 -18.90
C GLU F 260 22.78 6.06 -17.97
C GLU F 260 22.69 6.03 -18.03
N LEU F 261 22.01 6.14 -16.89
CA LEU F 261 21.84 5.00 -16.01
C LEU F 261 21.13 3.87 -16.73
N ALA F 262 20.11 4.19 -17.54
CA ALA F 262 19.46 3.17 -18.34
C ALA F 262 20.41 2.62 -19.39
N ASP F 263 21.22 3.49 -20.00
CA ASP F 263 22.23 3.00 -20.93
C ASP F 263 23.21 2.07 -20.25
N GLN F 264 23.69 2.44 -19.05
CA GLN F 264 24.66 1.60 -18.35
C GLN F 264 24.05 0.25 -18.00
N ALA F 265 22.80 0.23 -17.56
CA ALA F 265 22.15 -1.04 -17.24
C ALA F 265 22.10 -1.95 -18.45
N ARG F 266 21.86 -1.37 -19.63
CA ARG F 266 21.79 -2.18 -20.85
C ARG F 266 23.17 -2.65 -21.30
N LEU F 267 24.20 -1.83 -21.10
CA LEU F 267 25.55 -2.25 -21.46
C LEU F 267 26.05 -3.30 -20.48
N GLY F 268 26.07 -2.97 -19.20
CA GLY F 268 26.31 -3.95 -18.17
C GLY F 268 25.16 -4.95 -18.10
N TRP F 269 25.25 -5.85 -17.11
CA TRP F 269 24.21 -6.84 -16.89
C TRP F 269 24.11 -7.79 -18.08
N GLY F 289 24.64 -16.83 -29.12
CA GLY F 289 23.31 -17.15 -28.64
C GLY F 289 22.39 -17.61 -29.76
N VAL F 290 21.30 -18.29 -29.38
CA VAL F 290 20.32 -18.75 -30.36
C VAL F 290 19.55 -17.56 -30.90
N LYS F 291 19.54 -17.41 -32.23
CA LYS F 291 18.95 -16.26 -32.88
C LYS F 291 17.57 -16.51 -33.45
N GLU F 292 17.18 -17.77 -33.63
CA GLU F 292 15.92 -18.09 -34.27
C GLU F 292 14.73 -17.62 -33.43
N ASN F 293 13.59 -17.46 -34.08
CA ASN F 293 12.38 -16.98 -33.45
C ASN F 293 11.52 -18.16 -33.01
N PRO F 294 11.20 -18.31 -31.73
CA PRO F 294 10.30 -19.39 -31.29
C PRO F 294 8.84 -19.01 -31.16
N TYR F 295 8.45 -17.77 -31.49
CA TYR F 295 7.09 -17.28 -31.27
C TYR F 295 6.35 -17.24 -32.60
N THR F 296 5.26 -18.01 -32.70
CA THR F 296 4.45 -18.00 -33.91
C THR F 296 3.77 -16.65 -34.11
N PHE F 297 3.45 -15.93 -33.02
CA PHE F 297 2.77 -14.64 -33.18
C PHE F 297 3.70 -13.60 -33.77
N VAL F 298 5.01 -13.69 -33.48
CA VAL F 298 5.97 -12.77 -34.08
C VAL F 298 6.01 -12.97 -35.60
N LYS F 299 6.14 -14.23 -36.02
CA LYS F 299 6.17 -14.53 -37.44
C LYS F 299 4.89 -14.06 -38.13
N ASP F 300 3.73 -14.42 -37.59
CA ASP F 300 2.47 -14.06 -38.23
C ASP F 300 2.31 -12.56 -38.31
N LEU F 301 2.58 -11.85 -37.21
CA LEU F 301 2.46 -10.40 -37.20
C LEU F 301 3.41 -9.76 -38.20
N ALA F 302 4.66 -10.23 -38.24
CA ALA F 302 5.62 -9.69 -39.19
C ALA F 302 5.14 -9.85 -40.63
N GLU F 303 4.41 -10.93 -40.91
CA GLU F 303 3.91 -11.21 -42.25
C GLU F 303 2.52 -10.67 -42.50
N GLY F 304 1.97 -9.90 -41.57
CA GLY F 304 0.59 -9.47 -41.70
C GLY F 304 -0.42 -10.59 -41.64
N LYS F 305 -0.03 -11.73 -41.06
CA LYS F 305 -0.90 -12.89 -40.94
C LYS F 305 -1.48 -13.05 -39.54
N TYR F 306 -1.43 -12.00 -38.73
CA TYR F 306 -1.89 -12.08 -37.34
C TYR F 306 -3.40 -12.30 -37.35
N LYS F 307 -3.82 -13.55 -37.16
CA LYS F 307 -5.22 -13.93 -37.24
C LYS F 307 -5.77 -14.28 -35.86
C1 PEG G . 9.51 -1.58 -1.45
O1 PEG G . 8.55 -0.71 -0.91
C2 PEG G . 10.34 -0.85 -2.50
O2 PEG G . 9.83 -1.12 -3.78
C3 PEG G . 8.61 -0.50 -4.09
C4 PEG G . 8.58 -0.19 -5.59
O4 PEG G . 7.80 -1.13 -6.25
C1 PEG H . 9.12 -2.36 -41.33
O1 PEG H . 8.58 -3.61 -41.64
C2 PEG H . 8.36 -1.76 -40.14
O2 PEG H . 8.20 -0.38 -40.32
C3 PEG H . 7.23 0.00 -41.25
C4 PEG H . 6.75 1.41 -40.95
O4 PEG H . 7.68 2.33 -41.41
C1 PEG I . -6.50 -24.30 -28.79
O1 PEG I . -7.69 -23.71 -28.35
C2 PEG I . -5.80 -24.98 -27.62
O2 PEG I . -4.98 -26.02 -28.09
C3 PEG I . -4.76 -27.05 -27.17
C4 PEG I . -5.96 -27.99 -27.14
O4 PEG I . -5.52 -29.29 -26.86
O1 PG4 J . 0.32 -36.24 5.33
C1 PG4 J . 0.94 -35.14 5.95
C2 PG4 J . 1.33 -35.53 7.38
O2 PG4 J . 2.12 -34.52 7.94
C3 PG4 J . 3.34 -34.97 8.49
C4 PG4 J . 4.04 -33.80 9.18
O3 PG4 J . 5.11 -33.38 8.38
C5 PG4 J . 5.37 -32.00 8.39
C6 PG4 J . 6.87 -31.74 8.61
O4 PG4 J . 7.31 -30.69 7.78
C7 PG4 J . 7.70 -31.04 6.50
C8 PG4 J . 9.01 -30.32 6.17
O5 PG4 J . 9.62 -30.94 5.08
O1 PG4 K . 22.92 -22.24 7.31
C1 PG4 K . 21.67 -22.86 7.26
C2 PG4 K . 21.18 -22.87 5.81
O2 PG4 K . 22.09 -23.59 5.03
C3 PG4 K . 21.55 -24.25 3.93
C4 PG4 K . 22.56 -25.28 3.43
O3 PG4 K . 23.74 -24.64 3.05
C5 PG4 K . 24.78 -25.51 2.72
C6 PG4 K . 25.11 -25.36 1.24
O4 PG4 K . 26.28 -24.60 1.10
C7 PG4 K . 26.56 -24.17 -0.20
C8 PG4 K . 27.37 -22.89 -0.14
O5 PG4 K . 28.74 -23.19 -0.13
C1 PEG L . 7.58 6.86 -2.77
O1 PEG L . 7.22 5.65 -2.14
C2 PEG L . 7.51 6.70 -4.29
O2 PEG L . 6.24 6.21 -4.65
C3 PEG L . 5.53 6.99 -5.57
C4 PEG L . 4.03 6.66 -5.43
O4 PEG L . 3.80 5.37 -5.92
C1 PEG M . 34.38 17.97 19.64
O1 PEG M . 34.94 19.13 19.09
C2 PEG M . 33.25 17.48 18.74
O2 PEG M . 32.92 16.15 19.05
C3 PEG M . 33.76 15.20 18.47
C4 PEG M . 33.39 13.82 19.00
O4 PEG M . 34.50 12.97 18.88
C1 PEG N . 6.47 23.44 29.12
O1 PEG N . 5.84 23.23 30.36
C2 PEG N . 6.40 24.93 28.78
O2 PEG N . 5.87 25.09 27.50
C3 PEG N . 5.51 26.41 27.18
C4 PEG N . 4.12 26.71 27.73
O4 PEG N . 3.89 28.09 27.70
C1 PEG O . 1.63 39.68 21.98
O1 PEG O . 0.76 40.73 21.68
C2 PEG O . 2.01 38.91 20.72
O2 PEG O . 3.10 38.07 20.98
C3 PEG O . 2.82 36.91 21.71
C4 PEG O . 4.05 36.53 22.51
O4 PEG O . 3.65 35.80 23.64
P PO4 P . -7.26 12.94 -5.48
O1 PO4 P . -6.49 14.17 -5.04
O2 PO4 P . -8.66 12.99 -4.93
O3 PO4 P . -7.32 12.89 -7.00
O4 PO4 P . -6.55 11.70 -4.97
C1 PEG Q . 36.18 13.75 2.67
O1 PEG Q . 35.21 14.39 1.88
C2 PEG Q . 35.50 12.73 3.58
O2 PEG Q . 36.48 11.97 4.23
C3 PEG Q . 36.73 10.73 3.63
C4 PEG Q . 38.12 10.23 4.02
O4 PEG Q . 38.03 9.49 5.20
C1 PEG R . 20.00 30.58 21.70
O1 PEG R . 21.31 30.37 21.27
C2 PEG R . 19.03 30.22 20.58
O2 PEG R . 17.85 30.96 20.75
C3 PEG R . 17.58 31.88 19.72
C4 PEG R . 16.56 32.91 20.22
O4 PEG R . 16.54 33.99 19.33
C1 PEG S . 1.72 1.50 9.34
O1 PEG S . 2.37 2.71 9.62
C2 PEG S . 1.62 0.64 10.60
O2 PEG S . 0.64 -0.34 10.43
C3 PEG S . 0.97 -1.38 9.55
C4 PEG S . -0.27 -2.24 9.29
O4 PEG S . -0.33 -2.54 7.93
C8 P4G T . 18.53 4.03 -10.36
C7 P4G T . 18.40 4.96 -9.17
O4 P4G T . 18.28 6.29 -9.59
C6 P4G T . 18.04 7.16 -8.52
C5 P4G T . 17.73 8.58 -8.96
O3 P4G T . 17.38 9.30 -7.81
C4 P4G T . 16.74 10.53 -7.99
C3 P4G T . 15.36 10.31 -8.62
O2 P4G T . 14.52 11.38 -8.27
C2 P4G T . 13.31 11.42 -8.99
C1 P4G T . 12.78 12.84 -8.97
P PO4 U . 7.48 -12.72 5.44
O1 PO4 U . 8.54 -12.33 6.44
O2 PO4 U . 6.76 -11.50 4.93
O3 PO4 U . 8.13 -13.42 4.27
O4 PO4 U . 6.50 -13.67 6.10
C1 PEG V . -40.26 -5.69 8.57
O1 PEG V . -40.08 -4.34 8.87
C2 PEG V . -39.00 -6.47 8.98
O2 PEG V . -38.93 -6.49 10.39
C3 PEG V . -38.99 -7.76 10.99
C4 PEG V . -39.54 -7.61 12.41
O4 PEG V . -40.82 -8.18 12.46
C1 PEG W . -19.18 -5.67 32.12
O1 PEG W . -19.27 -4.32 32.50
C2 PEG W . -18.74 -6.51 33.31
O2 PEG W . -17.62 -7.26 32.95
C3 PEG W . -17.73 -8.65 33.10
C4 PEG W . -17.56 -9.01 34.57
O4 PEG W . -16.48 -8.28 35.10
C1 PEG X . -1.99 -8.23 -2.41
O1 PEG X . -1.07 -7.61 -3.27
C2 PEG X . -3.18 -8.73 -3.22
O2 PEG X . -4.26 -8.96 -2.35
C3 PEG X . -5.43 -8.22 -2.62
C4 PEG X . -6.23 -8.06 -1.33
O4 PEG X . -6.45 -6.70 -1.09
C1 PEG Y . 15.03 -21.37 20.37
O1 PEG Y . 16.10 -20.76 19.70
C2 PEG Y . 13.86 -21.79 19.44
O2 PEG Y . 12.83 -22.48 20.13
C3 PEG Y . 11.77 -21.87 20.88
C4 PEG Y . 11.89 -22.06 22.40
O4 PEG Y . 13.02 -21.44 22.95
C1 PEG Z . -2.53 6.33 6.05
O1 PEG Z . -2.16 7.14 4.97
C2 PEG Z . -4.01 6.48 6.36
O2 PEG Z . -4.31 5.94 7.61
C3 PEG Z . -4.22 4.54 7.73
C4 PEG Z . -5.56 3.90 7.39
O4 PEG Z . -5.40 2.51 7.28
C1 PEG AA . -43.80 1.97 -3.37
O1 PEG AA . -44.77 2.34 -4.30
C2 PEG AA . -43.24 0.60 -3.73
O2 PEG AA . -42.73 0.62 -5.03
C3 PEG AA . -42.77 -0.61 -5.69
C4 PEG AA . -41.88 -1.63 -4.97
O4 PEG AA . -41.89 -2.83 -5.68
C1 PEG BA . -19.02 19.54 -19.61
O1 PEG BA . -20.17 20.14 -20.15
C2 PEG BA . -18.84 19.98 -18.16
O2 PEG BA . -19.86 19.43 -17.38
C3 PEG BA . -19.70 19.65 -16.00
C4 PEG BA . -21.07 19.69 -15.33
O4 PEG BA . -20.96 20.38 -14.12
C1 PEG CA . -34.73 -15.17 -3.89
O1 PEG CA . -33.69 -15.81 -4.58
C2 PEG CA . -34.52 -13.66 -3.93
O2 PEG CA . -35.67 -13.01 -3.49
C3 PEG CA . -35.72 -11.65 -3.78
C4 PEG CA . -36.19 -11.44 -5.22
O4 PEG CA . -37.05 -10.33 -5.28
C1 PEG DA . -26.72 -16.89 25.79
O1 PEG DA . -26.26 -18.22 25.78
C2 PEG DA . -27.85 -16.74 24.79
O2 PEG DA . -28.98 -16.18 25.42
C3 PEG DA . -30.10 -16.01 24.60
C4 PEG DA . -30.69 -17.36 24.22
O4 PEG DA . -32.08 -17.33 24.32
C1 PEG EA . -6.94 -0.99 -4.82
O1 PEG EA . -7.42 0.02 -3.96
C2 PEG EA . -7.99 -1.25 -5.91
O2 PEG EA . -7.33 -1.66 -7.08
C3 PEG EA . -7.19 -3.05 -7.27
C4 PEG EA . -5.73 -3.44 -7.06
O4 PEG EA . -4.93 -2.90 -8.06
C1 PEG FA . 18.91 10.15 -33.44
O1 PEG FA . 18.51 10.74 -34.64
C2 PEG FA . 18.23 8.78 -33.30
O2 PEG FA . 18.88 8.06 -32.29
C3 PEG FA . 18.96 6.67 -32.55
C4 PEG FA . 19.75 6.00 -31.44
O4 PEG FA . 20.95 5.49 -31.97
C1 PEG GA . 5.46 33.75 -14.31
O1 PEG GA . 4.06 33.65 -14.40
C2 PEG GA . 5.82 34.64 -13.12
O2 PEG GA . 6.86 34.05 -12.39
C3 PEG GA . 6.44 33.08 -11.47
C4 PEG GA . 7.62 32.62 -10.62
O4 PEG GA . 7.15 31.85 -9.54
C1 PEG HA . 8.12 -20.23 -35.04
O1 PEG HA . 8.20 -20.07 -36.42
C2 PEG HA . 7.65 -21.63 -34.72
O2 PEG HA . 8.17 -22.05 -33.48
C3 PEG HA . 9.14 -23.06 -33.49
C4 PEG HA . 8.91 -23.99 -32.29
O4 PEG HA . 9.12 -25.31 -32.70
C8 P4G IA . 0.33 33.29 -14.52
C7 P4G IA . -0.67 33.01 -13.39
O4 P4G IA . -1.96 33.47 -13.71
C6 P4G IA . -2.88 32.52 -14.15
C5 P4G IA . -3.88 32.15 -13.06
O3 P4G IA . -4.50 30.93 -13.37
C4 P4G IA . -5.28 30.41 -12.31
C3 P4G IA . -6.32 29.40 -12.85
O2 P4G IA . -5.69 28.44 -13.67
C2 P4G IA . -5.75 28.69 -15.06
C1 P4G IA . -6.92 27.93 -15.66
#